data_4Z53
#
_entry.id   4Z53
#
_cell.length_a   157.830
_cell.length_b   157.830
_cell.length_c   210.580
_cell.angle_alpha   90.00
_cell.angle_beta   90.00
_cell.angle_gamma   120.00
#
_symmetry.space_group_name_H-M   'P 31 2 1'
#
loop_
_entity.id
_entity.type
_entity.pdbx_description
1 polymer 'DNA topoisomerase 4 subunit B,DNA topoisomerase 4 subunit A'
2 polymer 'E-site DNA'
3 polymer 'E-site DNA'
4 polymer 'E-site DNA'
5 polymer 'E-site DNA'
6 non-polymer 'MAGNESIUM ION'
7 non-polymer Trovafloxacin
8 water water
#
loop_
_entity_poly.entity_id
_entity_poly.type
_entity_poly.pdbx_seq_one_letter_code
_entity_poly.pdbx_strand_id
1 'polypeptide(L)'
;MKNKKDKGLLSGKLTPAQSKNPAKNELYLVEGDSAGGSAKQGRDRKFQAILPLRGKVINTAKAKMADILKNEEINTMIYT
IGAGVGADFSIEDANYDKIIIMTDADTDGAHIQTLLLTFFYRYMRPLVEAGHVYIALPPLYKMSKGKGKKEEVAYAWTDG
ELEELRKQFGKGATLQRYKGLGEMNADQLWETTMNPETRTLIRVTIEDLARAERRVNVLMGDKVEPRRKWIEDNVKFTLE
EATVFHMSNIQNMSLEDIMGERFGRYSKYIIQDRALPDIRDGLKPVQRRILYSMNKDSNTFDKSYRKSAKSVGNIMGNFH
PHGDSSIYDAMVRMSQNWKNREILVEMHGNNGSMDGDPPAAMRYTEARLSEIAGYLLQDIEKKTVPFAWNFDDTEKEPTV
LPAAFPNLLVNGSTGISAGYATDIPPHNLAEVIDAAVYMIDHPTAKIDKLMEFLPGPDFPTGAIIQGRDEIKKAYETGKG
RVVVRSKTEIEKLKGGKEQIVITEIPYEINKANLVKKIDDVRVNNKVAGIAEVRDESDRDGLRIAIELKKDANTELVLNY
LFKYTDLQINYNFNMVAIDNFTPRQVGIVPILSSYIAHRREVILARSRFDKEKAEKRLHIVEGLIRVISILDEVIALIRA
SENKADAKENLKVSYDFTEEQAEAIVTLQLYRLTNTDVVVLQEEEAELREKIAMLAAIIGDERTMYNLMKKELREVKKKF
ATPRLSSLEDTAKALEHHHHHH
;
A,B
2 'polydeoxyribonucleotide' (DC)(DA)(DT)(DG)(DA)(DA)(DT) E
3 'polydeoxyribonucleotide' (DA)(DG)(DT)(DC)(DA)(DT)(DT)(DC)(DA)(DT)(DG) F
4 'polydeoxyribonucleotide' (DC)(DG)(DT)(DG)(DC)(DA)(DT) G
5 'polydeoxyribonucleotide' (DG)(DA)(DC)(DT)(DA)(DT)(DG)(DC)(DA)(DC)(DG) H
#
loop_
_chem_comp.id
_chem_comp.type
_chem_comp.name
_chem_comp.formula
DA DNA linking 2'-DEOXYADENOSINE-5'-MONOPHOSPHATE 'C10 H14 N5 O6 P'
DC DNA linking 2'-DEOXYCYTIDINE-5'-MONOPHOSPHATE 'C9 H14 N3 O7 P'
DG DNA linking 2'-DEOXYGUANOSINE-5'-MONOPHOSPHATE 'C10 H14 N5 O7 P'
DT DNA linking THYMIDINE-5'-MONOPHOSPHATE 'C10 H15 N2 O8 P'
MG non-polymer 'MAGNESIUM ION' 'Mg 2'
TR6 non-polymer Trovafloxacin 'C20 H15 F3 N4 O3'
#
# COMPACT_ATOMS: atom_id res chain seq x y z
N LYS A 13 -22.86 2.42 17.44
CA LYS A 13 -21.97 1.44 16.81
C LYS A 13 -22.62 0.06 16.77
N LEU A 14 -23.56 -0.17 17.68
CA LEU A 14 -24.20 -1.48 17.83
C LEU A 14 -25.15 -1.86 16.70
N THR A 15 -25.04 -3.11 16.25
CA THR A 15 -26.01 -3.70 15.34
C THR A 15 -26.84 -4.69 16.16
N PRO A 16 -28.12 -4.34 16.43
CA PRO A 16 -28.95 -5.09 17.37
C PRO A 16 -29.59 -6.35 16.78
N ALA A 17 -30.13 -7.20 17.65
CA ALA A 17 -30.86 -8.39 17.22
C ALA A 17 -32.30 -8.03 16.92
N GLN A 18 -32.88 -8.70 15.93
CA GLN A 18 -34.24 -8.40 15.49
C GLN A 18 -35.22 -8.37 16.67
N SER A 19 -35.29 -9.47 17.40
CA SER A 19 -36.19 -9.57 18.55
C SER A 19 -35.43 -9.53 19.87
N LYS A 20 -36.00 -8.79 20.83
CA LYS A 20 -35.44 -8.72 22.18
C LYS A 20 -35.70 -10.03 22.91
N ASN A 21 -34.66 -10.59 23.51
CA ASN A 21 -34.76 -11.87 24.19
C ASN A 21 -33.59 -12.14 25.13
N PRO A 22 -33.79 -11.88 26.43
CA PRO A 22 -32.76 -12.05 27.46
C PRO A 22 -32.35 -13.50 27.66
N ALA A 23 -33.16 -14.44 27.16
CA ALA A 23 -32.90 -15.85 27.39
C ALA A 23 -31.99 -16.47 26.32
N LYS A 24 -31.90 -15.83 25.16
CA LYS A 24 -31.16 -16.41 24.05
C LYS A 24 -30.21 -15.42 23.38
N ASN A 25 -30.59 -14.15 23.34
CA ASN A 25 -29.79 -13.12 22.68
C ASN A 25 -28.31 -13.15 23.09
N GLU A 26 -27.44 -13.02 22.09
CA GLU A 26 -26.01 -13.02 22.32
C GLU A 26 -25.39 -11.68 21.90
N LEU A 27 -24.42 -11.21 22.67
CA LEU A 27 -23.77 -9.93 22.39
C LEU A 27 -22.29 -10.14 22.08
N TYR A 28 -21.94 -10.03 20.80
CA TYR A 28 -20.55 -10.22 20.37
C TYR A 28 -19.72 -8.94 20.49
N LEU A 29 -18.68 -8.99 21.31
CA LEU A 29 -17.71 -7.90 21.39
C LEU A 29 -16.57 -8.16 20.42
N VAL A 30 -16.66 -7.59 19.23
CA VAL A 30 -15.70 -7.87 18.18
C VAL A 30 -14.54 -6.87 18.14
N GLU A 31 -13.36 -7.36 17.78
CA GLU A 31 -12.16 -6.54 17.70
C GLU A 31 -12.05 -5.87 16.32
N GLY A 32 -12.50 -4.63 16.24
CA GLY A 32 -12.35 -3.85 15.01
C GLY A 32 -13.61 -3.72 14.19
N ASP A 33 -13.68 -2.65 13.40
CA ASP A 33 -14.84 -2.42 12.54
C ASP A 33 -14.90 -3.40 11.38
N SER A 34 -13.75 -3.63 10.76
CA SER A 34 -13.67 -4.58 9.64
C SER A 34 -14.21 -5.95 10.02
N ALA A 35 -13.66 -6.54 11.09
CA ALA A 35 -14.16 -7.82 11.58
C ALA A 35 -15.62 -7.68 12.00
N GLY A 36 -15.97 -6.53 12.58
CA GLY A 36 -17.33 -6.27 12.98
C GLY A 36 -18.30 -6.35 11.81
N GLY A 37 -17.82 -5.96 10.64
CA GLY A 37 -18.62 -6.09 9.42
C GLY A 37 -18.85 -7.55 9.09
N SER A 38 -17.76 -8.26 8.80
CA SER A 38 -17.83 -9.69 8.48
C SER A 38 -18.72 -10.45 9.45
N ALA A 39 -18.85 -9.94 10.68
CA ALA A 39 -19.69 -10.56 11.70
C ALA A 39 -21.17 -10.29 11.46
N LYS A 40 -21.52 -9.03 11.24
CA LYS A 40 -22.90 -8.66 10.94
C LYS A 40 -23.40 -9.45 9.74
N GLN A 41 -22.51 -9.74 8.80
CA GLN A 41 -22.83 -10.47 7.58
C GLN A 41 -23.11 -11.96 7.83
N GLY A 42 -22.13 -12.66 8.37
CA GLY A 42 -22.26 -14.09 8.58
C GLY A 42 -23.02 -14.48 9.85
N ARG A 43 -23.75 -13.53 10.42
CA ARG A 43 -24.44 -13.76 11.69
C ARG A 43 -25.89 -14.22 11.49
N ASP A 44 -26.54 -14.56 12.59
CA ASP A 44 -27.98 -14.82 12.58
C ASP A 44 -28.70 -13.69 13.29
N ARG A 45 -29.20 -12.74 12.52
CA ARG A 45 -29.79 -11.51 13.05
C ARG A 45 -30.92 -11.77 14.05
N LYS A 46 -31.49 -12.97 14.00
CA LYS A 46 -32.61 -13.30 14.87
C LYS A 46 -32.30 -13.01 16.34
N PHE A 47 -31.11 -13.39 16.78
CA PHE A 47 -30.75 -13.24 18.19
C PHE A 47 -29.28 -12.88 18.42
N GLN A 48 -28.56 -12.56 17.35
CA GLN A 48 -27.14 -12.24 17.47
C GLN A 48 -26.83 -10.78 17.14
N ALA A 49 -26.43 -10.03 18.16
CA ALA A 49 -26.08 -8.62 18.00
C ALA A 49 -24.56 -8.45 17.80
N ILE A 50 -24.17 -7.33 17.21
CA ILE A 50 -22.76 -7.05 16.98
C ILE A 50 -22.36 -5.70 17.57
N LEU A 51 -21.20 -5.66 18.21
CA LEU A 51 -20.70 -4.43 18.81
C LEU A 51 -19.18 -4.35 18.66
N PRO A 52 -18.72 -3.53 17.70
CA PRO A 52 -17.28 -3.35 17.45
C PRO A 52 -16.58 -2.60 18.57
N LEU A 53 -15.34 -2.99 18.85
CA LEU A 53 -14.48 -2.24 19.74
C LEU A 53 -13.39 -1.56 18.91
N ARG A 54 -13.45 -0.25 18.83
CA ARG A 54 -12.50 0.50 18.00
C ARG A 54 -11.25 0.90 18.77
N GLY A 55 -10.29 -0.02 18.85
CA GLY A 55 -9.03 0.23 19.54
C GLY A 55 -8.94 -0.51 20.85
N LYS A 56 -7.76 -0.50 21.47
CA LYS A 56 -7.56 -1.20 22.73
C LYS A 56 -8.48 -0.63 23.80
N VAL A 57 -9.24 -1.51 24.46
CA VAL A 57 -10.10 -1.11 25.56
C VAL A 57 -9.26 -0.46 26.65
N ILE A 58 -9.87 0.39 27.46
CA ILE A 58 -9.14 1.09 28.52
C ILE A 58 -8.93 0.20 29.75
N ASN A 59 -7.70 0.16 30.23
CA ASN A 59 -7.37 -0.63 31.42
C ASN A 59 -8.09 -0.10 32.67
N THR A 60 -9.20 -0.75 33.01
CA THR A 60 -10.03 -0.29 34.12
C THR A 60 -9.45 -0.63 35.49
N ALA A 61 -8.13 -0.81 35.54
CA ALA A 61 -7.46 -1.10 36.80
C ALA A 61 -6.25 -0.18 37.01
N LYS A 62 -5.90 0.57 35.97
CA LYS A 62 -4.76 1.48 36.04
C LYS A 62 -5.21 2.95 36.00
N ALA A 63 -6.33 3.20 35.34
CA ALA A 63 -6.78 4.57 35.10
C ALA A 63 -7.80 5.03 36.14
N LYS A 64 -7.88 6.33 36.35
CA LYS A 64 -8.81 6.92 37.30
C LYS A 64 -10.26 6.68 36.87
N MET A 65 -11.12 6.33 37.83
CA MET A 65 -12.53 6.07 37.54
C MET A 65 -13.18 7.31 36.94
N ALA A 66 -12.47 8.44 36.99
CA ALA A 66 -12.93 9.67 36.35
C ALA A 66 -12.84 9.52 34.84
N ASP A 67 -11.62 9.34 34.34
CA ASP A 67 -11.40 9.16 32.91
C ASP A 67 -11.98 7.83 32.43
N ILE A 68 -12.27 6.94 33.38
CA ILE A 68 -12.87 5.64 33.06
C ILE A 68 -14.34 5.80 32.71
N LEU A 69 -14.97 6.83 33.28
CA LEU A 69 -16.38 7.10 33.02
C LEU A 69 -16.56 7.85 31.70
N LYS A 70 -15.55 8.64 31.34
CA LYS A 70 -15.58 9.41 30.09
C LYS A 70 -15.04 8.59 28.92
N ASN A 71 -15.37 7.29 28.90
CA ASN A 71 -14.90 6.41 27.84
C ASN A 71 -16.05 5.87 26.98
N GLU A 72 -16.07 6.27 25.71
CA GLU A 72 -17.13 5.88 24.80
C GLU A 72 -17.29 4.36 24.71
N GLU A 73 -16.18 3.68 24.47
CA GLU A 73 -16.21 2.22 24.36
C GLU A 73 -16.79 1.59 25.62
N ILE A 74 -16.44 2.14 26.78
CA ILE A 74 -16.91 1.62 28.06
C ILE A 74 -18.37 1.98 28.32
N ASN A 75 -18.76 3.20 27.98
CA ASN A 75 -20.13 3.66 28.18
C ASN A 75 -21.15 2.87 27.35
N THR A 76 -20.90 2.73 26.06
CA THR A 76 -21.83 2.03 25.18
C THR A 76 -21.99 0.56 25.59
N MET A 77 -21.01 0.05 26.32
CA MET A 77 -21.09 -1.31 26.85
C MET A 77 -22.01 -1.36 28.06
N ILE A 78 -21.85 -0.40 28.98
CA ILE A 78 -22.72 -0.31 30.14
C ILE A 78 -24.14 0.00 29.70
N TYR A 79 -24.27 0.67 28.55
CA TYR A 79 -25.57 1.02 28.00
C TYR A 79 -26.16 -0.12 27.17
N THR A 80 -25.35 -0.68 26.29
CA THR A 80 -25.79 -1.81 25.47
C THR A 80 -26.09 -3.03 26.33
N ILE A 81 -25.35 -3.18 27.42
CA ILE A 81 -25.59 -4.27 28.38
C ILE A 81 -26.93 -4.04 29.06
N GLY A 82 -27.16 -2.80 29.48
CA GLY A 82 -28.44 -2.40 30.04
C GLY A 82 -28.68 -2.79 31.48
N ALA A 83 -27.60 -3.09 32.20
CA ALA A 83 -27.71 -3.47 33.60
C ALA A 83 -26.97 -2.48 34.49
N GLY A 84 -26.53 -1.37 33.90
CA GLY A 84 -25.76 -0.38 34.63
C GLY A 84 -24.41 -0.93 35.00
N VAL A 85 -23.73 -0.28 35.95
CA VAL A 85 -22.39 -0.69 36.36
C VAL A 85 -22.20 -0.55 37.86
N GLY A 86 -20.98 -0.81 38.32
CA GLY A 86 -20.63 -0.67 39.72
C GLY A 86 -21.50 -1.49 40.64
N ALA A 87 -21.96 -0.87 41.72
CA ALA A 87 -22.81 -1.54 42.70
C ALA A 87 -24.28 -1.53 42.27
N ASP A 88 -24.66 -0.46 41.57
CA ASP A 88 -26.02 -0.35 41.05
C ASP A 88 -26.18 -1.23 39.80
N PHE A 89 -25.98 -2.54 39.98
CA PHE A 89 -25.96 -3.47 38.86
C PHE A 89 -26.92 -4.65 39.07
N SER A 90 -28.03 -4.63 38.33
CA SER A 90 -29.01 -5.72 38.38
C SER A 90 -28.80 -6.70 37.23
N ILE A 91 -28.56 -7.96 37.55
CA ILE A 91 -28.35 -9.00 36.54
C ILE A 91 -29.67 -9.42 35.90
N GLU A 92 -30.78 -8.99 36.51
CA GLU A 92 -32.10 -9.33 36.01
C GLU A 92 -32.55 -8.34 34.94
N ASP A 93 -31.94 -7.16 34.94
CA ASP A 93 -32.28 -6.12 33.97
C ASP A 93 -31.30 -6.11 32.80
N ALA A 94 -30.71 -7.27 32.52
CA ALA A 94 -29.76 -7.39 31.40
C ALA A 94 -30.51 -7.56 30.08
N ASN A 95 -29.75 -7.72 29.00
CA ASN A 95 -30.34 -7.86 27.68
C ASN A 95 -29.87 -9.10 26.92
N TYR A 96 -28.84 -9.75 27.44
CA TYR A 96 -28.26 -10.92 26.77
C TYR A 96 -28.02 -12.07 27.74
N ASP A 97 -28.20 -13.29 27.23
CA ASP A 97 -27.94 -14.49 28.04
C ASP A 97 -26.45 -14.81 28.03
N LYS A 98 -25.77 -14.44 26.95
CA LYS A 98 -24.35 -14.68 26.81
C LYS A 98 -23.66 -13.46 26.21
N ILE A 99 -22.48 -13.13 26.74
CA ILE A 99 -21.70 -12.00 26.23
C ILE A 99 -20.38 -12.50 25.67
N ILE A 100 -20.33 -12.66 24.35
CA ILE A 100 -19.19 -13.25 23.67
C ILE A 100 -18.10 -12.24 23.31
N ILE A 101 -16.86 -12.56 23.67
CA ILE A 101 -15.71 -11.76 23.29
C ILE A 101 -15.01 -12.40 22.09
N MET A 102 -15.04 -11.70 20.96
CA MET A 102 -14.49 -12.25 19.72
C MET A 102 -13.37 -11.36 19.19
N THR A 103 -12.15 -11.84 19.30
CA THR A 103 -10.97 -11.09 18.85
C THR A 103 -10.19 -11.91 17.83
N ASP A 104 -9.17 -11.30 17.25
CA ASP A 104 -8.26 -12.02 16.35
C ASP A 104 -7.59 -13.12 17.17
N ALA A 105 -7.14 -14.17 16.49
CA ALA A 105 -6.37 -15.21 17.15
C ALA A 105 -4.89 -14.84 17.17
N ASP A 106 -4.60 -13.56 17.39
CA ASP A 106 -3.22 -13.10 17.48
C ASP A 106 -2.88 -12.59 18.89
N THR A 107 -1.67 -12.06 19.06
CA THR A 107 -1.21 -11.61 20.36
C THR A 107 -2.00 -10.41 20.88
N ASP A 108 -2.20 -9.41 20.01
CA ASP A 108 -2.94 -8.21 20.40
C ASP A 108 -4.39 -8.50 20.73
N GLY A 109 -4.95 -9.53 20.11
CA GLY A 109 -6.29 -9.96 20.42
C GLY A 109 -6.32 -10.48 21.84
N ALA A 110 -5.33 -11.30 22.16
CA ALA A 110 -5.18 -11.82 23.51
C ALA A 110 -5.17 -10.68 24.52
N HIS A 111 -4.37 -9.66 24.25
CA HIS A 111 -4.28 -8.50 25.12
C HIS A 111 -5.63 -7.82 25.31
N ILE A 112 -6.44 -7.81 24.25
CA ILE A 112 -7.75 -7.21 24.32
C ILE A 112 -8.68 -8.01 25.24
N GLN A 113 -8.62 -9.33 25.12
CA GLN A 113 -9.43 -10.20 25.97
C GLN A 113 -9.07 -9.95 27.43
N THR A 114 -7.81 -9.61 27.66
CA THR A 114 -7.31 -9.34 29.01
C THR A 114 -7.91 -8.05 29.58
N LEU A 115 -8.02 -7.02 28.74
CA LEU A 115 -8.54 -5.72 29.16
C LEU A 115 -10.05 -5.76 29.43
N LEU A 116 -10.79 -6.47 28.57
CA LEU A 116 -12.22 -6.59 28.73
C LEU A 116 -12.59 -7.43 29.94
N LEU A 117 -11.72 -8.37 30.29
CA LEU A 117 -11.98 -9.25 31.43
C LEU A 117 -11.77 -8.56 32.78
N THR A 118 -10.78 -7.68 32.87
CA THR A 118 -10.56 -6.93 34.10
C THR A 118 -11.66 -5.90 34.31
N PHE A 119 -12.35 -5.54 33.22
CA PHE A 119 -13.49 -4.64 33.32
C PHE A 119 -14.73 -5.38 33.81
N PHE A 120 -14.98 -6.55 33.23
CA PHE A 120 -16.14 -7.35 33.60
C PHE A 120 -15.98 -7.97 34.99
N TYR A 121 -14.75 -7.99 35.47
CA TYR A 121 -14.46 -8.52 36.80
C TYR A 121 -14.58 -7.41 37.84
N ARG A 122 -14.03 -6.24 37.51
CA ARG A 122 -13.96 -5.12 38.44
C ARG A 122 -15.27 -4.34 38.55
N TYR A 123 -16.10 -4.40 37.51
CA TYR A 123 -17.31 -3.57 37.47
C TYR A 123 -18.58 -4.31 37.05
N MET A 124 -18.51 -5.64 36.97
CA MET A 124 -19.67 -6.46 36.65
C MET A 124 -19.46 -7.90 37.09
N ARG A 125 -18.87 -8.08 38.26
CA ARG A 125 -18.52 -9.40 38.77
C ARG A 125 -19.65 -10.42 38.60
N PRO A 126 -20.87 -10.06 39.03
CA PRO A 126 -22.00 -10.99 38.97
C PRO A 126 -22.16 -11.58 37.56
N LEU A 127 -21.98 -10.77 36.53
CA LEU A 127 -22.07 -11.24 35.15
C LEU A 127 -21.07 -12.35 34.88
N VAL A 128 -19.85 -12.17 35.40
CA VAL A 128 -18.81 -13.17 35.24
C VAL A 128 -19.02 -14.36 36.18
N GLU A 129 -19.50 -14.08 37.39
CA GLU A 129 -19.75 -15.12 38.39
C GLU A 129 -20.90 -16.02 37.95
N ALA A 130 -21.70 -15.55 37.00
CA ALA A 130 -22.82 -16.32 36.49
C ALA A 130 -22.45 -17.08 35.22
N GLY A 131 -21.16 -17.10 34.90
CA GLY A 131 -20.67 -17.80 33.73
C GLY A 131 -21.35 -17.35 32.45
N HIS A 132 -21.61 -16.06 32.35
CA HIS A 132 -22.25 -15.49 31.17
C HIS A 132 -21.23 -14.92 30.19
N VAL A 133 -19.98 -14.83 30.61
CA VAL A 133 -18.93 -14.29 29.75
C VAL A 133 -18.19 -15.43 29.05
N TYR A 134 -18.18 -15.39 27.72
CA TYR A 134 -17.50 -16.42 26.93
C TYR A 134 -16.44 -15.78 26.04
N ILE A 135 -15.75 -16.62 25.27
CA ILE A 135 -14.70 -16.13 24.39
C ILE A 135 -14.63 -16.97 23.13
N ALA A 136 -15.00 -16.38 22.00
CA ALA A 136 -15.01 -17.10 20.73
C ALA A 136 -13.62 -17.61 20.39
N LEU A 137 -13.56 -18.80 19.79
CA LEU A 137 -12.29 -19.38 19.38
C LEU A 137 -12.22 -19.57 17.87
N PRO A 138 -11.87 -18.50 17.14
CA PRO A 138 -11.71 -18.58 15.68
C PRO A 138 -10.64 -19.61 15.34
N PRO A 139 -10.76 -20.25 14.16
CA PRO A 139 -9.79 -21.25 13.73
C PRO A 139 -8.42 -20.61 13.42
N LEU A 140 -7.38 -21.44 13.39
CA LEU A 140 -6.03 -20.94 13.11
C LEU A 140 -5.53 -21.40 11.74
N TYR A 141 -6.10 -22.48 11.23
CA TYR A 141 -5.71 -23.01 9.91
C TYR A 141 -6.93 -23.48 9.12
N LYS A 142 -6.74 -23.71 7.83
CA LYS A 142 -7.82 -24.19 6.96
C LYS A 142 -7.29 -25.04 5.80
N ALA A 154 -11.57 -28.02 5.05
CA ALA A 154 -11.37 -28.48 6.41
C ALA A 154 -10.70 -27.43 7.29
N TYR A 155 -11.14 -27.32 8.54
CA TYR A 155 -10.61 -26.34 9.47
C TYR A 155 -9.98 -27.00 10.68
N ALA A 156 -8.92 -26.38 11.21
CA ALA A 156 -8.25 -26.89 12.39
C ALA A 156 -7.84 -25.77 13.33
N TRP A 157 -7.89 -26.04 14.63
CA TRP A 157 -7.46 -25.07 15.64
C TRP A 157 -6.10 -25.44 16.21
N THR A 158 -5.83 -26.74 16.27
CA THR A 158 -4.56 -27.24 16.81
C THR A 158 -3.58 -27.57 15.68
N ASP A 159 -2.30 -27.35 15.94
CA ASP A 159 -1.26 -27.67 14.97
C ASP A 159 -1.29 -29.17 14.63
N GLY A 160 -1.86 -29.95 15.54
CA GLY A 160 -1.96 -31.38 15.36
C GLY A 160 -3.19 -31.79 14.57
N GLU A 161 -4.26 -30.99 14.69
CA GLU A 161 -5.50 -31.26 13.97
C GLU A 161 -5.34 -31.01 12.47
N LEU A 162 -4.24 -30.37 12.10
CA LEU A 162 -3.94 -30.11 10.70
C LEU A 162 -3.31 -31.34 10.05
N GLU A 163 -2.31 -31.91 10.72
CA GLU A 163 -1.64 -33.11 10.22
C GLU A 163 -2.65 -34.22 9.93
N GLU A 164 -3.71 -34.26 10.72
CA GLU A 164 -4.78 -35.23 10.52
C GLU A 164 -5.52 -34.94 9.21
N LEU A 165 -5.71 -33.65 8.93
CA LEU A 165 -6.36 -33.23 7.68
C LEU A 165 -5.39 -33.34 6.51
N ARG A 166 -4.10 -33.50 6.82
CA ARG A 166 -3.09 -33.72 5.80
C ARG A 166 -3.37 -35.02 5.06
N LYS A 167 -3.98 -35.96 5.77
CA LYS A 167 -4.35 -37.25 5.19
C LYS A 167 -5.84 -37.29 4.82
N LEU A 175 -3.20 -25.12 2.49
CA LEU A 175 -3.23 -24.93 3.94
C LEU A 175 -3.02 -23.47 4.32
N GLN A 176 -4.10 -22.70 4.36
CA GLN A 176 -4.03 -21.27 4.71
C GLN A 176 -3.87 -21.05 6.21
N ARG A 177 -3.22 -19.95 6.56
CA ARG A 177 -3.04 -19.57 7.97
C ARG A 177 -3.69 -18.23 8.27
N TYR A 178 -4.80 -18.27 9.02
CA TYR A 178 -5.52 -17.05 9.38
C TYR A 178 -4.68 -16.16 10.29
N LYS A 179 -4.40 -14.95 9.82
CA LYS A 179 -3.66 -13.98 10.62
C LYS A 179 -4.61 -13.00 11.30
N GLY A 180 -5.91 -13.25 11.14
CA GLY A 180 -6.93 -12.41 11.73
C GLY A 180 -8.31 -12.75 11.21
N LEU A 181 -9.34 -12.16 11.80
CA LEU A 181 -10.72 -12.40 11.38
C LEU A 181 -11.00 -11.82 10.00
N GLY A 182 -10.33 -10.72 9.67
CA GLY A 182 -10.50 -10.06 8.39
C GLY A 182 -10.44 -11.00 7.20
N GLU A 183 -9.46 -11.90 7.21
CA GLU A 183 -9.21 -12.78 6.08
C GLU A 183 -10.26 -13.88 5.92
N MET A 184 -11.24 -13.90 6.83
CA MET A 184 -12.28 -14.92 6.81
C MET A 184 -13.57 -14.43 6.16
N ASN A 185 -14.02 -15.14 5.13
CA ASN A 185 -15.30 -14.81 4.48
C ASN A 185 -16.46 -15.09 5.44
N ALA A 186 -17.46 -14.21 5.41
CA ALA A 186 -18.57 -14.26 6.35
C ALA A 186 -19.29 -15.62 6.44
N ASP A 187 -19.25 -16.39 5.35
CA ASP A 187 -19.89 -17.70 5.35
C ASP A 187 -19.07 -18.73 6.13
N GLN A 188 -17.75 -18.58 6.09
CA GLN A 188 -16.85 -19.45 6.84
C GLN A 188 -16.86 -19.08 8.32
N LEU A 189 -16.94 -17.77 8.59
CA LEU A 189 -16.99 -17.27 9.96
C LEU A 189 -18.13 -17.93 10.74
N TRP A 190 -19.32 -17.95 10.14
CA TRP A 190 -20.49 -18.53 10.78
C TRP A 190 -20.26 -19.99 11.16
N GLU A 191 -20.01 -20.82 10.15
CA GLU A 191 -19.88 -22.27 10.36
C GLU A 191 -18.80 -22.66 11.38
N THR A 192 -17.78 -21.83 11.53
CA THR A 192 -16.63 -22.19 12.36
C THR A 192 -16.62 -21.57 13.76
N THR A 193 -17.24 -20.41 13.92
CA THR A 193 -17.12 -19.69 15.19
C THR A 193 -18.37 -18.96 15.68
N MET A 194 -19.37 -18.81 14.82
CA MET A 194 -20.58 -18.08 15.21
C MET A 194 -21.80 -18.99 15.40
N ASN A 195 -21.78 -20.13 14.73
CA ASN A 195 -22.91 -21.06 14.82
C ASN A 195 -22.88 -21.83 16.15
N PRO A 196 -23.89 -21.56 17.01
CA PRO A 196 -24.00 -22.17 18.34
C PRO A 196 -23.90 -23.69 18.31
N GLU A 197 -24.19 -24.29 17.16
CA GLU A 197 -24.18 -25.74 17.03
C GLU A 197 -22.89 -26.27 16.43
N THR A 198 -21.97 -25.38 16.09
CA THR A 198 -20.71 -25.79 15.46
C THR A 198 -19.50 -25.06 16.05
N ARG A 199 -19.78 -24.08 16.92
CA ARG A 199 -18.72 -23.23 17.46
C ARG A 199 -18.16 -23.78 18.76
N THR A 200 -16.99 -23.28 19.14
CA THR A 200 -16.38 -23.63 20.43
C THR A 200 -16.20 -22.36 21.27
N LEU A 201 -16.58 -22.44 22.54
CA LEU A 201 -16.52 -21.29 23.43
C LEU A 201 -15.84 -21.58 24.76
N ILE A 202 -15.02 -20.66 25.22
CA ILE A 202 -14.41 -20.76 26.54
C ILE A 202 -15.24 -19.94 27.53
N ARG A 203 -15.90 -20.63 28.46
CA ARG A 203 -16.74 -19.97 29.46
C ARG A 203 -15.91 -19.54 30.66
N VAL A 204 -15.84 -18.23 30.89
CA VAL A 204 -15.05 -17.69 31.99
C VAL A 204 -15.74 -17.89 33.33
N THR A 205 -15.02 -18.47 34.28
CA THR A 205 -15.57 -18.78 35.59
C THR A 205 -14.59 -18.41 36.69
N ILE A 206 -15.10 -17.74 37.72
CA ILE A 206 -14.28 -17.41 38.88
C ILE A 206 -14.20 -18.63 39.82
N GLU A 207 -13.06 -19.32 39.78
CA GLU A 207 -12.85 -20.50 40.62
C GLU A 207 -12.45 -20.10 42.04
N ASP A 208 -11.63 -19.07 42.15
CA ASP A 208 -11.21 -18.54 43.44
C ASP A 208 -11.16 -17.02 43.40
N LEU A 209 -12.15 -16.39 44.03
CA LEU A 209 -12.25 -14.93 44.05
C LEU A 209 -11.00 -14.30 44.67
N ALA A 210 -10.38 -15.02 45.61
CA ALA A 210 -9.19 -14.51 46.29
C ALA A 210 -7.94 -14.76 45.46
N ARG A 211 -7.88 -15.93 44.82
CA ARG A 211 -6.73 -16.31 44.01
C ARG A 211 -6.78 -15.66 42.62
N ALA A 212 -7.92 -15.04 42.31
CA ALA A 212 -8.11 -14.38 41.02
C ALA A 212 -7.98 -12.87 41.17
N GLU A 213 -8.22 -12.36 42.38
CA GLU A 213 -8.07 -10.93 42.66
C GLU A 213 -6.61 -10.50 42.54
N ARG A 214 -5.71 -11.37 42.98
CA ARG A 214 -4.28 -11.09 42.92
C ARG A 214 -3.82 -11.01 41.47
N ARG A 215 -4.11 -12.05 40.71
CA ARG A 215 -3.65 -12.13 39.33
C ARG A 215 -4.08 -10.92 38.49
N VAL A 216 -5.35 -10.56 38.59
CA VAL A 216 -5.84 -9.39 37.87
C VAL A 216 -5.14 -8.12 38.37
N ASN A 217 -4.96 -8.02 39.67
CA ASN A 217 -4.32 -6.85 40.27
C ASN A 217 -2.83 -6.74 39.89
N VAL A 218 -2.17 -7.88 39.72
CA VAL A 218 -0.74 -7.90 39.42
C VAL A 218 -0.45 -7.62 37.94
N LEU A 219 -1.21 -8.25 37.06
CA LEU A 219 -1.01 -8.10 35.62
C LEU A 219 -1.50 -6.73 35.12
N MET A 220 -2.61 -6.25 35.67
CA MET A 220 -3.22 -5.01 35.19
C MET A 220 -3.07 -3.87 36.19
N GLY A 221 -2.35 -4.11 37.29
CA GLY A 221 -2.17 -3.11 38.32
C GLY A 221 -1.37 -1.90 37.88
N ASP A 222 -1.23 -0.93 38.78
CA ASP A 222 -0.50 0.30 38.47
C ASP A 222 1.00 0.13 38.76
N LYS A 223 1.35 -0.83 39.60
CA LYS A 223 2.74 -1.06 39.97
C LYS A 223 3.44 -2.00 38.99
N VAL A 224 4.60 -1.58 38.50
CA VAL A 224 5.35 -2.34 37.50
C VAL A 224 6.10 -3.54 38.08
N GLU A 225 6.91 -3.28 39.11
CA GLU A 225 7.78 -4.30 39.70
C GLU A 225 7.16 -5.69 39.81
N PRO A 226 5.97 -5.80 40.42
CA PRO A 226 5.32 -7.11 40.57
C PRO A 226 5.08 -7.78 39.22
N ARG A 227 4.72 -6.98 38.22
CA ARG A 227 4.48 -7.50 36.87
C ARG A 227 5.77 -8.01 36.25
N ARG A 228 6.79 -7.18 36.25
CA ARG A 228 8.09 -7.56 35.71
C ARG A 228 8.48 -8.93 36.23
N LYS A 229 8.42 -9.09 37.55
CA LYS A 229 8.77 -10.35 38.20
C LYS A 229 7.89 -11.49 37.72
N TRP A 230 6.57 -11.29 37.74
CA TRP A 230 5.64 -12.31 37.30
C TRP A 230 6.02 -12.82 35.93
N ILE A 231 6.33 -11.88 35.04
CA ILE A 231 6.75 -12.20 33.69
C ILE A 231 8.01 -13.06 33.71
N GLU A 232 9.00 -12.64 34.50
CA GLU A 232 10.26 -13.37 34.62
C GLU A 232 10.02 -14.81 35.04
N ASP A 233 9.24 -14.99 36.10
CA ASP A 233 9.02 -16.31 36.68
C ASP A 233 8.24 -17.24 35.75
N ASN A 234 7.29 -16.68 35.01
CA ASN A 234 6.38 -17.49 34.19
C ASN A 234 6.69 -17.53 32.70
N VAL A 235 6.91 -16.38 32.09
CA VAL A 235 7.18 -16.32 30.66
C VAL A 235 8.49 -16.99 30.28
N LYS A 236 8.41 -18.01 29.44
CA LYS A 236 9.58 -18.77 29.01
C LYS A 236 10.07 -18.32 27.63
N PHE A 237 10.97 -17.35 27.60
CA PHE A 237 11.50 -16.85 26.34
C PHE A 237 12.24 -17.93 25.56
N THR A 238 12.35 -19.12 26.17
CA THR A 238 13.02 -20.26 25.54
C THR A 238 14.41 -19.90 25.05
N ASN A 249 -18.77 -28.62 22.88
CA ASN A 249 -19.31 -27.37 22.37
C ASN A 249 -18.74 -26.15 23.09
N ILE A 250 -18.59 -26.26 24.40
CA ILE A 250 -18.01 -25.20 25.21
C ILE A 250 -17.05 -25.79 26.23
N GLN A 251 -16.20 -24.94 26.81
CA GLN A 251 -15.22 -25.39 27.79
C GLN A 251 -14.95 -24.33 28.84
N ASN A 252 -14.97 -24.72 30.10
CA ASN A 252 -14.74 -23.81 31.21
C ASN A 252 -13.25 -23.52 31.44
N MET A 253 -12.96 -22.27 31.80
CA MET A 253 -11.62 -21.88 32.19
C MET A 253 -11.71 -20.89 33.34
N SER A 254 -10.76 -20.96 34.26
CA SER A 254 -10.75 -20.04 35.40
C SER A 254 -10.42 -18.62 34.91
N LEU A 255 -10.79 -17.63 35.70
CA LEU A 255 -10.39 -16.26 35.40
C LEU A 255 -8.88 -16.16 35.60
N GLU A 256 -8.38 -16.85 36.62
CA GLU A 256 -6.95 -16.88 36.89
C GLU A 256 -6.19 -17.48 35.72
N ASP A 257 -6.59 -18.67 35.31
CA ASP A 257 -5.93 -19.37 34.21
C ASP A 257 -6.09 -18.64 32.86
N ILE A 258 -7.25 -18.05 32.61
CA ILE A 258 -7.51 -17.39 31.34
C ILE A 258 -6.73 -16.07 31.20
N MET A 259 -6.47 -15.41 32.33
CA MET A 259 -5.70 -14.17 32.33
C MET A 259 -4.20 -14.45 32.24
N GLY A 260 -3.83 -15.72 32.34
CA GLY A 260 -2.43 -16.13 32.25
C GLY A 260 -2.04 -16.41 30.82
N GLU A 261 -2.61 -17.47 30.25
CA GLU A 261 -2.32 -17.86 28.87
C GLU A 261 -2.50 -16.70 27.89
N ARG A 262 -3.18 -15.65 28.32
CA ARG A 262 -3.40 -14.49 27.46
C ARG A 262 -2.34 -13.42 27.65
N PHE A 263 -2.25 -12.86 28.85
CA PHE A 263 -1.29 -11.80 29.13
C PHE A 263 0.14 -12.32 29.02
N GLY A 264 0.31 -13.61 29.32
CA GLY A 264 1.59 -14.25 29.15
C GLY A 264 1.98 -14.28 27.69
N ARG A 265 0.98 -14.50 26.83
CA ARG A 265 1.20 -14.57 25.39
C ARG A 265 1.57 -13.20 24.84
N TYR A 266 0.77 -12.19 25.20
CA TYR A 266 0.99 -10.81 24.77
C TYR A 266 2.30 -10.24 25.28
N SER A 267 2.59 -10.47 26.56
CA SER A 267 3.84 -10.00 27.16
C SER A 267 5.03 -10.47 26.33
N LYS A 268 5.16 -11.78 26.18
CA LYS A 268 6.27 -12.38 25.45
C LYS A 268 6.45 -11.77 24.06
N TYR A 269 5.35 -11.48 23.39
CA TYR A 269 5.41 -10.97 22.02
C TYR A 269 5.86 -9.51 21.97
N ILE A 270 5.17 -8.66 22.73
CA ILE A 270 5.51 -7.24 22.77
C ILE A 270 6.94 -7.02 23.24
N ILE A 271 7.51 -7.99 23.95
CA ILE A 271 8.90 -7.89 24.40
C ILE A 271 9.89 -8.35 23.34
N GLN A 272 9.75 -9.59 22.89
CA GLN A 272 10.64 -10.16 21.88
C GLN A 272 10.45 -9.58 20.47
N ASP A 273 9.20 -9.32 20.08
CA ASP A 273 8.91 -8.99 18.69
C ASP A 273 8.14 -7.68 18.48
N ARG A 274 8.48 -6.64 19.24
CA ARG A 274 7.84 -5.33 19.03
C ARG A 274 8.64 -4.15 19.58
N ALA A 275 8.48 -3.88 20.88
CA ALA A 275 8.98 -2.64 21.47
C ALA A 275 10.50 -2.54 21.63
N LEU A 276 11.17 -3.67 21.85
CA LEU A 276 12.58 -3.65 22.22
C LEU A 276 13.53 -4.10 21.11
N PRO A 277 14.69 -3.42 20.99
CA PRO A 277 15.72 -3.68 19.98
C PRO A 277 16.56 -4.91 20.27
N ASP A 278 17.03 -5.57 19.21
CA ASP A 278 18.03 -6.61 19.33
C ASP A 278 19.33 -5.93 19.74
N ILE A 279 20.06 -6.51 20.69
CA ILE A 279 21.25 -5.88 21.22
C ILE A 279 22.38 -5.75 20.20
N ARG A 280 22.33 -6.57 19.15
CA ARG A 280 23.39 -6.62 18.14
C ARG A 280 23.27 -5.56 17.02
N ASP A 281 22.17 -5.60 16.27
CA ASP A 281 21.97 -4.64 15.18
C ASP A 281 21.07 -3.48 15.59
N GLY A 282 20.64 -3.48 16.84
CA GLY A 282 19.89 -2.37 17.41
C GLY A 282 18.57 -2.05 16.74
N LEU A 283 17.98 -3.05 16.08
CA LEU A 283 16.71 -2.86 15.37
C LEU A 283 15.55 -3.57 16.04
N LYS A 284 14.37 -2.97 15.98
CA LYS A 284 13.14 -3.68 16.34
C LYS A 284 12.66 -4.41 15.09
N PRO A 285 11.87 -5.48 15.27
CA PRO A 285 11.47 -6.33 14.14
C PRO A 285 10.90 -5.52 12.96
N VAL A 286 10.10 -4.50 13.25
CA VAL A 286 9.51 -3.70 12.19
C VAL A 286 10.57 -3.00 11.34
N GLN A 287 11.51 -2.33 12.00
CA GLN A 287 12.59 -1.64 11.27
C GLN A 287 13.43 -2.62 10.45
N ARG A 288 13.73 -3.77 11.04
CA ARG A 288 14.55 -4.76 10.35
C ARG A 288 13.88 -5.17 9.04
N ARG A 289 12.58 -5.46 9.12
CA ARG A 289 11.81 -5.85 7.94
C ARG A 289 11.77 -4.73 6.91
N ILE A 290 11.50 -3.52 7.37
CA ILE A 290 11.52 -2.37 6.49
C ILE A 290 12.82 -2.31 5.67
N LEU A 291 13.95 -2.42 6.34
CA LEU A 291 15.24 -2.39 5.67
C LEU A 291 15.46 -3.59 4.75
N TYR A 292 15.18 -4.78 5.26
CA TYR A 292 15.41 -6.00 4.50
C TYR A 292 14.54 -6.07 3.25
N SER A 293 13.26 -5.75 3.41
CA SER A 293 12.35 -5.75 2.27
C SER A 293 12.83 -4.76 1.23
N MET A 294 12.99 -3.50 1.65
CA MET A 294 13.46 -2.46 0.73
C MET A 294 14.73 -2.92 0.01
N ASN A 295 15.63 -3.55 0.75
CA ASN A 295 16.88 -4.02 0.18
C ASN A 295 16.65 -5.13 -0.85
N LYS A 296 15.80 -6.09 -0.50
CA LYS A 296 15.45 -7.16 -1.42
C LYS A 296 14.84 -6.60 -2.71
N ASP A 297 14.07 -5.53 -2.57
CA ASP A 297 13.43 -4.89 -3.71
C ASP A 297 14.41 -4.01 -4.50
N SER A 298 15.67 -4.03 -4.09
CA SER A 298 16.71 -3.26 -4.77
C SER A 298 16.46 -1.76 -4.67
N ASN A 299 15.71 -1.35 -3.66
CA ASN A 299 15.38 0.04 -3.43
C ASN A 299 16.47 0.69 -2.57
N THR A 300 17.63 0.93 -3.19
CA THR A 300 18.79 1.39 -2.44
C THR A 300 19.27 2.78 -2.83
N PHE A 301 20.30 3.27 -2.14
CA PHE A 301 20.73 4.65 -2.25
C PHE A 301 21.27 5.01 -3.63
N ASP A 302 21.70 4.01 -4.39
CA ASP A 302 22.30 4.25 -5.69
C ASP A 302 21.31 4.10 -6.84
N LYS A 303 20.04 3.98 -6.50
CA LYS A 303 19.00 3.76 -7.49
C LYS A 303 17.81 4.69 -7.25
N SER A 304 16.95 4.81 -8.27
CA SER A 304 15.84 5.76 -8.21
C SER A 304 14.98 5.54 -6.96
N TYR A 305 14.39 6.63 -6.46
CA TYR A 305 13.47 6.54 -5.34
C TYR A 305 12.24 5.71 -5.74
N ARG A 306 11.71 4.97 -4.77
CA ARG A 306 10.52 4.15 -5.00
C ARG A 306 9.37 4.70 -4.17
N LYS A 307 8.15 4.66 -4.72
CA LYS A 307 6.98 5.21 -4.01
C LYS A 307 6.77 4.53 -2.66
N SER A 308 6.58 5.34 -1.62
CA SER A 308 6.41 4.81 -0.26
C SER A 308 5.37 3.71 -0.20
N ALA A 309 4.20 3.95 -0.80
CA ALA A 309 3.11 2.99 -0.79
C ALA A 309 3.50 1.64 -1.38
N LYS A 310 4.41 1.65 -2.35
CA LYS A 310 4.86 0.43 -3.00
C LYS A 310 5.74 -0.39 -2.05
N SER A 311 6.59 0.30 -1.30
CA SER A 311 7.45 -0.35 -0.34
C SER A 311 6.63 -0.91 0.82
N VAL A 312 5.86 -0.04 1.47
CA VAL A 312 5.03 -0.42 2.60
C VAL A 312 4.17 -1.65 2.29
N GLY A 313 3.56 -1.66 1.11
CA GLY A 313 2.72 -2.76 0.71
C GLY A 313 3.49 -4.07 0.61
N ASN A 314 4.71 -4.00 0.08
CA ASN A 314 5.55 -5.18 -0.04
C ASN A 314 5.99 -5.70 1.32
N ILE A 315 6.19 -4.77 2.25
CA ILE A 315 6.58 -5.12 3.61
C ILE A 315 5.44 -5.85 4.31
N MET A 316 4.26 -5.26 4.24
CA MET A 316 3.08 -5.81 4.91
C MET A 316 2.64 -7.13 4.28
N GLY A 317 3.07 -7.37 3.05
CA GLY A 317 2.65 -8.55 2.33
C GLY A 317 3.56 -9.74 2.56
N ASN A 318 4.84 -9.48 2.72
CA ASN A 318 5.82 -10.57 2.82
C ASN A 318 6.36 -10.81 4.22
N PHE A 319 6.45 -9.77 5.03
CA PHE A 319 7.18 -9.87 6.31
C PHE A 319 6.44 -9.40 7.56
N HIS A 320 6.02 -8.14 7.57
CA HIS A 320 5.39 -7.55 8.75
C HIS A 320 3.86 -7.56 8.63
N PRO A 321 3.19 -8.44 9.40
CA PRO A 321 1.73 -8.62 9.31
C PRO A 321 0.96 -7.65 10.20
N HIS A 322 1.07 -6.35 9.92
CA HIS A 322 0.38 -5.35 10.72
C HIS A 322 -0.08 -4.15 9.90
N GLY A 323 -0.55 -3.11 10.57
CA GLY A 323 -1.07 -1.94 9.89
C GLY A 323 -0.07 -1.33 8.94
N ASP A 324 -0.54 -0.85 7.79
CA ASP A 324 0.33 -0.18 6.85
C ASP A 324 0.76 1.17 7.40
N SER A 325 -0.10 1.78 8.22
CA SER A 325 0.19 3.07 8.83
C SER A 325 1.40 3.01 9.77
N SER A 326 1.37 2.09 10.73
CA SER A 326 2.49 1.87 11.64
C SER A 326 3.77 1.65 10.86
N ILE A 327 3.74 0.71 9.93
CA ILE A 327 4.90 0.43 9.09
C ILE A 327 5.43 1.71 8.45
N TYR A 328 4.54 2.52 7.89
CA TYR A 328 4.95 3.78 7.28
C TYR A 328 5.58 4.71 8.31
N ASP A 329 4.84 5.00 9.37
CA ASP A 329 5.33 5.86 10.45
C ASP A 329 6.74 5.49 10.88
N ALA A 330 7.01 4.18 10.95
CA ALA A 330 8.34 3.70 11.29
C ALA A 330 9.34 4.07 10.20
N MET A 331 9.00 3.75 8.96
CA MET A 331 9.81 4.08 7.80
C MET A 331 10.13 5.58 7.76
N VAL A 332 9.15 6.40 8.10
CA VAL A 332 9.30 7.84 8.08
C VAL A 332 10.27 8.30 9.17
N ARG A 333 10.15 7.69 10.33
CA ARG A 333 11.00 8.04 11.46
C ARG A 333 12.45 7.75 11.11
N MET A 334 12.68 6.65 10.42
CA MET A 334 14.04 6.24 10.04
C MET A 334 14.65 7.20 9.03
N SER A 335 13.88 8.23 8.64
CA SER A 335 14.31 9.16 7.61
C SER A 335 14.44 10.57 8.15
N GLN A 336 14.09 10.75 9.42
CA GLN A 336 14.11 12.07 10.03
C GLN A 336 15.44 12.27 10.77
N ASN A 337 16.24 13.22 10.29
CA ASN A 337 17.59 13.41 10.83
C ASN A 337 17.65 14.14 12.17
N TRP A 338 16.50 14.49 12.72
CA TRP A 338 16.45 15.10 14.04
C TRP A 338 15.95 14.09 15.06
N LYS A 339 15.84 12.83 14.63
CA LYS A 339 15.44 11.73 15.50
C LYS A 339 16.39 10.55 15.35
N ASN A 340 17.18 10.56 14.28
CA ASN A 340 18.20 9.54 14.07
C ASN A 340 19.56 10.15 13.78
N ARG A 341 20.56 9.76 14.58
CA ARG A 341 21.91 10.29 14.42
C ARG A 341 22.45 9.95 13.04
N GLU A 342 22.02 8.81 12.52
CA GLU A 342 22.42 8.38 11.18
C GLU A 342 21.25 7.73 10.43
N ILE A 343 20.49 8.53 9.67
CA ILE A 343 19.28 8.03 9.01
C ILE A 343 19.55 6.84 8.10
N LEU A 344 18.66 5.85 8.16
CA LEU A 344 18.78 4.62 7.39
C LEU A 344 17.89 4.67 6.16
N VAL A 345 16.95 5.60 6.16
CA VAL A 345 16.04 5.76 5.03
C VAL A 345 16.04 7.19 4.51
N GLU A 346 16.33 7.34 3.23
CA GLU A 346 16.23 8.64 2.57
C GLU A 346 14.84 8.76 1.96
N MET A 347 14.17 9.88 2.20
CA MET A 347 12.80 10.07 1.76
C MET A 347 12.55 11.44 1.14
N HIS A 348 12.34 11.45 -0.17
CA HIS A 348 11.98 12.68 -0.89
C HIS A 348 10.57 13.12 -0.50
N GLY A 349 10.46 14.35 -0.02
CA GLY A 349 9.16 14.92 0.28
C GLY A 349 8.94 15.26 1.74
N ASN A 350 7.76 15.79 2.03
CA ASN A 350 7.38 16.15 3.38
C ASN A 350 7.39 14.95 4.32
N ASN A 351 8.51 14.74 5.00
CA ASN A 351 8.61 13.66 5.98
C ASN A 351 8.47 14.18 7.40
N GLY A 352 8.06 15.44 7.52
CA GLY A 352 7.85 16.05 8.81
C GLY A 352 8.85 17.15 9.12
N SER A 353 8.74 17.69 10.33
CA SER A 353 9.67 18.71 10.79
C SER A 353 9.87 18.58 12.30
N MET A 354 10.75 19.40 12.86
CA MET A 354 10.93 19.42 14.29
C MET A 354 9.69 19.99 14.96
N ASP A 355 8.88 20.70 14.18
CA ASP A 355 7.61 21.25 14.67
C ASP A 355 6.57 20.15 14.83
N GLY A 356 6.89 18.96 14.34
CA GLY A 356 6.07 17.79 14.59
C GLY A 356 4.80 17.71 13.76
N ASP A 357 4.68 18.59 12.76
CA ASP A 357 3.53 18.52 11.87
C ASP A 357 3.63 17.27 10.99
N PRO A 358 2.47 16.71 10.60
CA PRO A 358 2.39 15.41 9.95
C PRO A 358 3.18 15.36 8.65
N PRO A 359 3.77 14.19 8.35
CA PRO A 359 4.42 13.90 7.08
C PRO A 359 3.37 13.64 5.99
N ALA A 360 3.71 13.94 4.74
CA ALA A 360 2.86 13.57 3.61
C ALA A 360 2.50 12.09 3.71
N ALA A 361 1.25 11.75 3.39
CA ALA A 361 0.81 10.36 3.41
C ALA A 361 1.56 9.52 2.37
N MET A 362 1.71 8.23 2.63
CA MET A 362 2.55 7.37 1.80
C MET A 362 2.18 7.41 0.30
N ARG A 363 1.02 7.96 -0.01
CA ARG A 363 0.62 8.13 -1.40
C ARG A 363 1.43 9.23 -2.08
N TYR A 364 2.04 10.11 -1.30
CA TYR A 364 2.81 11.23 -1.83
C TYR A 364 4.31 11.00 -1.88
N THR A 365 4.85 10.39 -0.84
CA THR A 365 6.30 10.37 -0.64
C THR A 365 6.98 9.18 -1.32
N GLU A 366 8.24 9.37 -1.68
CA GLU A 366 9.07 8.29 -2.18
C GLU A 366 10.31 8.13 -1.30
N ALA A 367 10.94 6.95 -1.34
CA ALA A 367 12.00 6.62 -0.40
C ALA A 367 12.99 5.59 -0.92
N ARG A 368 14.13 5.50 -0.25
CA ARG A 368 15.14 4.49 -0.54
C ARG A 368 16.07 4.38 0.65
N LEU A 369 16.80 3.27 0.73
CA LEU A 369 17.77 3.08 1.80
C LEU A 369 18.89 4.11 1.67
N SER A 370 19.49 4.50 2.80
CA SER A 370 20.64 5.40 2.77
C SER A 370 21.88 4.57 2.59
N GLU A 371 22.97 5.20 2.15
CA GLU A 371 24.21 4.46 1.93
C GLU A 371 24.64 3.72 3.18
N ILE A 372 24.49 4.35 4.34
CA ILE A 372 24.91 3.72 5.59
C ILE A 372 24.04 2.51 5.90
N ALA A 373 22.75 2.64 5.59
CA ALA A 373 21.82 1.53 5.77
C ALA A 373 22.34 0.31 5.04
N GLY A 374 23.01 0.55 3.92
CA GLY A 374 23.58 -0.53 3.14
C GLY A 374 24.50 -1.37 3.98
N TYR A 375 25.27 -0.70 4.84
CA TYR A 375 26.25 -1.39 5.68
C TYR A 375 25.61 -2.24 6.76
N LEU A 376 24.42 -1.84 7.23
CA LEU A 376 23.65 -2.68 8.13
C LEU A 376 23.28 -4.02 7.46
N LEU A 377 23.16 -4.00 6.14
CA LEU A 377 22.75 -5.19 5.39
C LEU A 377 23.93 -5.89 4.73
N GLN A 378 25.11 -5.29 4.83
CA GLN A 378 26.30 -5.81 4.18
C GLN A 378 26.46 -7.33 4.38
N ASP A 379 26.71 -8.03 3.28
CA ASP A 379 27.02 -9.46 3.33
C ASP A 379 25.82 -10.36 3.66
N ILE A 380 24.60 -9.83 3.58
CA ILE A 380 23.42 -10.61 3.93
C ILE A 380 23.11 -11.71 2.91
N GLU A 381 23.68 -11.61 1.72
CA GLU A 381 23.45 -12.60 0.68
C GLU A 381 24.43 -13.77 0.79
N LYS A 382 25.28 -13.74 1.82
CA LYS A 382 26.30 -14.76 2.01
C LYS A 382 26.02 -15.64 3.22
N LYS A 383 24.75 -15.87 3.50
CA LYS A 383 24.37 -16.76 4.58
C LYS A 383 25.17 -16.45 5.84
N THR A 384 25.18 -15.18 6.23
CA THR A 384 25.95 -14.72 7.38
C THR A 384 25.11 -14.56 8.64
N VAL A 385 23.80 -14.72 8.51
CA VAL A 385 22.90 -14.42 9.61
C VAL A 385 21.67 -15.33 9.59
N PRO A 386 21.19 -15.72 10.79
CA PRO A 386 20.08 -16.65 10.99
C PRO A 386 18.77 -16.18 10.36
N PHE A 387 18.21 -17.00 9.48
CA PHE A 387 16.92 -16.69 8.87
C PHE A 387 15.79 -17.51 9.49
N ALA A 388 14.57 -17.05 9.28
CA ALA A 388 13.39 -17.77 9.77
C ALA A 388 12.27 -17.62 8.76
N TRP A 389 11.16 -18.30 8.99
CA TRP A 389 10.00 -18.20 8.11
C TRP A 389 9.15 -17.00 8.49
N ASN A 390 8.59 -16.35 7.48
CA ASN A 390 7.66 -15.25 7.71
C ASN A 390 6.35 -15.81 8.23
N PHE A 391 5.42 -14.94 8.57
CA PHE A 391 4.10 -15.37 9.04
C PHE A 391 3.44 -16.31 8.04
N ASP A 392 3.71 -16.07 6.76
CA ASP A 392 3.03 -16.77 5.68
C ASP A 392 3.70 -18.11 5.38
N ASP A 393 4.85 -18.35 6.00
CA ASP A 393 5.64 -19.56 5.71
C ASP A 393 5.93 -19.69 4.22
N THR A 394 5.93 -18.55 3.52
CA THR A 394 6.17 -18.53 2.08
C THR A 394 7.57 -18.04 1.74
N GLU A 395 8.22 -17.39 2.70
CA GLU A 395 9.51 -16.77 2.46
C GLU A 395 10.29 -16.65 3.75
N LYS A 396 11.61 -16.79 3.67
CA LYS A 396 12.47 -16.63 4.84
C LYS A 396 12.83 -15.16 5.05
N GLU A 397 12.98 -14.78 6.32
CA GLU A 397 13.42 -13.43 6.68
C GLU A 397 14.50 -13.53 7.74
N PRO A 398 15.41 -12.53 7.76
CA PRO A 398 16.51 -12.54 8.73
C PRO A 398 16.03 -12.16 10.13
N THR A 399 16.60 -12.78 11.16
CA THR A 399 16.26 -12.48 12.54
C THR A 399 17.19 -11.41 13.11
N VAL A 400 18.29 -11.16 12.42
CA VAL A 400 19.21 -10.08 12.77
C VAL A 400 20.02 -9.72 11.53
N LEU A 401 20.45 -8.47 11.43
CA LEU A 401 21.25 -8.05 10.28
C LEU A 401 22.74 -8.08 10.62
N PRO A 402 23.59 -8.24 9.60
CA PRO A 402 25.05 -8.32 9.75
C PRO A 402 25.63 -7.15 10.57
N ALA A 403 25.02 -5.97 10.44
CA ALA A 403 25.42 -4.79 11.20
C ALA A 403 26.91 -4.47 11.12
N ALA A 404 27.34 -3.98 9.95
CA ALA A 404 28.73 -3.60 9.76
C ALA A 404 29.11 -2.37 10.59
N PHE A 405 28.17 -1.88 11.39
CA PHE A 405 28.47 -0.83 12.37
C PHE A 405 27.47 -0.91 13.52
N PRO A 406 27.90 -0.49 14.73
CA PRO A 406 27.15 -0.64 15.98
C PRO A 406 25.93 0.27 16.07
N ASN A 407 24.88 -0.07 15.33
CA ASN A 407 23.70 0.78 15.23
C ASN A 407 23.07 1.09 16.58
N LEU A 408 22.94 0.06 17.42
CA LEU A 408 22.25 0.20 18.71
C LEU A 408 22.66 1.46 19.45
N LEU A 409 23.96 1.74 19.47
CA LEU A 409 24.46 2.93 20.14
C LEU A 409 24.39 4.14 19.23
N VAL A 410 24.86 3.98 18.00
CA VAL A 410 24.88 5.08 17.04
C VAL A 410 23.51 5.75 16.89
N ASN A 411 22.45 4.94 16.85
CA ASN A 411 21.11 5.48 16.59
C ASN A 411 20.19 5.47 17.80
N GLY A 412 20.48 4.58 18.74
CA GLY A 412 19.68 4.48 19.95
C GLY A 412 18.42 3.68 19.73
N SER A 413 17.49 3.78 20.69
CA SER A 413 16.24 3.04 20.61
C SER A 413 15.28 3.51 21.69
N THR A 414 14.02 3.11 21.58
CA THR A 414 12.96 3.58 22.47
C THR A 414 11.63 3.11 21.93
N GLY A 415 10.85 2.36 22.73
CA GLY A 415 11.23 1.94 24.06
C GLY A 415 10.09 1.84 25.08
N ILE A 416 9.04 1.07 24.77
CA ILE A 416 7.98 0.78 25.74
C ILE A 416 7.25 -0.54 25.49
N SER A 417 7.49 -1.54 26.33
CA SER A 417 6.79 -2.82 26.17
C SER A 417 5.91 -3.14 27.37
N ALA A 418 6.05 -4.35 27.91
CA ALA A 418 5.32 -4.75 29.10
C ALA A 418 6.28 -5.22 30.17
N GLY A 419 6.22 -4.59 31.35
CA GLY A 419 7.14 -4.89 32.42
C GLY A 419 8.52 -4.33 32.13
N TYR A 420 8.72 -3.89 30.89
CA TYR A 420 10.00 -3.33 30.47
C TYR A 420 9.80 -2.11 29.57
N ALA A 421 10.85 -1.30 29.46
CA ALA A 421 10.87 -0.18 28.53
C ALA A 421 12.33 0.07 28.16
N THR A 422 12.57 0.99 27.23
CA THR A 422 13.95 1.26 26.85
C THR A 422 14.17 2.67 26.35
N ASP A 423 15.27 3.28 26.79
CA ASP A 423 15.70 4.57 26.28
C ASP A 423 17.21 4.56 26.11
N ILE A 424 17.65 4.49 24.85
CA ILE A 424 19.07 4.49 24.54
C ILE A 424 19.39 5.63 23.59
N PRO A 425 20.18 6.61 24.07
CA PRO A 425 20.54 7.76 23.24
C PRO A 425 21.46 7.34 22.10
N PRO A 426 21.52 8.15 21.04
CA PRO A 426 22.44 7.94 19.90
C PRO A 426 23.84 8.42 20.23
N HIS A 427 24.84 7.86 19.55
CA HIS A 427 26.22 8.25 19.79
C HIS A 427 26.96 8.55 18.50
N ASN A 428 28.10 9.20 18.62
CA ASN A 428 28.93 9.49 17.46
C ASN A 428 29.51 8.22 16.83
N LEU A 429 29.24 8.04 15.53
CA LEU A 429 29.71 6.88 14.80
C LEU A 429 31.20 6.64 15.05
N ALA A 430 32.01 7.66 14.87
CA ALA A 430 33.46 7.53 15.08
C ALA A 430 33.81 7.09 16.50
N GLU A 431 33.17 7.70 17.50
CA GLU A 431 33.48 7.40 18.89
C GLU A 431 33.15 5.96 19.27
N VAL A 432 31.92 5.55 19.01
CA VAL A 432 31.49 4.18 19.29
C VAL A 432 32.47 3.17 18.68
N ILE A 433 32.94 3.47 17.48
CA ILE A 433 33.84 2.56 16.78
C ILE A 433 35.22 2.50 17.45
N ASP A 434 35.74 3.67 17.83
CA ASP A 434 36.99 3.71 18.57
C ASP A 434 36.92 2.79 19.79
N ALA A 435 35.82 2.87 20.54
CA ALA A 435 35.61 2.00 21.68
C ALA A 435 35.62 0.54 21.27
N ALA A 436 34.76 0.19 20.32
CA ALA A 436 34.69 -1.18 19.82
C ALA A 436 36.08 -1.69 19.43
N VAL A 437 36.81 -0.87 18.66
CA VAL A 437 38.15 -1.24 18.24
C VAL A 437 39.05 -1.50 19.43
N TYR A 438 38.99 -0.62 20.43
CA TYR A 438 39.82 -0.79 21.62
C TYR A 438 39.44 -2.06 22.38
N MET A 439 38.13 -2.27 22.57
CA MET A 439 37.67 -3.44 23.31
C MET A 439 38.00 -4.75 22.57
N ILE A 440 38.13 -4.68 21.25
CA ILE A 440 38.54 -5.85 20.49
C ILE A 440 39.96 -6.25 20.90
N ASP A 441 40.81 -5.24 21.10
CA ASP A 441 42.19 -5.45 21.50
C ASP A 441 42.32 -5.66 23.01
N HIS A 442 41.31 -5.25 23.76
CA HIS A 442 41.34 -5.36 25.22
C HIS A 442 39.99 -5.78 25.76
N PRO A 443 39.64 -7.07 25.59
CA PRO A 443 38.35 -7.65 25.94
C PRO A 443 37.84 -7.21 27.32
N THR A 444 38.74 -7.15 28.29
CA THR A 444 38.33 -6.85 29.66
C THR A 444 38.51 -5.38 30.02
N ALA A 445 38.28 -4.50 29.05
CA ALA A 445 38.47 -3.07 29.26
C ALA A 445 37.46 -2.49 30.24
N LYS A 446 37.94 -1.68 31.18
CA LYS A 446 37.08 -1.01 32.14
C LYS A 446 36.36 0.18 31.51
N ILE A 447 35.20 0.53 32.05
CA ILE A 447 34.39 1.60 31.46
C ILE A 447 35.08 2.97 31.54
N ASP A 448 35.86 3.18 32.59
CA ASP A 448 36.62 4.43 32.73
C ASP A 448 37.53 4.65 31.52
N LYS A 449 38.15 3.58 31.04
CA LYS A 449 39.04 3.65 29.90
C LYS A 449 38.25 3.81 28.59
N LEU A 450 37.14 3.08 28.48
CA LEU A 450 36.30 3.16 27.30
C LEU A 450 35.79 4.59 27.09
N MET A 451 35.60 5.33 28.17
CA MET A 451 35.06 6.68 28.08
C MET A 451 36.07 7.71 27.55
N GLU A 452 37.32 7.28 27.37
CA GLU A 452 38.31 8.13 26.72
C GLU A 452 38.06 8.13 25.21
N PHE A 453 37.29 7.13 24.76
CA PHE A 453 36.96 6.99 23.34
C PHE A 453 35.49 7.35 23.11
N LEU A 454 34.64 6.90 24.02
CA LEU A 454 33.20 7.10 23.94
C LEU A 454 32.75 7.93 25.14
N PRO A 455 32.99 9.24 25.08
CA PRO A 455 32.78 10.15 26.22
C PRO A 455 31.32 10.28 26.64
N GLY A 456 30.41 10.09 25.70
CA GLY A 456 28.99 10.19 26.01
C GLY A 456 28.09 10.28 24.79
N PRO A 457 26.78 10.39 25.04
CA PRO A 457 25.74 10.52 24.00
C PRO A 457 26.07 11.64 23.02
N ASP A 458 25.58 11.52 21.78
CA ASP A 458 25.73 12.57 20.80
C ASP A 458 24.44 12.78 20.01
N PHE A 459 23.48 13.47 20.63
CA PHE A 459 22.21 13.76 19.99
C PHE A 459 22.40 14.46 18.63
N PRO A 460 21.56 14.07 17.64
CA PRO A 460 21.60 14.67 16.31
C PRO A 460 21.05 16.10 16.34
N THR A 461 20.31 16.43 17.39
CA THR A 461 19.83 17.79 17.60
C THR A 461 20.82 18.60 18.43
N GLY A 462 21.99 18.02 18.69
CA GLY A 462 23.07 18.70 19.40
C GLY A 462 22.75 19.05 20.85
N ALA A 463 22.99 20.30 21.20
CA ALA A 463 22.72 20.79 22.55
C ALA A 463 23.83 20.42 23.55
N ILE A 464 23.53 20.61 24.83
CA ILE A 464 24.51 20.41 25.89
C ILE A 464 24.09 19.31 26.86
N ILE A 465 24.95 18.31 27.03
CA ILE A 465 24.72 17.23 27.98
C ILE A 465 25.54 17.43 29.24
N GLN A 466 24.87 17.42 30.41
CA GLN A 466 25.54 17.66 31.68
C GLN A 466 25.40 16.48 32.64
N GLY A 467 26.53 16.01 33.15
CA GLY A 467 26.54 14.96 34.15
C GLY A 467 27.50 13.82 33.84
N ARG A 468 28.80 14.11 33.88
CA ARG A 468 29.80 13.08 33.60
C ARG A 468 29.59 11.88 34.52
N ASP A 469 29.30 12.16 35.78
CA ASP A 469 29.08 11.09 36.76
C ASP A 469 27.93 10.18 36.35
N GLU A 470 26.76 10.77 36.10
CA GLU A 470 25.59 9.99 35.70
C GLU A 470 25.80 9.26 34.37
N ILE A 471 26.49 9.88 33.43
CA ILE A 471 26.84 9.21 32.19
C ILE A 471 27.57 7.92 32.48
N LYS A 472 28.50 7.96 33.43
CA LYS A 472 29.26 6.77 33.80
C LYS A 472 28.34 5.75 34.44
N LYS A 473 27.57 6.19 35.42
CA LYS A 473 26.64 5.29 36.11
C LYS A 473 25.81 4.55 35.06
N ALA A 474 25.44 5.26 34.00
CA ALA A 474 24.61 4.69 32.95
C ALA A 474 25.38 3.66 32.12
N TYR A 475 26.55 4.06 31.62
CA TYR A 475 27.38 3.15 30.85
C TYR A 475 27.76 1.94 31.68
N GLU A 476 27.55 2.04 33.00
CA GLU A 476 27.98 1.00 33.92
C GLU A 476 26.85 0.03 34.28
N THR A 477 25.64 0.55 34.45
CA THR A 477 24.53 -0.26 34.92
C THR A 477 23.31 -0.20 34.01
N GLY A 478 23.34 0.70 33.04
CA GLY A 478 22.24 0.82 32.09
C GLY A 478 21.26 1.93 32.43
N LYS A 479 21.23 2.35 33.69
CA LYS A 479 20.41 3.48 34.09
C LYS A 479 21.26 4.67 34.52
N GLY A 480 20.67 5.86 34.43
CA GLY A 480 21.36 7.09 34.78
C GLY A 480 20.62 8.27 34.20
N ARG A 481 20.49 9.34 34.97
CA ARG A 481 19.74 10.52 34.56
C ARG A 481 20.68 11.69 34.31
N VAL A 482 20.76 12.12 33.06
CA VAL A 482 21.65 13.21 32.68
C VAL A 482 20.80 14.44 32.36
N VAL A 483 21.43 15.60 32.25
CA VAL A 483 20.71 16.81 31.90
C VAL A 483 21.07 17.28 30.49
N VAL A 484 20.06 17.66 29.71
CA VAL A 484 20.29 18.21 28.38
C VAL A 484 19.78 19.63 28.28
N ARG A 485 20.68 20.56 27.97
CA ARG A 485 20.35 21.98 27.95
C ARG A 485 20.53 22.60 26.58
N SER A 486 19.63 23.51 26.23
CA SER A 486 19.65 24.17 24.93
C SER A 486 20.86 25.09 24.78
N LYS A 487 21.39 25.17 23.56
CA LYS A 487 22.52 26.05 23.28
C LYS A 487 22.05 27.48 23.14
N THR A 488 22.26 28.27 24.18
CA THR A 488 21.79 29.65 24.21
C THR A 488 22.89 30.67 23.91
N GLU A 489 22.47 31.92 23.71
CA GLU A 489 23.39 33.01 23.41
C GLU A 489 22.64 34.33 23.53
N ILE A 490 23.21 35.26 24.29
CA ILE A 490 22.59 36.57 24.48
C ILE A 490 22.97 37.52 23.36
N GLU A 491 22.04 38.39 23.00
CA GLU A 491 22.30 39.42 21.99
C GLU A 491 21.73 40.75 22.43
N LYS A 492 22.62 41.71 22.70
CA LYS A 492 22.20 43.03 23.12
C LYS A 492 21.54 43.75 21.94
N LEU A 493 20.56 44.59 22.23
CA LEU A 493 19.82 45.29 21.19
C LEU A 493 19.94 46.80 21.36
N LYS A 494 19.10 47.54 20.64
CA LYS A 494 19.14 49.00 20.69
C LYS A 494 18.14 49.56 21.69
N GLY A 495 18.58 49.76 22.92
CA GLY A 495 17.73 50.34 23.96
C GLY A 495 17.92 49.74 25.33
N GLY A 496 19.10 49.15 25.57
CA GLY A 496 19.41 48.55 26.85
C GLY A 496 18.68 47.23 27.08
N LYS A 497 18.01 46.75 26.04
CA LYS A 497 17.27 45.51 26.12
C LYS A 497 18.07 44.36 25.51
N GLU A 498 18.14 43.24 26.22
CA GLU A 498 18.84 42.07 25.72
C GLU A 498 17.88 41.10 25.03
N GLN A 499 18.40 39.97 24.57
CA GLN A 499 17.58 38.98 23.86
C GLN A 499 18.23 37.59 23.89
N ILE A 500 17.46 36.59 24.29
CA ILE A 500 17.96 35.22 24.38
C ILE A 500 17.75 34.49 23.05
N VAL A 501 18.81 33.92 22.50
CA VAL A 501 18.74 33.25 21.21
C VAL A 501 19.12 31.78 21.27
N ILE A 502 18.12 30.91 21.15
CA ILE A 502 18.32 29.47 21.21
C ILE A 502 18.67 28.94 19.82
N THR A 503 19.70 28.11 19.76
CA THR A 503 20.18 27.59 18.48
C THR A 503 20.09 26.06 18.43
N GLU A 504 19.98 25.44 19.60
CA GLU A 504 19.87 23.98 19.69
C GLU A 504 19.00 23.58 20.87
N ILE A 505 18.16 22.56 20.69
CA ILE A 505 17.28 22.10 21.76
C ILE A 505 17.44 20.62 22.07
N PRO A 506 16.82 20.17 23.18
CA PRO A 506 16.97 18.81 23.70
C PRO A 506 16.38 17.74 22.77
N TYR A 507 17.11 16.66 22.58
CA TYR A 507 16.63 15.51 21.81
C TYR A 507 15.19 15.15 22.17
N GLU A 508 14.42 14.78 21.16
CA GLU A 508 13.03 14.36 21.33
C GLU A 508 12.12 15.46 21.89
N ILE A 509 12.45 16.71 21.59
CA ILE A 509 11.62 17.83 22.02
C ILE A 509 11.03 18.59 20.83
N ASN A 510 9.71 18.74 20.84
CA ASN A 510 8.97 19.38 19.76
C ASN A 510 9.16 20.89 19.74
N LYS A 511 9.77 21.41 18.68
CA LYS A 511 10.11 22.84 18.60
C LYS A 511 8.87 23.73 18.71
N ALA A 512 7.80 23.32 18.03
CA ALA A 512 6.57 24.11 18.00
C ALA A 512 5.90 24.19 19.37
N ASN A 513 5.90 23.08 20.10
CA ASN A 513 5.30 23.05 21.43
C ASN A 513 6.13 23.81 22.45
N LEU A 514 7.45 23.75 22.30
CA LEU A 514 8.36 24.49 23.17
C LEU A 514 8.09 25.98 23.05
N VAL A 515 8.11 26.47 21.81
CA VAL A 515 7.90 27.89 21.56
C VAL A 515 6.56 28.38 22.10
N LYS A 516 5.55 27.52 22.05
CA LYS A 516 4.25 27.84 22.62
C LYS A 516 4.34 27.96 24.15
N LYS A 517 4.96 26.97 24.78
CA LYS A 517 5.02 26.92 26.24
C LYS A 517 5.85 28.07 26.80
N ILE A 518 6.83 28.54 26.02
CA ILE A 518 7.63 29.69 26.40
C ILE A 518 6.78 30.96 26.28
N ASP A 519 6.06 31.08 25.17
CA ASP A 519 5.18 32.22 24.96
C ASP A 519 4.04 32.24 25.97
N ASP A 520 3.69 31.06 26.49
CA ASP A 520 2.70 30.97 27.56
C ASP A 520 3.23 31.65 28.81
N VAL A 521 4.52 31.46 29.08
CA VAL A 521 5.17 32.14 30.20
C VAL A 521 5.02 33.65 30.05
N ARG A 522 5.30 34.15 28.85
CA ARG A 522 5.15 35.57 28.55
C ARG A 522 3.71 36.03 28.75
N VAL A 523 2.76 35.25 28.25
CA VAL A 523 1.35 35.60 28.34
C VAL A 523 0.82 35.56 29.77
N ASN A 524 1.25 34.56 30.53
CA ASN A 524 0.82 34.38 31.92
C ASN A 524 1.62 35.24 32.89
N ASN A 525 2.73 35.78 32.43
CA ASN A 525 3.64 36.53 33.29
C ASN A 525 3.97 35.76 34.57
N LYS A 526 4.25 34.46 34.42
CA LYS A 526 4.70 33.63 35.52
C LYS A 526 5.96 34.26 36.10
N VAL A 527 6.76 34.81 35.19
CA VAL A 527 7.93 35.59 35.57
C VAL A 527 8.00 36.83 34.69
N ALA A 528 8.28 37.98 35.30
CA ALA A 528 8.33 39.23 34.56
C ALA A 528 9.61 39.33 33.74
N GLY A 529 9.52 39.96 32.58
CA GLY A 529 10.70 40.21 31.77
C GLY A 529 10.53 39.98 30.28
N ILE A 530 9.75 38.98 29.91
CA ILE A 530 9.65 38.58 28.52
C ILE A 530 8.85 39.56 27.67
N ALA A 531 9.47 40.04 26.60
CA ALA A 531 8.88 41.04 25.72
C ALA A 531 8.13 40.39 24.56
N GLU A 532 8.77 39.43 23.90
CA GLU A 532 8.14 38.69 22.81
C GLU A 532 8.90 37.39 22.53
N VAL A 533 8.23 36.43 21.89
CA VAL A 533 8.85 35.15 21.54
C VAL A 533 8.68 34.85 20.05
N ARG A 534 9.80 34.71 19.35
CA ARG A 534 9.76 34.52 17.90
C ARG A 534 10.53 33.29 17.45
N ASP A 535 9.83 32.32 16.86
CA ASP A 535 10.49 31.21 16.20
C ASP A 535 10.96 31.75 14.85
N GLU A 536 12.28 31.87 14.69
CA GLU A 536 12.84 32.45 13.47
C GLU A 536 13.64 31.42 12.68
N SER A 537 13.31 30.15 12.88
CA SER A 537 13.98 29.08 12.18
C SER A 537 13.64 29.10 10.69
N ASP A 538 14.65 28.95 9.84
CA ASP A 538 14.43 28.85 8.40
C ASP A 538 14.92 27.50 7.87
N ARG A 539 14.71 27.26 6.57
CA ARG A 539 15.04 25.98 5.98
C ARG A 539 16.52 25.62 6.16
N ASP A 540 17.32 26.60 6.55
CA ASP A 540 18.75 26.39 6.74
C ASP A 540 19.23 27.03 8.04
N GLY A 541 18.61 26.65 9.15
CA GLY A 541 18.98 27.18 10.45
C GLY A 541 17.85 27.12 11.46
N LEU A 542 18.21 26.95 12.72
CA LEU A 542 17.22 26.93 13.81
C LEU A 542 17.50 28.07 14.79
N ARG A 543 16.52 28.97 14.94
CA ARG A 543 16.70 30.15 15.75
C ARG A 543 15.42 30.60 16.44
N ILE A 544 15.39 30.48 17.77
CA ILE A 544 14.30 31.02 18.57
C ILE A 544 14.79 32.23 19.35
N ALA A 545 14.17 33.38 19.11
CA ALA A 545 14.57 34.61 19.77
C ALA A 545 13.57 34.97 20.87
N ILE A 546 14.07 35.13 22.09
CA ILE A 546 13.25 35.60 23.21
C ILE A 546 13.65 37.02 23.57
N GLU A 547 13.03 38.00 22.94
CA GLU A 547 13.32 39.40 23.22
C GLU A 547 12.85 39.74 24.64
N LEU A 548 13.65 40.52 25.35
CA LEU A 548 13.33 40.90 26.72
C LEU A 548 13.02 42.38 26.83
N LYS A 549 12.42 42.76 27.95
CA LYS A 549 12.08 44.16 28.20
C LYS A 549 13.28 44.92 28.75
N LYS A 550 13.24 46.25 28.67
CA LYS A 550 14.31 47.07 29.21
C LYS A 550 14.44 46.85 30.70
N ASP A 551 15.68 46.75 31.18
CA ASP A 551 15.94 46.54 32.59
C ASP A 551 15.15 45.34 33.12
N ALA A 552 15.46 44.17 32.59
CA ALA A 552 14.78 42.93 32.99
C ALA A 552 15.79 41.83 33.26
N ASN A 553 15.84 41.37 34.51
CA ASN A 553 16.83 40.39 34.94
C ASN A 553 16.85 39.15 34.04
N THR A 554 17.69 39.20 33.01
CA THR A 554 17.74 38.13 32.00
C THR A 554 18.34 36.85 32.54
N GLU A 555 18.83 36.88 33.77
CA GLU A 555 19.31 35.66 34.41
C GLU A 555 18.12 34.93 35.01
N LEU A 556 17.31 35.66 35.77
CA LEU A 556 16.14 35.11 36.44
C LEU A 556 15.25 34.37 35.45
N VAL A 557 15.06 34.99 34.29
CA VAL A 557 14.20 34.46 33.23
C VAL A 557 14.74 33.16 32.64
N LEU A 558 15.97 33.20 32.14
CA LEU A 558 16.59 32.03 31.53
C LEU A 558 16.59 30.85 32.48
N ASN A 559 16.78 31.12 33.76
CA ASN A 559 16.73 30.06 34.77
C ASN A 559 15.34 29.47 34.92
N TYR A 560 14.33 30.33 34.92
CA TYR A 560 12.95 29.89 35.05
C TYR A 560 12.54 28.98 33.90
N LEU A 561 12.89 29.36 32.68
CA LEU A 561 12.54 28.59 31.50
C LEU A 561 13.21 27.22 31.49
N PHE A 562 14.43 27.16 32.00
CA PHE A 562 15.17 25.90 32.08
C PHE A 562 14.42 24.91 32.98
N LYS A 563 13.88 25.44 34.08
CA LYS A 563 13.19 24.62 35.07
C LYS A 563 11.75 24.26 34.66
N TYR A 564 11.04 25.22 34.08
CA TYR A 564 9.60 25.06 33.86
C TYR A 564 9.17 24.86 32.40
N THR A 565 10.14 24.76 31.50
CA THR A 565 9.85 24.36 30.13
C THR A 565 10.89 23.34 29.69
N ASP A 566 10.75 22.82 28.48
CA ASP A 566 11.67 21.80 28.01
C ASP A 566 12.90 22.42 27.36
N LEU A 567 13.13 23.70 27.63
CA LEU A 567 14.40 24.32 27.26
C LEU A 567 15.53 23.48 27.83
N GLN A 568 15.25 22.86 28.98
CA GLN A 568 16.16 21.91 29.61
C GLN A 568 15.36 20.74 30.17
N ILE A 569 15.82 19.52 29.92
CA ILE A 569 15.12 18.32 30.36
C ILE A 569 16.11 17.36 31.00
N ASN A 570 15.58 16.40 31.75
CA ASN A 570 16.39 15.27 32.18
C ASN A 570 16.21 14.13 31.19
N TYR A 571 17.30 13.64 30.61
CA TYR A 571 17.23 12.46 29.79
C TYR A 571 17.59 11.25 30.64
N ASN A 572 16.70 10.26 30.67
CA ASN A 572 16.94 9.06 31.47
C ASN A 572 17.38 7.86 30.64
N PHE A 573 18.66 7.50 30.77
CA PHE A 573 19.13 6.23 30.24
C PHE A 573 18.28 5.12 30.85
N ASN A 574 17.89 4.17 30.02
CA ASN A 574 17.25 2.95 30.50
C ASN A 574 17.54 1.85 29.50
N MET A 575 18.82 1.64 29.25
CA MET A 575 19.28 0.79 28.16
C MET A 575 18.88 -0.67 28.31
N VAL A 576 17.76 -1.02 27.69
CA VAL A 576 17.29 -2.40 27.65
C VAL A 576 17.29 -2.88 26.20
N ALA A 577 17.75 -4.10 26.00
CA ALA A 577 17.77 -4.69 24.66
C ALA A 577 17.45 -6.17 24.77
N ILE A 578 17.35 -6.84 23.62
CA ILE A 578 17.13 -8.28 23.63
C ILE A 578 18.41 -9.05 23.36
N ASP A 579 18.88 -9.74 24.40
CA ASP A 579 20.03 -10.62 24.31
C ASP A 579 19.56 -12.05 24.52
N ASN A 580 20.04 -12.96 23.68
CA ASN A 580 19.58 -14.35 23.72
C ASN A 580 18.07 -14.48 23.96
N PHE A 581 17.29 -13.85 23.08
CA PHE A 581 15.83 -14.00 23.09
C PHE A 581 15.13 -13.42 24.32
N THR A 582 15.89 -12.89 25.26
CA THR A 582 15.29 -12.33 26.47
C THR A 582 15.69 -10.87 26.67
N PRO A 583 14.83 -10.08 27.33
CA PRO A 583 15.14 -8.68 27.66
C PRO A 583 16.26 -8.60 28.69
N ARG A 584 17.18 -7.67 28.51
CA ARG A 584 18.34 -7.54 29.40
C ARG A 584 18.73 -6.07 29.56
N GLN A 585 18.70 -5.58 30.79
CA GLN A 585 19.22 -4.25 31.06
C GLN A 585 20.73 -4.32 30.98
N VAL A 586 21.31 -3.53 30.09
CA VAL A 586 22.73 -3.64 29.81
C VAL A 586 23.44 -2.30 29.84
N GLY A 587 24.77 -2.33 29.77
CA GLY A 587 25.57 -1.13 29.77
C GLY A 587 26.49 -1.12 28.56
N ILE A 588 27.40 -0.16 28.54
CA ILE A 588 28.32 -0.01 27.41
C ILE A 588 29.12 -1.29 27.11
N VAL A 589 29.39 -2.09 28.13
CA VAL A 589 30.25 -3.26 27.93
C VAL A 589 29.57 -4.46 27.28
N PRO A 590 28.47 -4.94 27.87
CA PRO A 590 27.69 -6.02 27.26
C PRO A 590 27.27 -5.67 25.84
N ILE A 591 26.90 -4.42 25.63
CA ILE A 591 26.51 -3.93 24.31
C ILE A 591 27.63 -4.10 23.31
N LEU A 592 28.83 -3.66 23.67
CA LEU A 592 29.98 -3.74 22.77
C LEU A 592 30.49 -5.17 22.59
N SER A 593 30.40 -5.96 23.66
CA SER A 593 30.82 -7.35 23.57
C SER A 593 29.83 -8.13 22.72
N SER A 594 28.55 -7.89 22.93
CA SER A 594 27.50 -8.52 22.14
C SER A 594 27.69 -8.19 20.66
N TYR A 595 28.08 -6.95 20.39
CA TYR A 595 28.35 -6.53 19.03
C TYR A 595 29.53 -7.31 18.46
N ILE A 596 30.66 -7.25 19.14
CA ILE A 596 31.88 -7.91 18.69
C ILE A 596 31.63 -9.40 18.45
N ALA A 597 30.97 -10.05 19.41
CA ALA A 597 30.61 -11.46 19.27
C ALA A 597 29.91 -11.68 17.95
N HIS A 598 28.87 -10.88 17.71
CA HIS A 598 28.08 -10.92 16.48
C HIS A 598 28.93 -10.77 15.24
N ARG A 599 29.64 -9.65 15.14
CA ARG A 599 30.54 -9.42 14.01
C ARG A 599 31.44 -10.62 13.77
N ARG A 600 31.92 -11.23 14.85
CA ARG A 600 32.73 -12.44 14.74
C ARG A 600 31.94 -13.51 13.98
N GLU A 601 30.71 -13.76 14.44
CA GLU A 601 29.82 -14.71 13.77
C GLU A 601 29.66 -14.41 12.29
N VAL A 602 29.30 -13.17 11.98
CA VAL A 602 29.15 -12.73 10.60
C VAL A 602 30.43 -12.96 9.78
N ILE A 603 31.53 -12.40 10.23
CA ILE A 603 32.79 -12.53 9.49
C ILE A 603 33.19 -13.98 9.29
N LEU A 604 32.97 -14.81 10.31
CA LEU A 604 33.22 -16.23 10.17
C LEU A 604 32.28 -16.83 9.11
N ALA A 605 30.98 -16.58 9.28
CA ALA A 605 29.99 -17.06 8.32
C ALA A 605 30.31 -16.59 6.91
N ARG A 606 30.54 -15.29 6.75
CA ARG A 606 30.81 -14.73 5.44
C ARG A 606 31.99 -15.42 4.78
N SER A 607 33.00 -15.76 5.57
CA SER A 607 34.21 -16.36 5.03
C SER A 607 34.01 -17.81 4.62
N ARG A 608 33.23 -18.55 5.39
CA ARG A 608 32.92 -19.93 5.02
C ARG A 608 32.22 -19.93 3.67
N PHE A 609 31.30 -18.98 3.51
CA PHE A 609 30.54 -18.84 2.28
C PHE A 609 31.45 -18.59 1.06
N ASP A 610 32.22 -17.52 1.10
CA ASP A 610 33.14 -17.20 0.02
C ASP A 610 34.12 -18.34 -0.23
N LYS A 611 34.51 -19.03 0.83
CA LYS A 611 35.47 -20.11 0.70
C LYS A 611 34.81 -21.29 -0.02
N GLU A 612 33.60 -21.63 0.40
CA GLU A 612 32.90 -22.75 -0.22
C GLU A 612 32.71 -22.48 -1.72
N LYS A 613 32.49 -21.22 -2.05
CA LYS A 613 32.34 -20.81 -3.45
C LYS A 613 33.65 -21.02 -4.20
N ALA A 614 34.72 -20.42 -3.69
CA ALA A 614 36.03 -20.58 -4.31
C ALA A 614 36.39 -22.06 -4.49
N GLU A 615 36.13 -22.87 -3.46
CA GLU A 615 36.37 -24.30 -3.54
C GLU A 615 35.65 -24.95 -4.72
N LYS A 616 34.31 -24.88 -4.70
CA LYS A 616 33.50 -25.51 -5.74
C LYS A 616 34.05 -25.17 -7.13
N ARG A 617 34.44 -23.91 -7.30
CA ARG A 617 35.01 -23.44 -8.55
C ARG A 617 36.36 -24.11 -8.82
N LEU A 618 37.32 -23.88 -7.91
CA LEU A 618 38.65 -24.47 -7.98
C LEU A 618 38.56 -25.95 -8.34
N HIS A 619 37.60 -26.64 -7.72
CA HIS A 619 37.37 -28.06 -8.00
C HIS A 619 37.01 -28.28 -9.46
N ILE A 620 36.08 -27.47 -9.98
CA ILE A 620 35.67 -27.57 -11.38
C ILE A 620 36.82 -27.25 -12.30
N VAL A 621 37.57 -26.20 -11.97
CA VAL A 621 38.67 -25.75 -12.80
C VAL A 621 39.75 -26.81 -12.92
N GLU A 622 39.88 -27.65 -11.89
CA GLU A 622 40.83 -28.76 -11.94
C GLU A 622 40.43 -29.76 -13.02
N GLY A 623 39.14 -30.13 -13.03
CA GLY A 623 38.62 -31.05 -14.02
C GLY A 623 38.80 -30.57 -15.45
N LEU A 624 38.47 -29.30 -15.70
CA LEU A 624 38.61 -28.72 -17.03
C LEU A 624 40.04 -28.79 -17.53
N ILE A 625 40.99 -28.41 -16.68
CA ILE A 625 42.39 -28.51 -17.03
C ILE A 625 42.77 -29.93 -17.39
N ARG A 626 42.14 -30.89 -16.71
CA ARG A 626 42.38 -32.30 -17.00
C ARG A 626 41.76 -32.68 -18.34
N VAL A 627 40.47 -32.38 -18.48
CA VAL A 627 39.75 -32.66 -19.72
C VAL A 627 40.59 -32.32 -20.94
N ILE A 628 41.17 -31.12 -20.94
CA ILE A 628 42.00 -30.68 -22.05
C ILE A 628 43.14 -31.65 -22.33
N SER A 629 43.58 -32.36 -21.31
CA SER A 629 44.67 -33.33 -21.45
C SER A 629 44.18 -34.58 -22.17
N ILE A 630 42.87 -34.77 -22.16
CA ILE A 630 42.27 -35.96 -22.76
C ILE A 630 40.99 -35.61 -23.53
N LEU A 631 41.01 -34.48 -24.20
CA LEU A 631 39.84 -33.96 -24.90
C LEU A 631 39.18 -34.99 -25.80
N ASP A 632 39.97 -35.62 -26.68
CA ASP A 632 39.44 -36.55 -27.66
C ASP A 632 38.77 -37.77 -27.03
N GLU A 633 39.40 -38.34 -26.01
CA GLU A 633 38.83 -39.47 -25.30
C GLU A 633 37.52 -39.11 -24.59
N VAL A 634 37.42 -37.87 -24.11
CA VAL A 634 36.24 -37.43 -23.37
C VAL A 634 35.06 -37.18 -24.30
N ILE A 635 35.35 -36.63 -25.47
CA ILE A 635 34.31 -36.44 -26.48
C ILE A 635 33.84 -37.79 -26.98
N ALA A 636 34.79 -38.71 -27.12
CA ALA A 636 34.51 -40.08 -27.53
C ALA A 636 33.56 -40.76 -26.56
N LEU A 637 33.86 -40.60 -25.27
CA LEU A 637 33.10 -41.24 -24.21
C LEU A 637 31.69 -40.65 -24.10
N ILE A 638 31.57 -39.38 -24.44
CA ILE A 638 30.27 -38.72 -24.46
C ILE A 638 29.48 -39.18 -25.68
N ARG A 639 30.15 -39.22 -26.82
CA ARG A 639 29.53 -39.72 -28.04
C ARG A 639 29.07 -41.17 -27.86
N ALA A 640 29.72 -41.89 -26.96
CA ALA A 640 29.40 -43.30 -26.71
C ALA A 640 28.39 -43.47 -25.59
N SER A 641 28.06 -42.39 -24.90
CA SER A 641 27.09 -42.45 -23.81
C SER A 641 25.65 -42.44 -24.33
N GLU A 642 24.74 -42.98 -23.52
CA GLU A 642 23.35 -43.15 -23.93
C GLU A 642 22.53 -41.90 -23.64
N ASN A 643 23.00 -41.11 -22.68
CA ASN A 643 22.30 -39.90 -22.25
C ASN A 643 23.18 -39.10 -21.30
N LYS A 644 22.63 -38.02 -20.76
CA LYS A 644 23.41 -37.17 -19.85
C LYS A 644 23.85 -37.96 -18.64
N ALA A 645 22.91 -38.63 -18.00
CA ALA A 645 23.20 -39.44 -16.82
C ALA A 645 24.33 -40.44 -17.13
N ASP A 646 24.13 -41.24 -18.17
CA ASP A 646 25.11 -42.25 -18.54
C ASP A 646 26.48 -41.65 -18.83
N ALA A 647 26.48 -40.46 -19.43
CA ALA A 647 27.72 -39.78 -19.77
C ALA A 647 28.52 -39.41 -18.53
N LYS A 648 27.82 -38.92 -17.52
CA LYS A 648 28.46 -38.58 -16.26
C LYS A 648 28.98 -39.85 -15.59
N GLU A 649 28.12 -40.86 -15.47
CA GLU A 649 28.54 -42.12 -14.88
C GLU A 649 29.80 -42.64 -15.55
N ASN A 650 29.90 -42.46 -16.87
CA ASN A 650 31.08 -42.90 -17.60
C ASN A 650 32.31 -42.06 -17.26
N LEU A 651 32.11 -40.77 -17.09
CA LEU A 651 33.21 -39.87 -16.76
C LEU A 651 33.81 -40.21 -15.40
N LYS A 652 32.94 -40.43 -14.41
CA LYS A 652 33.38 -40.82 -13.08
C LYS A 652 34.15 -42.14 -13.14
N VAL A 653 33.48 -43.16 -13.67
CA VAL A 653 34.03 -44.52 -13.66
C VAL A 653 35.32 -44.68 -14.47
N SER A 654 35.42 -43.98 -15.59
CA SER A 654 36.54 -44.21 -16.50
C SER A 654 37.70 -43.24 -16.29
N TYR A 655 37.41 -42.01 -15.85
CA TYR A 655 38.45 -41.00 -15.69
C TYR A 655 38.45 -40.34 -14.32
N ASP A 656 37.59 -40.84 -13.43
CA ASP A 656 37.63 -40.46 -12.03
C ASP A 656 37.28 -39.01 -11.76
N PHE A 657 36.47 -38.41 -12.64
CA PHE A 657 35.90 -37.10 -12.33
C PHE A 657 34.83 -37.29 -11.27
N THR A 658 34.56 -36.25 -10.51
CA THR A 658 33.50 -36.30 -9.51
C THR A 658 32.18 -35.93 -10.15
N GLU A 659 31.10 -36.03 -9.38
CA GLU A 659 29.81 -35.60 -9.86
C GLU A 659 29.91 -34.15 -10.33
N GLU A 660 30.16 -33.26 -9.39
CA GLU A 660 30.25 -31.83 -9.68
C GLU A 660 31.04 -31.53 -10.96
N GLN A 661 32.10 -32.30 -11.20
CA GLN A 661 32.94 -32.08 -12.37
C GLN A 661 32.29 -32.62 -13.63
N ALA A 662 31.71 -33.81 -13.54
CA ALA A 662 31.04 -34.42 -14.69
C ALA A 662 29.88 -33.55 -15.15
N GLU A 663 29.23 -32.88 -14.21
CA GLU A 663 28.13 -31.98 -14.53
C GLU A 663 28.65 -30.74 -15.27
N ALA A 664 29.74 -30.16 -14.76
CA ALA A 664 30.34 -29.01 -15.42
C ALA A 664 30.83 -29.38 -16.82
N ILE A 665 31.49 -30.52 -16.93
CA ILE A 665 32.07 -30.98 -18.19
C ILE A 665 31.00 -31.29 -19.23
N VAL A 666 29.96 -31.98 -18.80
CA VAL A 666 28.94 -32.47 -19.71
C VAL A 666 27.95 -31.39 -20.15
N THR A 667 28.00 -30.24 -19.49
CA THR A 667 27.13 -29.12 -19.86
C THR A 667 27.93 -27.98 -20.48
N LEU A 668 29.16 -28.26 -20.89
CA LEU A 668 29.93 -27.30 -21.68
C LEU A 668 29.26 -27.14 -23.04
N GLN A 669 29.34 -25.94 -23.60
CA GLN A 669 28.84 -25.70 -24.96
C GLN A 669 29.91 -26.10 -25.97
N LEU A 670 29.48 -26.67 -27.10
CA LEU A 670 30.42 -27.21 -28.09
C LEU A 670 31.63 -26.32 -28.36
N TYR A 671 31.42 -25.01 -28.44
CA TYR A 671 32.51 -24.12 -28.85
C TYR A 671 33.68 -24.13 -27.86
N ARG A 672 33.45 -24.61 -26.64
CA ARG A 672 34.54 -24.79 -25.70
C ARG A 672 35.59 -25.70 -26.33
N LEU A 673 35.12 -26.75 -26.99
CA LEU A 673 36.02 -27.71 -27.62
C LEU A 673 37.04 -27.07 -28.56
N THR A 674 36.89 -25.76 -28.81
CA THR A 674 37.86 -25.06 -29.65
C THR A 674 39.12 -24.79 -28.87
N ASN A 675 38.96 -24.55 -27.57
CA ASN A 675 40.06 -24.15 -26.69
C ASN A 675 40.99 -25.28 -26.26
N THR A 676 42.26 -24.95 -26.09
CA THR A 676 43.23 -25.89 -25.52
C THR A 676 44.23 -25.17 -24.61
N ASP A 677 43.98 -23.88 -24.38
CA ASP A 677 44.85 -23.08 -23.52
C ASP A 677 44.62 -23.40 -22.05
N VAL A 678 45.64 -23.95 -21.41
CA VAL A 678 45.57 -24.32 -20.01
C VAL A 678 46.09 -23.21 -19.11
N VAL A 679 46.91 -22.32 -19.65
CA VAL A 679 47.56 -21.29 -18.85
C VAL A 679 46.56 -20.38 -18.15
N VAL A 680 45.64 -19.81 -18.91
CA VAL A 680 44.64 -18.92 -18.35
C VAL A 680 43.93 -19.57 -17.17
N LEU A 681 43.51 -20.82 -17.36
CA LEU A 681 42.82 -21.57 -16.33
C LEU A 681 43.70 -21.76 -15.09
N GLN A 682 44.97 -22.08 -15.32
CA GLN A 682 45.93 -22.22 -14.23
C GLN A 682 46.09 -20.93 -13.43
N GLU A 683 46.15 -19.80 -14.11
CA GLU A 683 46.16 -18.50 -13.43
C GLU A 683 44.95 -18.35 -12.52
N GLU A 684 43.77 -18.74 -12.99
CA GLU A 684 42.58 -18.71 -12.15
C GLU A 684 42.73 -19.70 -10.99
N GLU A 685 43.32 -20.85 -11.28
CA GLU A 685 43.53 -21.89 -10.27
C GLU A 685 44.42 -21.37 -9.14
N ALA A 686 45.42 -20.58 -9.51
CA ALA A 686 46.28 -19.93 -8.53
C ALA A 686 45.50 -18.92 -7.69
N GLU A 687 44.90 -17.95 -8.37
CA GLU A 687 44.14 -16.91 -7.69
C GLU A 687 43.18 -17.50 -6.66
N LEU A 688 42.52 -18.60 -7.01
CA LEU A 688 41.53 -19.22 -6.15
C LEU A 688 42.18 -19.85 -4.93
N ARG A 689 43.31 -20.50 -5.14
CA ARG A 689 44.06 -21.11 -4.04
C ARG A 689 44.47 -20.09 -3.00
N GLU A 690 44.89 -18.90 -3.43
CA GLU A 690 45.23 -17.83 -2.51
C GLU A 690 44.01 -17.33 -1.74
N LYS A 691 42.91 -17.11 -2.44
CA LYS A 691 41.69 -16.64 -1.79
C LYS A 691 41.23 -17.63 -0.71
N ILE A 692 41.46 -18.91 -0.98
CA ILE A 692 41.05 -19.96 -0.05
C ILE A 692 41.98 -19.98 1.16
N ALA A 693 43.26 -19.71 0.90
CA ALA A 693 44.24 -19.63 1.98
C ALA A 693 43.83 -18.54 2.95
N MET A 694 43.71 -17.30 2.46
CA MET A 694 43.41 -16.17 3.32
C MET A 694 42.12 -16.38 4.10
N LEU A 695 41.12 -16.95 3.43
CA LEU A 695 39.81 -17.17 4.04
C LEU A 695 39.87 -18.24 5.12
N ALA A 696 40.63 -19.30 4.86
CA ALA A 696 40.79 -20.36 5.84
C ALA A 696 41.44 -19.81 7.11
N ALA A 697 42.48 -19.01 6.93
CA ALA A 697 43.22 -18.43 8.04
C ALA A 697 42.32 -17.58 8.94
N ILE A 698 41.42 -16.83 8.33
CA ILE A 698 40.49 -16.00 9.09
C ILE A 698 39.60 -16.89 9.96
N ILE A 699 39.44 -18.14 9.54
CA ILE A 699 38.52 -19.04 10.23
C ILE A 699 39.24 -19.85 11.27
N GLY A 700 40.54 -20.06 11.05
CA GLY A 700 41.36 -20.84 11.97
C GLY A 700 42.15 -20.03 12.98
N ASP A 701 42.29 -18.73 12.74
CA ASP A 701 43.08 -17.86 13.61
C ASP A 701 42.25 -16.71 14.18
N GLU A 702 41.97 -16.77 15.47
CA GLU A 702 41.13 -15.79 16.14
C GLU A 702 41.68 -14.37 15.96
N ARG A 703 43.01 -14.24 15.92
CA ARG A 703 43.64 -12.93 15.80
C ARG A 703 43.49 -12.37 14.38
N THR A 704 43.86 -13.17 13.39
CA THR A 704 43.67 -12.78 11.99
C THR A 704 42.23 -12.30 11.79
N MET A 705 41.29 -13.02 12.38
CA MET A 705 39.88 -12.65 12.27
C MET A 705 39.62 -11.28 12.89
N TYR A 706 40.04 -11.08 14.14
CA TYR A 706 39.82 -9.80 14.81
C TYR A 706 40.54 -8.65 14.10
N ASN A 707 41.72 -8.93 13.56
CA ASN A 707 42.40 -7.92 12.75
C ASN A 707 41.47 -7.44 11.66
N LEU A 708 40.91 -8.40 10.93
CA LEU A 708 39.97 -8.13 9.85
C LEU A 708 38.82 -7.27 10.34
N MET A 709 38.20 -7.70 11.43
CA MET A 709 37.06 -7.00 12.01
C MET A 709 37.42 -5.56 12.38
N LYS A 710 38.65 -5.35 12.83
CA LYS A 710 39.12 -4.00 13.12
C LYS A 710 39.31 -3.22 11.83
N LYS A 711 39.98 -3.84 10.85
CA LYS A 711 40.26 -3.19 9.58
C LYS A 711 39.00 -2.60 8.98
N GLU A 712 37.93 -3.39 9.00
CA GLU A 712 36.66 -2.96 8.41
C GLU A 712 35.99 -1.87 9.25
N LEU A 713 35.91 -2.10 10.55
CA LEU A 713 35.32 -1.10 11.44
C LEU A 713 35.94 0.26 11.19
N ARG A 714 37.23 0.28 10.88
CA ARG A 714 37.93 1.54 10.63
C ARG A 714 37.54 2.16 9.28
N GLU A 715 37.34 1.33 8.27
CA GLU A 715 36.91 1.81 6.96
C GLU A 715 35.55 2.50 7.11
N VAL A 716 34.63 1.86 7.83
CA VAL A 716 33.33 2.44 8.10
C VAL A 716 33.49 3.81 8.78
N LYS A 717 34.31 3.86 9.82
CA LYS A 717 34.57 5.10 10.55
C LYS A 717 35.07 6.20 9.64
N LYS A 718 36.06 5.87 8.80
CA LYS A 718 36.64 6.86 7.91
C LYS A 718 35.63 7.39 6.91
N LYS A 719 34.66 6.56 6.56
CA LYS A 719 33.72 6.89 5.50
C LYS A 719 32.50 7.66 5.98
N PHE A 720 32.05 7.38 7.20
CA PHE A 720 30.81 7.98 7.69
C PHE A 720 31.02 8.85 8.92
N ALA A 721 32.26 9.00 9.34
CA ALA A 721 32.56 9.79 10.53
C ALA A 721 32.07 11.22 10.37
N THR A 722 31.53 11.77 11.44
CA THR A 722 31.14 13.18 11.46
C THR A 722 31.38 13.75 12.85
N PRO A 723 31.62 15.07 12.91
CA PRO A 723 31.89 15.82 14.14
C PRO A 723 30.79 15.68 15.19
N ARG A 724 31.11 15.99 16.45
CA ARG A 724 30.11 15.98 17.50
C ARG A 724 29.13 17.12 17.32
N LEU A 725 27.92 16.93 17.80
CA LEU A 725 26.91 17.97 17.78
C LEU A 725 26.65 18.45 19.20
N SER A 726 26.48 17.49 20.10
CA SER A 726 26.27 17.77 21.51
C SER A 726 27.62 18.02 22.18
N SER A 727 27.67 19.01 23.06
CA SER A 727 28.87 19.26 23.87
C SER A 727 28.71 18.67 25.26
N LEU A 728 29.81 18.24 25.86
CA LEU A 728 29.76 17.58 27.16
C LEU A 728 30.30 18.46 28.29
N GLU A 729 29.64 18.38 29.44
CA GLU A 729 30.00 19.18 30.62
C GLU A 729 29.82 18.36 31.89
N ASP A 730 30.55 18.70 32.95
CA ASP A 730 30.42 18.02 34.23
C ASP A 730 29.91 18.97 35.31
N LYS B 13 -6.79 26.13 9.99
CA LYS B 13 -6.11 25.62 8.81
C LYS B 13 -5.10 26.62 8.25
N LEU B 14 -5.27 27.89 8.62
CA LEU B 14 -4.37 28.95 8.16
C LEU B 14 -3.05 28.97 8.93
N THR B 15 -1.96 29.21 8.20
CA THR B 15 -0.65 29.42 8.81
C THR B 15 -0.21 30.85 8.53
N PRO B 16 -0.55 31.77 9.43
CA PRO B 16 -0.32 33.21 9.24
C PRO B 16 1.15 33.55 9.00
N ALA B 17 1.41 34.76 8.53
CA ALA B 17 2.77 35.28 8.42
C ALA B 17 3.14 36.02 9.71
N GLN B 18 4.43 36.03 10.04
CA GLN B 18 4.89 36.65 11.27
C GLN B 18 4.29 38.04 11.46
N SER B 19 4.47 38.90 10.47
CA SER B 19 3.97 40.27 10.56
C SER B 19 2.84 40.54 9.56
N LYS B 20 2.11 41.63 9.78
CA LYS B 20 1.04 42.03 8.88
C LYS B 20 1.54 43.11 7.91
N ASN B 21 0.96 43.16 6.72
CA ASN B 21 1.38 44.11 5.71
C ASN B 21 0.58 43.94 4.41
N PRO B 22 -0.57 44.60 4.32
CA PRO B 22 -1.45 44.52 3.14
C PRO B 22 -0.77 45.01 1.87
N ALA B 23 0.56 44.98 1.86
CA ALA B 23 1.32 45.46 0.70
C ALA B 23 2.39 44.47 0.25
N LYS B 24 2.86 43.65 1.19
CA LYS B 24 3.89 42.66 0.89
C LYS B 24 3.41 41.22 1.10
N ASN B 25 2.72 41.00 2.21
CA ASN B 25 2.21 39.67 2.54
C ASN B 25 1.49 39.00 1.36
N GLU B 26 1.81 37.74 1.13
CA GLU B 26 1.18 36.96 0.07
C GLU B 26 0.35 35.83 0.67
N LEU B 27 -0.60 35.32 -0.11
CA LEU B 27 -1.47 34.24 0.35
C LEU B 27 -1.48 33.07 -0.63
N TYR B 28 -0.65 32.07 -0.36
CA TYR B 28 -0.62 30.87 -1.18
C TYR B 28 -1.79 29.95 -0.85
N LEU B 29 -2.64 29.69 -1.83
CA LEU B 29 -3.74 28.75 -1.68
C LEU B 29 -3.32 27.38 -2.21
N VAL B 30 -2.88 26.51 -1.32
CA VAL B 30 -2.29 25.25 -1.72
C VAL B 30 -3.31 24.11 -1.86
N GLU B 31 -3.07 23.25 -2.84
CA GLU B 31 -3.91 22.08 -3.07
C GLU B 31 -3.47 20.93 -2.18
N GLY B 32 -4.27 20.61 -1.17
CA GLY B 32 -3.98 19.49 -0.30
C GLY B 32 -3.17 19.85 0.93
N ASP B 33 -3.35 19.08 1.99
CA ASP B 33 -2.66 19.34 3.25
C ASP B 33 -1.16 19.07 3.17
N SER B 34 -0.79 17.90 2.65
CA SER B 34 0.61 17.50 2.57
C SER B 34 1.48 18.52 1.83
N ALA B 35 0.96 19.06 0.74
CA ALA B 35 1.68 20.11 0.01
C ALA B 35 1.59 21.42 0.79
N GLY B 36 0.45 21.65 1.43
CA GLY B 36 0.30 22.79 2.30
C GLY B 36 1.28 22.72 3.46
N GLY B 37 1.80 21.52 3.69
CA GLY B 37 2.79 21.29 4.73
C GLY B 37 4.19 21.61 4.25
N SER B 38 4.60 20.95 3.16
CA SER B 38 5.91 21.22 2.56
C SER B 38 6.07 22.71 2.29
N ALA B 39 4.95 23.41 2.20
CA ALA B 39 4.95 24.85 1.96
C ALA B 39 5.16 25.62 3.27
N LYS B 40 4.47 25.20 4.32
CA LYS B 40 4.63 25.80 5.64
C LYS B 40 6.10 25.84 6.04
N GLN B 41 6.85 24.85 5.57
CA GLN B 41 8.27 24.71 5.91
C GLN B 41 9.17 25.50 4.97
N GLY B 42 8.99 25.31 3.67
CA GLY B 42 9.81 25.96 2.67
C GLY B 42 9.63 27.47 2.57
N ARG B 43 8.50 27.96 3.07
CA ARG B 43 8.16 29.37 2.93
C ARG B 43 9.08 30.28 3.72
N ASP B 44 8.78 31.57 3.72
CA ASP B 44 9.47 32.55 4.55
C ASP B 44 8.46 33.22 5.47
N ARG B 45 8.38 32.74 6.71
CA ARG B 45 7.34 33.17 7.65
C ARG B 45 7.21 34.68 7.78
N LYS B 46 8.11 35.42 7.16
CA LYS B 46 8.11 36.87 7.27
C LYS B 46 6.90 37.53 6.61
N PHE B 47 6.47 36.99 5.46
CA PHE B 47 5.38 37.61 4.70
C PHE B 47 4.54 36.62 3.91
N GLN B 48 4.92 35.35 3.92
CA GLN B 48 4.20 34.33 3.16
C GLN B 48 3.26 33.49 4.05
N ALA B 49 1.96 33.66 3.83
CA ALA B 49 0.96 32.89 4.57
C ALA B 49 0.51 31.66 3.77
N ILE B 50 -0.01 30.66 4.46
CA ILE B 50 -0.45 29.43 3.80
C ILE B 50 -1.87 29.06 4.20
N LEU B 51 -2.72 28.82 3.21
CA LEU B 51 -4.08 28.31 3.47
C LEU B 51 -4.38 27.13 2.57
N PRO B 52 -4.28 25.91 3.12
CA PRO B 52 -4.52 24.67 2.40
C PRO B 52 -5.97 24.54 1.93
N LEU B 53 -6.16 23.92 0.77
CA LEU B 53 -7.49 23.65 0.26
C LEU B 53 -7.75 22.13 0.24
N ARG B 54 -8.51 21.66 1.21
CA ARG B 54 -8.78 20.23 1.35
C ARG B 54 -9.93 19.80 0.43
N GLY B 55 -9.58 19.25 -0.72
CA GLY B 55 -10.58 18.74 -1.65
C GLY B 55 -10.85 19.68 -2.80
N LYS B 56 -11.69 19.24 -3.73
CA LYS B 56 -12.10 20.09 -4.85
C LYS B 56 -13.01 21.20 -4.35
N VAL B 57 -12.75 22.43 -4.79
CA VAL B 57 -13.50 23.58 -4.33
C VAL B 57 -14.89 23.65 -4.96
N ILE B 58 -15.85 24.10 -4.17
CA ILE B 58 -17.25 24.17 -4.61
C ILE B 58 -17.42 25.08 -5.83
N ASN B 59 -18.08 24.55 -6.85
CA ASN B 59 -18.38 25.31 -8.07
C ASN B 59 -19.41 26.39 -7.80
N THR B 60 -18.96 27.63 -7.67
CA THR B 60 -19.84 28.74 -7.33
C THR B 60 -20.61 29.29 -8.53
N ALA B 61 -20.80 28.44 -9.54
CA ALA B 61 -21.58 28.80 -10.72
C ALA B 61 -22.78 27.88 -10.89
N LYS B 62 -22.77 26.78 -10.14
CA LYS B 62 -23.84 25.79 -10.22
C LYS B 62 -24.61 25.68 -8.90
N ALA B 63 -23.88 25.60 -7.80
CA ALA B 63 -24.49 25.39 -6.49
C ALA B 63 -25.31 26.59 -6.02
N LYS B 64 -26.39 26.30 -5.29
CA LYS B 64 -27.26 27.35 -4.76
C LYS B 64 -26.52 28.24 -3.77
N MET B 65 -26.73 29.55 -3.89
CA MET B 65 -26.04 30.51 -3.02
C MET B 65 -26.21 30.15 -1.54
N ALA B 66 -27.10 29.20 -1.26
CA ALA B 66 -27.32 28.73 0.11
C ALA B 66 -26.24 27.74 0.51
N ASP B 67 -26.01 26.73 -0.32
CA ASP B 67 -24.97 25.75 -0.07
C ASP B 67 -23.59 26.39 -0.13
N ILE B 68 -23.49 27.52 -0.82
CA ILE B 68 -22.23 28.25 -0.92
C ILE B 68 -21.85 28.91 0.41
N LEU B 69 -22.79 29.61 1.01
CA LEU B 69 -22.56 30.27 2.28
C LEU B 69 -22.16 29.27 3.35
N LYS B 70 -22.58 28.01 3.17
CA LYS B 70 -22.36 26.97 4.17
C LYS B 70 -21.05 26.22 3.98
N ASN B 71 -20.34 26.52 2.89
CA ASN B 71 -19.09 25.83 2.56
C ASN B 71 -17.90 26.38 3.35
N GLU B 72 -17.31 25.54 4.19
CA GLU B 72 -16.21 25.95 5.06
C GLU B 72 -15.05 26.56 4.27
N GLU B 73 -14.70 25.95 3.15
CA GLU B 73 -13.58 26.41 2.34
C GLU B 73 -13.78 27.86 1.89
N ILE B 74 -15.00 28.18 1.46
CA ILE B 74 -15.32 29.52 0.98
C ILE B 74 -15.34 30.55 2.10
N ASN B 75 -16.09 30.25 3.16
CA ASN B 75 -16.22 31.17 4.28
C ASN B 75 -14.89 31.53 4.92
N THR B 76 -14.01 30.55 5.08
CA THR B 76 -12.70 30.78 5.68
C THR B 76 -11.80 31.56 4.74
N MET B 77 -12.17 31.63 3.46
CA MET B 77 -11.43 32.42 2.50
C MET B 77 -11.86 33.88 2.57
N ILE B 78 -13.16 34.11 2.46
CA ILE B 78 -13.71 35.47 2.56
C ILE B 78 -13.24 36.14 3.85
N TYR B 79 -12.84 35.33 4.83
CA TYR B 79 -12.40 35.86 6.12
C TYR B 79 -10.90 36.18 6.15
N THR B 80 -10.07 35.17 5.92
CA THR B 80 -8.62 35.36 5.96
C THR B 80 -8.17 36.44 4.98
N ILE B 81 -8.75 36.45 3.79
CA ILE B 81 -8.51 37.53 2.84
C ILE B 81 -9.00 38.82 3.47
N GLY B 82 -10.02 38.70 4.32
CA GLY B 82 -10.52 39.82 5.10
C GLY B 82 -10.91 41.03 4.29
N ALA B 83 -12.05 40.95 3.62
CA ALA B 83 -12.57 42.07 2.85
C ALA B 83 -14.02 41.83 2.45
N GLY B 84 -14.69 40.94 3.18
CA GLY B 84 -16.06 40.58 2.86
C GLY B 84 -16.14 39.86 1.54
N VAL B 85 -17.35 39.78 0.99
CA VAL B 85 -17.56 39.09 -0.29
C VAL B 85 -18.56 39.83 -1.18
N GLY B 86 -18.38 39.69 -2.49
CA GLY B 86 -19.31 40.25 -3.46
C GLY B 86 -19.53 41.74 -3.33
N ALA B 87 -20.80 42.13 -3.23
CA ALA B 87 -21.19 43.53 -3.19
C ALA B 87 -20.50 44.28 -2.05
N ASP B 88 -20.52 43.70 -0.85
CA ASP B 88 -19.90 44.32 0.31
C ASP B 88 -18.40 44.01 0.35
N PHE B 89 -17.72 44.21 -0.77
CA PHE B 89 -16.30 43.90 -0.89
C PHE B 89 -15.46 45.16 -1.09
N SER B 90 -14.67 45.51 -0.08
CA SER B 90 -13.79 46.67 -0.15
C SER B 90 -12.34 46.23 -0.36
N ILE B 91 -11.82 46.49 -1.55
CA ILE B 91 -10.47 46.06 -1.92
C ILE B 91 -9.40 46.68 -1.02
N GLU B 92 -9.80 47.65 -0.21
CA GLU B 92 -8.87 48.36 0.65
C GLU B 92 -8.56 47.61 1.95
N ASP B 93 -9.54 46.89 2.46
CA ASP B 93 -9.40 46.21 3.75
C ASP B 93 -8.73 44.84 3.65
N ALA B 94 -8.26 44.49 2.45
CA ALA B 94 -7.59 43.22 2.22
C ALA B 94 -6.35 43.07 3.10
N ASN B 95 -5.87 41.85 3.25
CA ASN B 95 -4.68 41.58 4.07
C ASN B 95 -3.47 41.21 3.23
N TYR B 96 -3.70 40.88 1.97
CA TYR B 96 -2.64 40.44 1.07
C TYR B 96 -2.60 41.28 -0.19
N ASP B 97 -1.41 41.46 -0.74
CA ASP B 97 -1.24 42.18 -2.00
C ASP B 97 -1.21 41.19 -3.16
N LYS B 98 -0.88 39.94 -2.85
CA LYS B 98 -0.82 38.90 -3.87
C LYS B 98 -1.45 37.60 -3.38
N ILE B 99 -2.45 37.12 -4.12
CA ILE B 99 -3.08 35.84 -3.85
C ILE B 99 -2.60 34.81 -4.87
N ILE B 100 -1.64 33.99 -4.49
CA ILE B 100 -1.06 33.02 -5.41
C ILE B 100 -1.70 31.63 -5.31
N ILE B 101 -2.34 31.20 -6.39
CA ILE B 101 -2.94 29.86 -6.44
C ILE B 101 -1.89 28.83 -6.83
N MET B 102 -1.69 27.83 -5.96
CA MET B 102 -0.62 26.85 -6.16
C MET B 102 -1.16 25.42 -6.08
N THR B 103 -1.20 24.76 -7.23
CA THR B 103 -1.73 23.40 -7.31
C THR B 103 -0.73 22.48 -8.01
N ASP B 104 -0.97 21.17 -7.92
CA ASP B 104 -0.17 20.22 -8.67
C ASP B 104 -0.16 20.67 -10.12
N ALA B 105 0.84 20.24 -10.88
CA ALA B 105 0.88 20.53 -12.30
C ALA B 105 0.14 19.44 -13.06
N ASP B 106 -0.81 18.80 -12.39
CA ASP B 106 -1.63 17.75 -13.02
C ASP B 106 -2.97 18.31 -13.50
N THR B 107 -3.79 17.44 -14.10
CA THR B 107 -5.08 17.87 -14.64
C THR B 107 -6.05 18.33 -13.55
N ASP B 108 -6.07 17.61 -12.44
CA ASP B 108 -6.93 17.98 -11.31
C ASP B 108 -6.47 19.29 -10.69
N GLY B 109 -5.19 19.62 -10.87
CA GLY B 109 -4.68 20.89 -10.44
C GLY B 109 -5.32 21.99 -11.27
N ALA B 110 -5.48 21.71 -12.56
CA ALA B 110 -6.10 22.65 -13.47
C ALA B 110 -7.57 22.87 -13.11
N HIS B 111 -8.26 21.79 -12.76
CA HIS B 111 -9.67 21.89 -12.39
C HIS B 111 -9.85 22.87 -11.22
N ILE B 112 -8.98 22.76 -10.23
CA ILE B 112 -9.04 23.62 -9.06
C ILE B 112 -8.86 25.09 -9.41
N GLN B 113 -7.85 25.39 -10.23
CA GLN B 113 -7.62 26.76 -10.66
C GLN B 113 -8.88 27.31 -11.28
N THR B 114 -9.56 26.46 -12.05
CA THR B 114 -10.82 26.81 -12.67
C THR B 114 -11.89 27.17 -11.64
N LEU B 115 -12.27 26.20 -10.81
CA LEU B 115 -13.29 26.39 -9.80
C LEU B 115 -13.01 27.63 -8.94
N LEU B 116 -11.74 27.84 -8.60
CA LEU B 116 -11.35 29.00 -7.79
C LEU B 116 -11.57 30.30 -8.55
N LEU B 117 -10.98 30.39 -9.74
CA LEU B 117 -11.08 31.60 -10.54
C LEU B 117 -12.52 32.05 -10.77
N THR B 118 -13.43 31.10 -10.93
CA THR B 118 -14.83 31.43 -11.14
C THR B 118 -15.44 32.00 -9.86
N PHE B 119 -14.70 31.89 -8.76
CA PHE B 119 -15.16 32.44 -7.48
C PHE B 119 -14.62 33.85 -7.26
N PHE B 120 -13.31 34.02 -7.43
CA PHE B 120 -12.69 35.34 -7.32
C PHE B 120 -13.26 36.26 -8.39
N TYR B 121 -13.97 35.68 -9.34
CA TYR B 121 -14.59 36.43 -10.41
C TYR B 121 -15.99 36.85 -9.99
N ARG B 122 -16.81 35.87 -9.63
CA ARG B 122 -18.21 36.11 -9.29
C ARG B 122 -18.39 36.95 -8.03
N TYR B 123 -17.62 36.64 -6.99
CA TYR B 123 -17.83 37.25 -5.68
C TYR B 123 -16.67 38.13 -5.20
N MET B 124 -15.72 38.40 -6.08
CA MET B 124 -14.58 39.25 -5.73
C MET B 124 -13.90 39.85 -6.96
N ARG B 125 -14.70 40.25 -7.94
CA ARG B 125 -14.18 40.80 -9.19
C ARG B 125 -13.05 41.80 -8.95
N PRO B 126 -13.31 42.84 -8.12
CA PRO B 126 -12.34 43.86 -7.74
C PRO B 126 -10.93 43.28 -7.53
N LEU B 127 -10.84 42.15 -6.83
CA LEU B 127 -9.55 41.54 -6.50
C LEU B 127 -8.81 41.06 -7.75
N VAL B 128 -9.54 40.42 -8.66
CA VAL B 128 -8.95 39.91 -9.88
C VAL B 128 -8.71 41.04 -10.89
N GLU B 129 -9.63 41.99 -10.95
CA GLU B 129 -9.53 43.09 -11.89
C GLU B 129 -8.34 43.99 -11.58
N ALA B 130 -7.81 43.89 -10.36
CA ALA B 130 -6.67 44.69 -9.95
C ALA B 130 -5.36 43.95 -10.19
N GLY B 131 -5.45 42.74 -10.71
CA GLY B 131 -4.28 41.93 -10.99
C GLY B 131 -3.61 41.43 -9.72
N HIS B 132 -4.42 41.10 -8.72
CA HIS B 132 -3.92 40.62 -7.44
C HIS B 132 -3.99 39.10 -7.35
N VAL B 133 -4.62 38.47 -8.33
CA VAL B 133 -4.77 37.02 -8.34
C VAL B 133 -3.80 36.36 -9.32
N TYR B 134 -2.83 35.63 -8.77
CA TYR B 134 -1.79 35.00 -9.58
C TYR B 134 -1.91 33.48 -9.59
N ILE B 135 -0.98 32.81 -10.25
CA ILE B 135 -0.97 31.36 -10.31
C ILE B 135 0.46 30.83 -10.34
N ALA B 136 0.89 30.20 -9.25
CA ALA B 136 2.24 29.67 -9.16
C ALA B 136 2.43 28.50 -10.11
N LEU B 137 3.52 28.54 -10.86
CA LEU B 137 3.83 27.49 -11.82
C LEU B 137 5.00 26.63 -11.34
N PRO B 138 4.70 25.52 -10.65
CA PRO B 138 5.71 24.57 -10.18
C PRO B 138 6.41 23.92 -11.37
N PRO B 139 7.67 23.51 -11.18
CA PRO B 139 8.44 22.86 -12.24
C PRO B 139 7.93 21.46 -12.52
N LEU B 140 8.12 20.98 -13.75
CA LEU B 140 7.61 19.66 -14.13
C LEU B 140 8.73 18.62 -14.11
N TYR B 141 9.95 19.05 -14.42
CA TYR B 141 11.08 18.15 -14.48
C TYR B 141 12.17 18.58 -13.51
N LYS B 142 13.03 17.64 -13.12
CA LYS B 142 14.10 17.95 -12.18
C LYS B 142 15.33 17.07 -12.41
N MET B 143 16.34 17.64 -13.06
CA MET B 143 17.59 16.92 -13.28
C MET B 143 18.75 17.45 -12.42
N ALA B 154 19.03 18.76 -12.44
CA ALA B 154 18.40 19.79 -13.28
C ALA B 154 17.02 20.30 -12.85
N TYR B 155 16.61 21.43 -13.43
CA TYR B 155 15.29 22.02 -13.18
C TYR B 155 14.76 22.68 -14.45
N ALA B 156 13.55 22.28 -14.86
CA ALA B 156 12.93 22.83 -16.07
C ALA B 156 11.41 22.73 -16.02
N TRP B 157 10.74 23.68 -16.67
CA TRP B 157 9.28 23.73 -16.70
C TRP B 157 8.70 23.16 -18.00
N THR B 158 9.27 23.56 -19.13
CA THR B 158 8.81 23.08 -20.42
C THR B 158 9.67 21.91 -20.88
N ASP B 159 9.10 21.02 -21.69
CA ASP B 159 9.85 19.91 -22.26
C ASP B 159 11.07 20.45 -23.01
N GLY B 160 10.93 21.65 -23.57
CA GLY B 160 12.00 22.30 -24.28
C GLY B 160 13.17 22.65 -23.39
N GLU B 161 12.87 23.26 -22.25
CA GLU B 161 13.90 23.60 -21.27
C GLU B 161 14.57 22.33 -20.74
N LEU B 162 13.87 21.21 -20.87
CA LEU B 162 14.39 19.92 -20.42
C LEU B 162 15.60 19.50 -21.25
N GLU B 163 15.36 19.19 -22.51
CA GLU B 163 16.43 18.75 -23.42
C GLU B 163 17.67 19.62 -23.28
N GLU B 164 17.48 20.89 -22.95
CA GLU B 164 18.59 21.82 -22.79
C GLU B 164 19.43 21.49 -21.57
N LEU B 165 18.79 21.04 -20.50
CA LEU B 165 19.48 20.68 -19.27
C LEU B 165 20.20 19.34 -19.40
N ARG B 166 19.74 18.51 -20.32
CA ARG B 166 20.39 17.22 -20.60
C ARG B 166 21.69 17.43 -21.35
N LYS B 167 21.74 18.49 -22.16
CA LYS B 167 22.96 18.86 -22.86
C LYS B 167 23.99 19.39 -21.88
N GLN B 168 23.53 20.23 -20.96
CA GLN B 168 24.40 20.83 -19.95
C GLN B 168 24.78 19.83 -18.87
N LEU B 175 16.18 12.69 -14.95
CA LEU B 175 14.97 13.50 -14.84
C LEU B 175 13.98 12.89 -13.85
N GLN B 176 13.53 13.70 -12.90
CA GLN B 176 12.53 13.24 -11.94
C GLN B 176 11.18 13.91 -12.20
N ARG B 177 10.42 13.33 -13.12
CA ARG B 177 9.10 13.87 -13.48
C ARG B 177 8.20 14.06 -12.26
N TYR B 178 7.92 15.33 -11.93
CA TYR B 178 7.06 15.66 -10.80
C TYR B 178 5.58 15.46 -11.12
N LYS B 179 4.96 14.49 -10.48
CA LYS B 179 3.55 14.19 -10.70
C LYS B 179 2.66 15.01 -9.77
N GLY B 180 3.27 15.74 -8.86
CA GLY B 180 2.54 16.57 -7.92
C GLY B 180 3.47 17.43 -7.07
N LEU B 181 2.89 18.14 -6.10
CA LEU B 181 3.66 18.98 -5.20
C LEU B 181 4.25 18.17 -4.04
N GLY B 182 3.52 17.17 -3.58
CA GLY B 182 3.93 16.36 -2.44
C GLY B 182 5.19 15.57 -2.68
N GLU B 183 5.74 15.68 -3.88
CA GLU B 183 6.92 14.91 -4.26
C GLU B 183 8.23 15.68 -4.02
N MET B 184 8.13 17.00 -3.88
CA MET B 184 9.30 17.84 -3.74
C MET B 184 9.56 18.24 -2.29
N ASN B 185 10.84 18.40 -1.94
CA ASN B 185 11.23 18.79 -0.59
C ASN B 185 11.04 20.29 -0.37
N ALA B 186 10.96 20.69 0.90
CA ALA B 186 10.72 22.08 1.25
C ALA B 186 11.71 23.06 0.61
N ASP B 187 13.01 22.79 0.79
CA ASP B 187 14.04 23.64 0.20
C ASP B 187 13.94 23.59 -1.33
N GLN B 188 13.21 22.60 -1.83
CA GLN B 188 12.99 22.47 -3.26
C GLN B 188 11.86 23.39 -3.73
N LEU B 189 10.76 23.41 -2.97
CA LEU B 189 9.60 24.23 -3.32
C LEU B 189 9.90 25.72 -3.22
N TRP B 190 10.72 26.10 -2.25
CA TRP B 190 11.06 27.51 -2.05
C TRP B 190 11.88 28.05 -3.22
N GLU B 191 12.95 27.35 -3.56
CA GLU B 191 13.88 27.81 -4.60
C GLU B 191 13.23 27.90 -5.97
N THR B 192 12.30 26.99 -6.25
CA THR B 192 11.73 26.89 -7.59
C THR B 192 10.47 27.72 -7.82
N THR B 193 9.61 27.83 -6.81
CA THR B 193 8.32 28.48 -6.99
C THR B 193 7.94 29.46 -5.88
N MET B 194 8.52 29.31 -4.70
CA MET B 194 8.13 30.14 -3.56
C MET B 194 8.97 31.42 -3.42
N ASN B 195 10.19 31.39 -3.93
CA ASN B 195 11.08 32.54 -3.84
C ASN B 195 10.68 33.63 -4.85
N PRO B 196 10.24 34.79 -4.33
CA PRO B 196 9.76 35.93 -5.13
C PRO B 196 10.77 36.38 -6.18
N GLU B 197 12.01 35.92 -6.06
CA GLU B 197 13.05 36.31 -6.99
C GLU B 197 13.37 35.19 -7.99
N THR B 198 12.94 33.98 -7.67
CA THR B 198 13.26 32.82 -8.50
C THR B 198 12.02 32.16 -9.10
N ARG B 199 10.84 32.74 -8.82
CA ARG B 199 9.59 32.11 -9.23
C ARG B 199 8.99 32.71 -10.50
N THR B 200 7.98 32.02 -11.04
CA THR B 200 7.25 32.48 -12.21
C THR B 200 5.75 32.46 -11.92
N LEU B 201 5.06 33.53 -12.32
CA LEU B 201 3.63 33.65 -12.03
C LEU B 201 2.81 34.09 -13.24
N ILE B 202 1.69 33.42 -13.47
CA ILE B 202 0.76 33.79 -14.53
C ILE B 202 -0.32 34.72 -13.96
N ARG B 203 -0.01 36.02 -13.90
CA ARG B 203 -0.92 37.00 -13.34
C ARG B 203 -2.22 37.07 -14.14
N VAL B 204 -3.34 36.82 -13.47
CA VAL B 204 -4.65 36.78 -14.12
C VAL B 204 -5.19 38.19 -14.37
N THR B 205 -5.30 38.54 -15.64
CA THR B 205 -5.82 39.84 -16.06
C THR B 205 -7.09 39.67 -16.88
N ILE B 206 -8.11 40.47 -16.57
CA ILE B 206 -9.36 40.44 -17.32
C ILE B 206 -9.28 41.40 -18.52
N GLU B 207 -9.11 40.82 -19.71
CA GLU B 207 -8.88 41.63 -20.92
C GLU B 207 -10.17 42.03 -21.63
N ASP B 208 -11.27 41.34 -21.30
CA ASP B 208 -12.55 41.62 -21.93
C ASP B 208 -13.70 41.11 -21.04
N LEU B 209 -14.38 42.03 -20.39
CA LEU B 209 -15.45 41.69 -19.45
C LEU B 209 -16.54 40.83 -20.10
N ALA B 210 -16.76 41.04 -21.40
CA ALA B 210 -17.82 40.32 -22.11
C ALA B 210 -17.38 38.93 -22.57
N ARG B 211 -16.25 38.87 -23.25
CA ARG B 211 -15.72 37.59 -23.75
C ARG B 211 -15.23 36.68 -22.63
N ALA B 212 -15.18 37.22 -21.41
CA ALA B 212 -14.77 36.45 -20.25
C ALA B 212 -15.98 35.87 -19.52
N GLU B 213 -17.07 36.62 -19.52
CA GLU B 213 -18.31 36.16 -18.91
C GLU B 213 -18.85 34.93 -19.65
N ARG B 214 -18.92 35.02 -20.97
CA ARG B 214 -19.41 33.92 -21.80
C ARG B 214 -18.52 32.69 -21.67
N ARG B 215 -17.23 32.92 -21.44
CA ARG B 215 -16.27 31.85 -21.32
C ARG B 215 -16.46 31.06 -20.02
N VAL B 216 -16.67 31.80 -18.92
CA VAL B 216 -16.86 31.18 -17.61
C VAL B 216 -18.17 30.40 -17.54
N ASN B 217 -19.25 31.03 -17.99
CA ASN B 217 -20.57 30.39 -17.95
C ASN B 217 -20.63 29.09 -18.73
N VAL B 218 -20.13 29.10 -19.97
CA VAL B 218 -20.17 27.93 -20.82
C VAL B 218 -19.51 26.73 -20.14
N LEU B 219 -18.47 26.99 -19.36
CA LEU B 219 -17.68 25.93 -18.75
C LEU B 219 -18.15 25.53 -17.34
N MET B 220 -18.71 26.49 -16.62
CA MET B 220 -19.00 26.28 -15.20
C MET B 220 -20.49 26.35 -14.85
N GLY B 221 -21.30 26.81 -15.79
CA GLY B 221 -22.72 27.01 -15.53
C GLY B 221 -23.52 25.74 -15.42
N ASP B 222 -24.82 25.88 -15.21
CA ASP B 222 -25.71 24.73 -15.07
C ASP B 222 -25.88 23.99 -16.40
N LYS B 223 -26.29 24.72 -17.43
CA LYS B 223 -26.56 24.15 -18.75
C LYS B 223 -25.42 23.24 -19.23
N VAL B 224 -25.78 22.02 -19.65
CA VAL B 224 -24.80 21.04 -20.07
C VAL B 224 -24.58 21.04 -21.58
N GLU B 225 -25.64 21.34 -22.33
CA GLU B 225 -25.60 21.30 -23.79
C GLU B 225 -24.47 22.18 -24.35
N PRO B 226 -24.44 23.45 -23.94
CA PRO B 226 -23.39 24.38 -24.39
C PRO B 226 -22.00 23.85 -24.08
N ARG B 227 -21.77 23.46 -22.83
CA ARG B 227 -20.46 22.95 -22.42
C ARG B 227 -20.03 21.75 -23.23
N ARG B 228 -20.96 20.84 -23.51
CA ARG B 228 -20.66 19.67 -24.33
C ARG B 228 -20.21 20.12 -25.72
N LYS B 229 -20.95 21.08 -26.28
CA LYS B 229 -20.61 21.63 -27.60
C LYS B 229 -19.24 22.31 -27.58
N TRP B 230 -19.01 23.16 -26.59
CA TRP B 230 -17.75 23.89 -26.50
C TRP B 230 -16.55 22.96 -26.52
N ILE B 231 -16.69 21.82 -25.86
CA ILE B 231 -15.63 20.81 -25.83
C ILE B 231 -15.41 20.22 -27.21
N GLU B 232 -16.51 19.94 -27.91
CA GLU B 232 -16.45 19.34 -29.24
C GLU B 232 -15.80 20.27 -30.26
N ASP B 233 -15.82 21.56 -29.97
CA ASP B 233 -15.25 22.57 -30.88
C ASP B 233 -13.77 22.84 -30.62
N ASN B 234 -13.41 22.91 -29.35
CA ASN B 234 -12.05 23.32 -28.97
C ASN B 234 -11.10 22.17 -28.62
N VAL B 235 -11.60 21.15 -27.91
CA VAL B 235 -10.74 20.05 -27.46
C VAL B 235 -10.42 19.05 -28.57
N LYS B 236 -9.15 18.98 -28.95
CA LYS B 236 -8.71 18.04 -29.97
C LYS B 236 -8.31 16.68 -29.37
N PHE B 237 -9.25 15.75 -29.35
CA PHE B 237 -9.01 14.41 -28.82
C PHE B 237 -7.96 13.63 -29.61
N THR B 238 -7.89 13.88 -30.92
CA THR B 238 -7.05 13.08 -31.81
C THR B 238 -5.58 13.48 -31.77
N LEU B 239 -5.29 14.70 -31.31
CA LEU B 239 -3.91 15.19 -31.28
C LEU B 239 -3.39 15.36 -29.84
N GLU B 240 -2.11 15.75 -29.72
CA GLU B 240 -1.49 15.90 -28.42
C GLU B 240 -1.63 17.32 -27.88
N GLU B 241 -0.65 17.75 -27.08
CA GLU B 241 -0.67 19.09 -26.50
C GLU B 241 0.71 19.75 -26.52
N ASN B 249 9.85 37.52 -14.03
CA ASN B 249 9.51 36.39 -14.89
C ASN B 249 8.01 36.16 -14.98
N ILE B 250 7.24 36.93 -14.21
CA ILE B 250 5.79 36.79 -14.18
C ILE B 250 5.17 37.23 -15.50
N GLN B 251 4.27 36.40 -16.04
CA GLN B 251 3.65 36.66 -17.33
C GLN B 251 2.13 36.79 -17.22
N ASN B 252 1.59 37.86 -17.79
CA ASN B 252 0.15 38.11 -17.77
C ASN B 252 -0.63 37.14 -18.68
N MET B 253 -1.89 36.89 -18.34
CA MET B 253 -2.72 36.01 -19.15
C MET B 253 -4.21 36.25 -18.88
N SER B 254 -4.98 36.41 -19.95
CA SER B 254 -6.41 36.70 -19.84
C SER B 254 -7.16 35.60 -19.09
N LEU B 255 -8.20 35.99 -18.37
CA LEU B 255 -9.08 35.03 -17.73
C LEU B 255 -9.71 34.13 -18.79
N GLU B 256 -10.28 34.75 -19.82
CA GLU B 256 -10.91 34.01 -20.91
C GLU B 256 -9.95 32.96 -21.46
N ASP B 257 -8.68 33.34 -21.61
CA ASP B 257 -7.67 32.42 -22.11
C ASP B 257 -7.26 31.40 -21.05
N ILE B 258 -7.12 31.85 -19.81
CA ILE B 258 -6.77 30.94 -18.71
C ILE B 258 -7.83 29.86 -18.50
N MET B 259 -9.05 30.27 -18.17
CA MET B 259 -10.15 29.33 -17.97
C MET B 259 -10.31 28.39 -19.16
N GLY B 260 -9.97 28.89 -20.35
CA GLY B 260 -10.04 28.08 -21.55
C GLY B 260 -9.01 26.96 -21.53
N GLU B 261 -7.75 27.34 -21.31
CA GLU B 261 -6.66 26.37 -21.31
C GLU B 261 -6.86 25.32 -20.23
N ARG B 262 -7.04 25.78 -18.99
CA ARG B 262 -7.16 24.88 -17.85
C ARG B 262 -8.30 23.88 -18.01
N PHE B 263 -9.54 24.36 -18.04
CA PHE B 263 -10.69 23.46 -18.12
C PHE B 263 -10.64 22.55 -19.33
N GLY B 264 -10.03 23.04 -20.41
CA GLY B 264 -9.84 22.23 -21.60
C GLY B 264 -9.08 20.97 -21.27
N ARG B 265 -7.96 21.14 -20.56
CA ARG B 265 -7.14 20.00 -20.12
C ARG B 265 -7.95 19.04 -19.24
N TYR B 266 -8.48 19.55 -18.14
CA TYR B 266 -9.28 18.72 -17.23
C TYR B 266 -10.38 17.98 -17.98
N SER B 267 -11.01 18.69 -18.92
CA SER B 267 -12.05 18.11 -19.76
C SER B 267 -11.51 16.89 -20.50
N LYS B 268 -10.53 17.12 -21.37
CA LYS B 268 -9.93 16.07 -22.18
C LYS B 268 -9.53 14.84 -21.37
N TYR B 269 -8.79 15.08 -20.29
CA TYR B 269 -8.26 14.01 -19.44
C TYR B 269 -9.36 13.19 -18.78
N ILE B 270 -10.32 13.87 -18.17
CA ILE B 270 -11.43 13.20 -17.48
C ILE B 270 -12.28 12.37 -18.45
N ILE B 271 -12.35 12.81 -19.70
CA ILE B 271 -13.13 12.11 -20.72
C ILE B 271 -12.41 10.86 -21.24
N GLN B 272 -11.14 11.01 -21.57
CA GLN B 272 -10.35 9.90 -22.11
C GLN B 272 -9.83 8.94 -21.05
N ASP B 273 -9.25 9.48 -19.98
CA ASP B 273 -8.50 8.67 -19.01
C ASP B 273 -9.03 8.68 -17.59
N ARG B 274 -10.35 8.64 -17.41
CA ARG B 274 -10.92 8.52 -16.07
C ARG B 274 -12.33 7.95 -16.03
N ALA B 275 -13.30 8.74 -16.47
CA ALA B 275 -14.72 8.42 -16.27
C ALA B 275 -15.31 7.40 -17.25
N LEU B 276 -14.92 7.47 -18.51
CA LEU B 276 -15.55 6.65 -19.54
C LEU B 276 -14.67 5.47 -19.97
N PRO B 277 -15.30 4.32 -20.23
CA PRO B 277 -14.67 3.06 -20.64
C PRO B 277 -14.28 3.04 -22.11
N ASP B 278 -13.25 2.25 -22.44
CA ASP B 278 -12.87 2.03 -23.82
C ASP B 278 -13.89 1.10 -24.45
N ILE B 279 -14.34 1.44 -25.65
CA ILE B 279 -15.41 0.69 -26.30
C ILE B 279 -15.06 -0.78 -26.53
N ARG B 280 -13.77 -1.08 -26.62
CA ARG B 280 -13.30 -2.44 -26.91
C ARG B 280 -13.26 -3.40 -25.70
N ASP B 281 -12.59 -3.01 -24.63
CA ASP B 281 -12.49 -3.88 -23.45
C ASP B 281 -13.39 -3.44 -22.29
N GLY B 282 -14.10 -2.33 -22.50
CA GLY B 282 -15.09 -1.87 -21.55
C GLY B 282 -14.50 -1.53 -20.19
N LEU B 283 -13.26 -1.08 -20.18
CA LEU B 283 -12.56 -0.77 -18.95
C LEU B 283 -12.15 0.68 -18.88
N LYS B 284 -12.20 1.25 -17.67
CA LYS B 284 -11.62 2.56 -17.42
C LYS B 284 -10.15 2.34 -17.09
N PRO B 285 -9.30 3.35 -17.38
CA PRO B 285 -7.85 3.19 -17.23
C PRO B 285 -7.48 2.57 -15.88
N VAL B 286 -8.11 2.99 -14.80
CA VAL B 286 -7.80 2.46 -13.49
C VAL B 286 -8.06 0.95 -13.44
N GLN B 287 -9.24 0.54 -13.90
CA GLN B 287 -9.58 -0.87 -13.92
C GLN B 287 -8.58 -1.68 -14.77
N ARG B 288 -8.13 -1.09 -15.88
CA ARG B 288 -7.20 -1.78 -16.76
C ARG B 288 -5.86 -2.00 -16.07
N ARG B 289 -5.39 -0.98 -15.37
CA ARG B 289 -4.11 -1.06 -14.66
C ARG B 289 -4.15 -2.05 -13.50
N ILE B 290 -5.22 -1.98 -12.72
CA ILE B 290 -5.44 -2.98 -11.68
C ILE B 290 -5.26 -4.38 -12.23
N LEU B 291 -5.86 -4.64 -13.39
CA LEU B 291 -5.77 -5.96 -14.01
C LEU B 291 -4.38 -6.25 -14.55
N TYR B 292 -3.85 -5.34 -15.36
CA TYR B 292 -2.55 -5.57 -15.97
C TYR B 292 -1.49 -5.74 -14.90
N SER B 293 -1.60 -4.95 -13.84
CA SER B 293 -0.65 -5.04 -12.73
C SER B 293 -0.77 -6.38 -12.01
N MET B 294 -1.95 -6.67 -11.49
CA MET B 294 -2.17 -7.93 -10.79
C MET B 294 -1.68 -9.10 -11.63
N ASN B 295 -1.87 -9.02 -12.94
CA ASN B 295 -1.49 -10.13 -13.79
C ASN B 295 0.02 -10.24 -13.94
N LYS B 296 0.67 -9.09 -14.11
CA LYS B 296 2.13 -9.07 -14.24
C LYS B 296 2.74 -9.67 -12.98
N ASP B 297 2.19 -9.30 -11.83
CA ASP B 297 2.65 -9.81 -10.55
C ASP B 297 2.23 -11.27 -10.31
N SER B 298 1.72 -11.91 -11.35
CA SER B 298 1.36 -13.34 -11.27
C SER B 298 0.24 -13.64 -10.28
N ASN B 299 -0.53 -12.62 -9.91
CA ASN B 299 -1.58 -12.76 -8.92
C ASN B 299 -2.92 -13.17 -9.54
N THR B 300 -3.04 -14.45 -9.90
CA THR B 300 -4.19 -14.93 -10.64
C THR B 300 -5.03 -15.96 -9.88
N PHE B 301 -6.03 -16.51 -10.55
CA PHE B 301 -7.02 -17.38 -9.91
C PHE B 301 -6.44 -18.72 -9.50
N ASP B 302 -5.42 -19.17 -10.22
CA ASP B 302 -4.83 -20.48 -9.97
C ASP B 302 -3.77 -20.44 -8.87
N LYS B 303 -3.63 -19.30 -8.22
CA LYS B 303 -2.56 -19.12 -7.24
C LYS B 303 -3.02 -18.40 -5.98
N SER B 304 -2.25 -18.54 -4.91
CA SER B 304 -2.64 -18.01 -3.61
C SER B 304 -3.11 -16.57 -3.68
N TYR B 305 -3.98 -16.19 -2.76
CA TYR B 305 -4.41 -14.80 -2.63
C TYR B 305 -3.24 -13.94 -2.16
N ARG B 306 -3.13 -12.75 -2.72
CA ARG B 306 -2.12 -11.78 -2.33
C ARG B 306 -2.79 -10.64 -1.55
N LYS B 307 -2.13 -10.16 -0.50
CA LYS B 307 -2.69 -9.10 0.33
C LYS B 307 -2.98 -7.86 -0.50
N SER B 308 -4.13 -7.25 -0.28
CA SER B 308 -4.58 -6.14 -1.13
C SER B 308 -3.60 -4.96 -1.13
N ALA B 309 -3.14 -4.57 0.06
CA ALA B 309 -2.24 -3.44 0.19
C ALA B 309 -0.99 -3.59 -0.65
N LYS B 310 -0.63 -4.82 -0.97
CA LYS B 310 0.53 -5.09 -1.81
C LYS B 310 0.19 -4.89 -3.28
N SER B 311 -1.02 -5.31 -3.68
CA SER B 311 -1.46 -5.11 -5.05
C SER B 311 -1.60 -3.62 -5.35
N VAL B 312 -2.39 -2.93 -4.53
CA VAL B 312 -2.59 -1.48 -4.67
C VAL B 312 -1.27 -0.73 -4.81
N GLY B 313 -0.36 -0.96 -3.87
CA GLY B 313 0.91 -0.29 -3.86
C GLY B 313 1.68 -0.43 -5.15
N ASN B 314 1.70 -1.63 -5.71
CA ASN B 314 2.41 -1.87 -6.97
C ASN B 314 1.73 -1.16 -8.12
N ILE B 315 0.40 -1.07 -8.06
CA ILE B 315 -0.38 -0.36 -9.06
C ILE B 315 -0.09 1.13 -9.00
N MET B 316 -0.06 1.67 -7.79
CA MET B 316 0.15 3.09 -7.57
C MET B 316 1.57 3.54 -7.91
N GLY B 317 2.51 2.60 -7.91
CA GLY B 317 3.90 2.95 -8.12
C GLY B 317 4.39 2.67 -9.53
N ASN B 318 3.62 1.88 -10.27
CA ASN B 318 4.04 1.48 -11.60
C ASN B 318 3.16 1.99 -12.74
N PHE B 319 1.89 2.25 -12.47
CA PHE B 319 0.96 2.59 -13.55
C PHE B 319 -0.04 3.71 -13.25
N HIS B 320 -0.69 3.66 -12.09
CA HIS B 320 -1.73 4.62 -11.74
C HIS B 320 -1.29 5.59 -10.66
N PRO B 321 -0.94 6.83 -11.05
CA PRO B 321 -0.45 7.84 -10.11
C PRO B 321 -1.57 8.60 -9.42
N HIS B 322 -2.33 7.92 -8.57
CA HIS B 322 -3.45 8.55 -7.87
C HIS B 322 -3.66 7.93 -6.49
N GLY B 323 -4.52 8.58 -5.69
CA GLY B 323 -4.77 8.11 -4.33
C GLY B 323 -4.87 6.61 -4.22
N ASP B 324 -4.26 6.05 -3.18
CA ASP B 324 -4.36 4.61 -2.95
C ASP B 324 -5.82 4.21 -2.77
N SER B 325 -6.56 5.01 -2.01
CA SER B 325 -7.96 4.71 -1.69
C SER B 325 -8.80 4.49 -2.95
N SER B 326 -8.70 5.41 -3.91
CA SER B 326 -9.42 5.27 -5.17
C SER B 326 -9.11 3.93 -5.83
N ILE B 327 -7.82 3.64 -6.00
CA ILE B 327 -7.39 2.37 -6.56
C ILE B 327 -8.02 1.18 -5.86
N TYR B 328 -7.99 1.18 -4.53
CA TYR B 328 -8.56 0.08 -3.76
C TYR B 328 -10.07 -0.01 -3.97
N ASP B 329 -10.75 1.13 -3.84
CA ASP B 329 -12.19 1.19 -4.04
C ASP B 329 -12.57 0.58 -5.39
N ALA B 330 -11.84 0.99 -6.44
CA ALA B 330 -12.04 0.44 -7.76
C ALA B 330 -11.87 -1.08 -7.73
N MET B 331 -10.76 -1.52 -7.15
CA MET B 331 -10.45 -2.94 -7.07
C MET B 331 -11.50 -3.72 -6.29
N VAL B 332 -12.07 -3.08 -5.28
CA VAL B 332 -13.11 -3.71 -4.47
C VAL B 332 -14.37 -3.95 -5.29
N ARG B 333 -14.79 -2.93 -6.04
CA ARG B 333 -16.00 -3.03 -6.84
C ARG B 333 -15.91 -4.17 -7.84
N MET B 334 -14.78 -4.28 -8.53
CA MET B 334 -14.59 -5.34 -9.51
C MET B 334 -14.80 -6.72 -8.91
N SER B 335 -14.88 -6.77 -7.57
CA SER B 335 -14.96 -8.04 -6.86
C SER B 335 -16.35 -8.32 -6.31
N GLN B 336 -17.21 -7.31 -6.34
CA GLN B 336 -18.56 -7.42 -5.77
C GLN B 336 -19.54 -8.02 -6.79
N ASN B 337 -20.10 -9.19 -6.47
CA ASN B 337 -20.96 -9.89 -7.40
C ASN B 337 -22.36 -9.30 -7.57
N TRP B 338 -22.65 -8.23 -6.83
CA TRP B 338 -23.94 -7.55 -6.96
C TRP B 338 -23.80 -6.24 -7.74
N LYS B 339 -22.61 -6.01 -8.28
CA LYS B 339 -22.38 -4.85 -9.15
C LYS B 339 -21.83 -5.29 -10.50
N ASN B 340 -21.09 -6.40 -10.49
CA ASN B 340 -20.60 -6.95 -11.75
C ASN B 340 -21.27 -8.29 -12.09
N ARG B 341 -21.69 -8.43 -13.35
CA ARG B 341 -22.35 -9.65 -13.80
C ARG B 341 -21.32 -10.75 -13.89
N GLU B 342 -20.07 -10.37 -14.01
CA GLU B 342 -18.97 -11.32 -14.06
C GLU B 342 -17.74 -10.73 -13.37
N ILE B 343 -17.63 -10.92 -12.06
CA ILE B 343 -16.57 -10.27 -11.29
C ILE B 343 -15.18 -10.59 -11.82
N LEU B 344 -14.37 -9.55 -11.98
CA LEU B 344 -13.02 -9.68 -12.52
C LEU B 344 -11.97 -9.83 -11.41
N VAL B 345 -12.38 -9.56 -10.18
CA VAL B 345 -11.49 -9.72 -9.04
C VAL B 345 -12.14 -10.56 -7.94
N GLU B 346 -11.44 -11.59 -7.48
CA GLU B 346 -11.90 -12.38 -6.36
C GLU B 346 -11.22 -11.88 -5.09
N MET B 347 -12.01 -11.62 -4.06
CA MET B 347 -11.48 -11.00 -2.85
C MET B 347 -11.94 -11.71 -1.57
N HIS B 348 -10.98 -12.13 -0.76
CA HIS B 348 -11.26 -12.81 0.51
C HIS B 348 -11.47 -11.79 1.61
N GLY B 349 -12.54 -11.97 2.37
CA GLY B 349 -12.85 -11.10 3.49
C GLY B 349 -13.96 -10.09 3.23
N ASN B 350 -14.22 -9.23 4.20
CA ASN B 350 -15.26 -8.23 4.10
C ASN B 350 -15.06 -7.28 2.91
N ASN B 351 -15.71 -7.58 1.80
CA ASN B 351 -15.59 -6.75 0.60
C ASN B 351 -16.85 -5.93 0.33
N GLY B 352 -17.62 -5.68 1.37
CA GLY B 352 -18.85 -4.91 1.25
C GLY B 352 -20.08 -5.80 1.26
N SER B 353 -21.24 -5.17 1.06
CA SER B 353 -22.50 -5.90 1.03
C SER B 353 -23.53 -5.09 0.26
N MET B 354 -24.66 -5.72 -0.06
CA MET B 354 -25.74 -5.03 -0.74
C MET B 354 -26.35 -3.96 0.14
N ASP B 355 -26.02 -4.00 1.42
CA ASP B 355 -26.54 -3.01 2.38
C ASP B 355 -25.70 -1.73 2.39
N GLY B 356 -24.60 -1.73 1.66
CA GLY B 356 -23.79 -0.54 1.51
C GLY B 356 -22.78 -0.33 2.62
N ASP B 357 -22.82 -1.17 3.65
CA ASP B 357 -21.86 -1.06 4.73
C ASP B 357 -20.44 -1.22 4.18
N PRO B 358 -19.50 -0.45 4.74
CA PRO B 358 -18.13 -0.35 4.21
C PRO B 358 -17.39 -1.68 4.22
N PRO B 359 -16.55 -1.92 3.21
CA PRO B 359 -15.68 -3.09 3.15
C PRO B 359 -14.44 -2.87 4.02
N ALA B 360 -13.74 -3.95 4.37
CA ALA B 360 -12.52 -3.83 5.16
C ALA B 360 -11.46 -3.04 4.40
N ALA B 361 -10.60 -2.34 5.13
CA ALA B 361 -9.52 -1.57 4.51
C ALA B 361 -8.50 -2.51 3.85
N MET B 362 -7.72 -1.97 2.93
CA MET B 362 -6.81 -2.80 2.14
C MET B 362 -5.77 -3.57 2.98
N ARG B 363 -5.70 -3.27 4.27
CA ARG B 363 -4.76 -3.96 5.14
C ARG B 363 -5.27 -5.34 5.53
N TYR B 364 -6.60 -5.53 5.50
CA TYR B 364 -7.20 -6.79 5.92
C TYR B 364 -7.45 -7.79 4.79
N THR B 365 -7.79 -7.29 3.60
CA THR B 365 -8.28 -8.16 2.52
C THR B 365 -7.20 -8.76 1.63
N GLU B 366 -7.47 -9.97 1.11
CA GLU B 366 -6.63 -10.60 0.11
C GLU B 366 -7.40 -10.59 -1.20
N ALA B 367 -6.70 -10.69 -2.33
CA ALA B 367 -7.36 -10.64 -3.63
C ALA B 367 -6.58 -11.32 -4.75
N ARG B 368 -7.22 -11.44 -5.90
CA ARG B 368 -6.60 -12.05 -7.09
C ARG B 368 -7.60 -12.01 -8.25
N LEU B 369 -7.07 -12.04 -9.47
CA LEU B 369 -7.90 -12.01 -10.66
C LEU B 369 -8.82 -13.23 -10.70
N SER B 370 -10.07 -13.00 -11.14
CA SER B 370 -10.98 -14.12 -11.38
C SER B 370 -10.50 -14.86 -12.62
N GLU B 371 -10.94 -16.10 -12.78
CA GLU B 371 -10.54 -16.87 -13.96
C GLU B 371 -10.92 -16.16 -15.27
N ILE B 372 -12.14 -15.61 -15.32
CA ILE B 372 -12.61 -14.94 -16.52
C ILE B 372 -11.75 -13.73 -16.86
N ALA B 373 -11.39 -12.93 -15.86
CA ALA B 373 -10.53 -11.77 -16.08
C ALA B 373 -9.28 -12.22 -16.84
N GLY B 374 -8.83 -13.43 -16.56
CA GLY B 374 -7.70 -13.99 -17.26
C GLY B 374 -7.91 -13.99 -18.76
N TYR B 375 -9.17 -14.10 -19.18
CA TYR B 375 -9.49 -14.11 -20.60
C TYR B 375 -9.43 -12.72 -21.22
N LEU B 376 -9.62 -11.69 -20.40
CA LEU B 376 -9.43 -10.32 -20.85
C LEU B 376 -7.96 -10.06 -21.18
N LEU B 377 -7.07 -10.81 -20.52
CA LEU B 377 -5.63 -10.59 -20.67
C LEU B 377 -4.96 -11.61 -21.58
N GLN B 378 -5.72 -12.60 -22.01
CA GLN B 378 -5.21 -13.66 -22.86
C GLN B 378 -4.43 -13.10 -24.06
N ASP B 379 -3.21 -13.60 -24.25
CA ASP B 379 -2.38 -13.24 -25.40
C ASP B 379 -1.63 -11.91 -25.25
N ILE B 380 -1.70 -11.31 -24.07
CA ILE B 380 -1.07 -10.01 -23.85
C ILE B 380 0.45 -10.06 -23.99
N GLU B 381 1.01 -11.25 -23.76
CA GLU B 381 2.45 -11.43 -23.83
C GLU B 381 2.92 -11.63 -25.26
N LYS B 382 1.97 -11.57 -26.21
CA LYS B 382 2.26 -11.91 -27.60
C LYS B 382 2.22 -10.74 -28.58
N LYS B 383 2.39 -9.53 -28.06
CA LYS B 383 2.43 -8.33 -28.93
C LYS B 383 1.14 -8.15 -29.72
N THR B 384 0.00 -8.25 -29.03
CA THR B 384 -1.30 -8.17 -29.68
C THR B 384 -2.02 -6.86 -29.40
N VAL B 385 -1.34 -5.94 -28.73
CA VAL B 385 -1.99 -4.71 -28.28
C VAL B 385 -1.01 -3.55 -28.19
N PRO B 386 -1.49 -2.34 -28.49
CA PRO B 386 -0.69 -1.12 -28.43
C PRO B 386 -0.30 -0.77 -27.00
N PHE B 387 1.01 -0.76 -26.73
CA PHE B 387 1.51 -0.34 -25.42
C PHE B 387 1.91 1.13 -25.42
N ALA B 388 2.01 1.70 -24.23
CA ALA B 388 2.44 3.08 -24.07
C ALA B 388 3.36 3.20 -22.87
N TRP B 389 3.95 4.38 -22.68
CA TRP B 389 4.80 4.63 -21.53
C TRP B 389 3.99 5.09 -20.32
N ASN B 390 4.44 4.71 -19.12
CA ASN B 390 3.81 5.14 -17.88
C ASN B 390 4.42 6.46 -17.40
N PHE B 391 3.79 7.08 -16.41
CA PHE B 391 4.25 8.37 -15.91
C PHE B 391 5.75 8.39 -15.61
N ASP B 392 6.26 7.29 -15.06
CA ASP B 392 7.69 7.15 -14.79
C ASP B 392 8.51 7.24 -16.07
N ASP B 393 7.99 6.62 -17.13
CA ASP B 393 8.77 6.38 -18.34
C ASP B 393 9.73 5.23 -18.08
N THR B 394 9.37 4.39 -17.11
CA THR B 394 10.21 3.28 -16.68
C THR B 394 9.61 1.94 -17.06
N GLU B 395 8.37 1.95 -17.55
CA GLU B 395 7.66 0.70 -17.82
C GLU B 395 6.50 0.95 -18.77
N LYS B 396 6.36 0.07 -19.76
CA LYS B 396 5.25 0.17 -20.71
C LYS B 396 3.97 -0.43 -20.11
N GLU B 397 2.84 0.19 -20.43
CA GLU B 397 1.53 -0.34 -20.04
C GLU B 397 0.61 -0.42 -21.26
N PRO B 398 -0.33 -1.38 -21.25
CA PRO B 398 -1.26 -1.56 -22.36
C PRO B 398 -2.32 -0.47 -22.37
N THR B 399 -2.67 0.02 -23.56
CA THR B 399 -3.70 1.04 -23.72
C THR B 399 -5.08 0.40 -23.75
N VAL B 400 -5.12 -0.86 -24.18
CA VAL B 400 -6.35 -1.63 -24.21
C VAL B 400 -6.00 -3.10 -24.02
N LEU B 401 -6.90 -3.90 -23.44
CA LEU B 401 -6.63 -5.33 -23.26
C LEU B 401 -7.19 -6.14 -24.42
N PRO B 402 -6.58 -7.31 -24.70
CA PRO B 402 -6.96 -8.20 -25.81
C PRO B 402 -8.44 -8.59 -25.78
N ALA B 403 -9.07 -8.55 -24.62
CA ALA B 403 -10.50 -8.86 -24.49
C ALA B 403 -10.94 -10.10 -25.27
N ALA B 404 -10.85 -11.27 -24.65
CA ALA B 404 -11.33 -12.50 -25.28
C ALA B 404 -12.85 -12.64 -25.13
N PHE B 405 -13.49 -11.63 -24.53
CA PHE B 405 -14.94 -11.56 -24.48
C PHE B 405 -15.38 -10.11 -24.32
N PRO B 406 -16.57 -9.78 -24.86
CA PRO B 406 -17.09 -8.40 -24.94
C PRO B 406 -17.44 -7.84 -23.58
N ASN B 407 -16.43 -7.37 -22.85
CA ASN B 407 -16.60 -6.98 -21.46
C ASN B 407 -17.57 -5.82 -21.31
N LEU B 408 -17.49 -4.84 -22.22
CA LEU B 408 -18.30 -3.63 -22.11
C LEU B 408 -19.78 -3.93 -21.84
N LEU B 409 -20.34 -4.87 -22.60
CA LEU B 409 -21.74 -5.22 -22.43
C LEU B 409 -21.98 -6.17 -21.26
N VAL B 410 -21.10 -7.15 -21.10
CA VAL B 410 -21.27 -8.14 -20.05
C VAL B 410 -21.28 -7.53 -18.65
N ASN B 411 -20.34 -6.63 -18.39
CA ASN B 411 -20.25 -6.00 -17.08
C ASN B 411 -20.80 -4.57 -17.03
N GLY B 412 -20.72 -3.88 -18.16
CA GLY B 412 -21.26 -2.54 -18.24
C GLY B 412 -20.27 -1.49 -17.78
N SER B 413 -20.78 -0.33 -17.39
CA SER B 413 -19.92 0.77 -16.97
C SER B 413 -20.75 1.92 -16.42
N THR B 414 -20.07 2.93 -15.88
CA THR B 414 -20.74 4.06 -15.25
C THR B 414 -19.73 4.80 -14.37
N GLY B 415 -19.48 6.09 -14.64
CA GLY B 415 -20.06 6.81 -15.75
C GLY B 415 -20.42 8.26 -15.46
N ILE B 416 -19.42 9.09 -15.11
CA ILE B 416 -19.63 10.53 -14.98
C ILE B 416 -18.34 11.33 -15.24
N SER B 417 -18.32 12.10 -16.33
CA SER B 417 -17.15 12.92 -16.63
C SER B 417 -17.50 14.39 -16.80
N ALA B 418 -17.04 14.98 -17.89
CA ALA B 418 -17.30 16.40 -18.16
C ALA B 418 -17.92 16.58 -19.54
N GLY B 419 -19.19 16.99 -19.57
CA GLY B 419 -19.91 17.14 -20.82
C GLY B 419 -20.50 15.82 -21.28
N TYR B 420 -19.98 14.72 -20.73
CA TYR B 420 -20.47 13.39 -21.04
C TYR B 420 -20.65 12.56 -19.78
N ALA B 421 -21.43 11.50 -19.90
CA ALA B 421 -21.66 10.58 -18.80
C ALA B 421 -22.06 9.25 -19.40
N THR B 422 -21.94 8.17 -18.64
CA THR B 422 -22.26 6.85 -19.19
C THR B 422 -22.95 5.94 -18.19
N ASP B 423 -23.96 5.23 -18.68
CA ASP B 423 -24.61 4.18 -17.92
C ASP B 423 -24.95 3.01 -18.81
N ILE B 424 -24.08 2.00 -18.81
CA ILE B 424 -24.30 0.79 -19.58
C ILE B 424 -24.58 -0.36 -18.62
N PRO B 425 -25.69 -1.06 -18.82
CA PRO B 425 -26.09 -2.15 -17.91
C PRO B 425 -25.37 -3.44 -18.27
N PRO B 426 -25.33 -4.39 -17.32
CA PRO B 426 -24.70 -5.70 -17.52
C PRO B 426 -25.53 -6.56 -18.47
N HIS B 427 -24.90 -7.52 -19.13
CA HIS B 427 -25.61 -8.43 -20.02
C HIS B 427 -25.11 -9.86 -19.86
N ASN B 428 -26.01 -10.82 -20.06
CA ASN B 428 -25.64 -12.23 -19.98
C ASN B 428 -24.49 -12.59 -20.93
N LEU B 429 -23.41 -13.11 -20.37
CA LEU B 429 -22.23 -13.44 -21.15
C LEU B 429 -22.55 -14.22 -22.42
N ALA B 430 -23.41 -15.24 -22.31
CA ALA B 430 -23.76 -16.07 -23.45
C ALA B 430 -24.50 -15.30 -24.54
N GLU B 431 -25.53 -14.56 -24.14
CA GLU B 431 -26.31 -13.77 -25.09
C GLU B 431 -25.44 -12.81 -25.89
N VAL B 432 -24.70 -11.94 -25.20
CA VAL B 432 -23.81 -11.01 -25.88
C VAL B 432 -22.95 -11.74 -26.90
N ILE B 433 -22.45 -12.92 -26.54
CA ILE B 433 -21.60 -13.70 -27.43
C ILE B 433 -22.39 -14.25 -28.62
N ASP B 434 -23.61 -14.72 -28.35
CA ASP B 434 -24.47 -15.20 -29.42
C ASP B 434 -24.71 -14.08 -30.43
N ALA B 435 -24.88 -12.86 -29.94
CA ALA B 435 -25.07 -11.71 -30.80
C ALA B 435 -23.81 -11.49 -31.64
N ALA B 436 -22.69 -11.26 -30.96
CA ALA B 436 -21.43 -11.00 -31.63
C ALA B 436 -21.10 -12.04 -32.70
N VAL B 437 -21.32 -13.31 -32.37
CA VAL B 437 -21.07 -14.39 -33.32
C VAL B 437 -21.94 -14.24 -34.56
N TYR B 438 -23.20 -13.85 -34.37
CA TYR B 438 -24.11 -13.61 -35.49
C TYR B 438 -23.60 -12.47 -36.35
N MET B 439 -23.35 -11.33 -35.71
CA MET B 439 -22.89 -10.14 -36.42
C MET B 439 -21.61 -10.37 -37.23
N ILE B 440 -20.84 -11.39 -36.85
CA ILE B 440 -19.63 -11.72 -37.58
C ILE B 440 -19.94 -12.38 -38.91
N ASP B 441 -21.04 -13.15 -38.94
CA ASP B 441 -21.50 -13.80 -40.15
C ASP B 441 -22.39 -12.86 -40.96
N HIS B 442 -22.86 -11.80 -40.30
CA HIS B 442 -23.79 -10.87 -40.92
C HIS B 442 -23.47 -9.44 -40.50
N PRO B 443 -22.38 -8.89 -41.04
CA PRO B 443 -21.82 -7.58 -40.71
C PRO B 443 -22.87 -6.48 -40.65
N THR B 444 -23.86 -6.56 -41.52
CA THR B 444 -24.86 -5.51 -41.66
C THR B 444 -26.17 -5.88 -40.98
N ALA B 445 -26.09 -6.53 -39.83
CA ALA B 445 -27.27 -6.96 -39.10
C ALA B 445 -27.98 -5.78 -38.45
N LYS B 446 -29.31 -5.83 -38.42
CA LYS B 446 -30.11 -4.77 -37.84
C LYS B 446 -30.44 -5.12 -36.39
N ILE B 447 -30.87 -4.13 -35.62
CA ILE B 447 -31.15 -4.33 -34.20
C ILE B 447 -32.21 -5.40 -33.94
N ASP B 448 -33.25 -5.41 -34.77
CA ASP B 448 -34.33 -6.37 -34.59
C ASP B 448 -33.83 -7.82 -34.61
N LYS B 449 -32.87 -8.10 -35.47
CA LYS B 449 -32.36 -9.47 -35.58
C LYS B 449 -31.40 -9.78 -34.42
N LEU B 450 -30.56 -8.80 -34.07
CA LEU B 450 -29.64 -8.97 -32.95
C LEU B 450 -30.40 -9.23 -31.66
N MET B 451 -31.54 -8.57 -31.49
CA MET B 451 -32.32 -8.71 -30.26
C MET B 451 -32.94 -10.10 -30.09
N GLU B 452 -32.91 -10.91 -31.15
CA GLU B 452 -33.33 -12.30 -31.04
C GLU B 452 -32.23 -13.11 -30.36
N PHE B 453 -31.06 -12.50 -30.22
CA PHE B 453 -29.95 -13.12 -29.53
C PHE B 453 -29.67 -12.37 -28.23
N LEU B 454 -29.80 -11.05 -28.29
CA LEU B 454 -29.51 -10.17 -27.16
C LEU B 454 -30.76 -9.41 -26.78
N PRO B 455 -31.71 -10.09 -26.11
CA PRO B 455 -33.02 -9.53 -25.78
C PRO B 455 -32.96 -8.30 -24.87
N GLY B 456 -31.93 -8.22 -24.03
CA GLY B 456 -31.80 -7.11 -23.10
C GLY B 456 -30.85 -7.39 -21.95
N PRO B 457 -30.70 -6.41 -21.04
CA PRO B 457 -29.78 -6.48 -19.91
C PRO B 457 -30.05 -7.68 -19.01
N ASP B 458 -29.02 -8.10 -18.28
CA ASP B 458 -29.15 -9.15 -17.27
C ASP B 458 -28.45 -8.72 -15.98
N PHE B 459 -29.20 -8.07 -15.09
CA PHE B 459 -28.64 -7.56 -13.85
C PHE B 459 -28.19 -8.69 -12.93
N PRO B 460 -27.03 -8.52 -12.28
CA PRO B 460 -26.51 -9.47 -11.29
C PRO B 460 -27.50 -9.63 -10.15
N THR B 461 -28.26 -8.57 -9.90
CA THR B 461 -29.22 -8.55 -8.82
C THR B 461 -30.57 -9.13 -9.25
N GLY B 462 -30.67 -9.51 -10.51
CA GLY B 462 -31.87 -10.14 -11.04
C GLY B 462 -33.04 -9.20 -11.25
N ALA B 463 -34.22 -9.62 -10.80
CA ALA B 463 -35.43 -8.81 -10.87
C ALA B 463 -36.10 -8.82 -12.25
N ILE B 464 -37.08 -7.95 -12.41
CA ILE B 464 -37.90 -7.92 -13.61
C ILE B 464 -37.69 -6.64 -14.42
N ILE B 465 -37.41 -6.80 -15.71
CA ILE B 465 -37.25 -5.67 -16.60
C ILE B 465 -38.43 -5.53 -17.55
N GLN B 466 -39.09 -4.36 -17.51
CA GLN B 466 -40.22 -4.07 -18.37
C GLN B 466 -39.85 -2.99 -19.38
N GLY B 467 -40.03 -3.27 -20.67
CA GLY B 467 -39.90 -2.24 -21.68
C GLY B 467 -39.15 -2.60 -22.95
N ARG B 468 -39.62 -3.64 -23.65
CA ARG B 468 -38.98 -4.05 -24.90
C ARG B 468 -38.77 -2.88 -25.85
N ASP B 469 -39.80 -2.06 -26.01
CA ASP B 469 -39.72 -0.90 -26.89
C ASP B 469 -38.53 0.00 -26.55
N GLU B 470 -38.48 0.48 -25.31
CA GLU B 470 -37.39 1.36 -24.88
C GLU B 470 -36.01 0.68 -24.96
N ILE B 471 -35.97 -0.62 -24.69
CA ILE B 471 -34.75 -1.38 -24.89
C ILE B 471 -34.27 -1.23 -26.33
N LYS B 472 -35.16 -1.50 -27.28
CA LYS B 472 -34.82 -1.32 -28.70
C LYS B 472 -34.29 0.09 -28.94
N LYS B 473 -34.99 1.09 -28.42
CA LYS B 473 -34.56 2.47 -28.58
C LYS B 473 -33.13 2.65 -28.09
N ALA B 474 -32.83 2.08 -26.92
CA ALA B 474 -31.50 2.19 -26.34
C ALA B 474 -30.45 1.47 -27.18
N TYR B 475 -30.75 0.23 -27.54
CA TYR B 475 -29.84 -0.57 -28.36
C TYR B 475 -29.61 0.05 -29.73
N GLU B 476 -30.37 1.10 -30.03
CA GLU B 476 -30.34 1.69 -31.36
C GLU B 476 -29.68 3.07 -31.33
N THR B 477 -29.90 3.82 -30.25
CA THR B 477 -29.42 5.19 -30.17
C THR B 477 -28.50 5.42 -28.97
N GLY B 478 -28.55 4.51 -28.00
CA GLY B 478 -27.72 4.64 -26.82
C GLY B 478 -28.49 5.12 -25.61
N LYS B 479 -29.59 5.83 -25.84
CA LYS B 479 -30.46 6.25 -24.74
C LYS B 479 -31.79 5.48 -24.73
N GLY B 480 -32.38 5.38 -23.55
CA GLY B 480 -33.64 4.68 -23.38
C GLY B 480 -33.96 4.44 -21.92
N ARG B 481 -35.23 4.53 -21.57
CA ARG B 481 -35.68 4.35 -20.19
C ARG B 481 -36.46 3.05 -20.05
N VAL B 482 -36.00 2.19 -19.16
CA VAL B 482 -36.65 0.91 -18.91
C VAL B 482 -37.17 0.89 -17.47
N VAL B 483 -38.05 -0.05 -17.16
CA VAL B 483 -38.53 -0.19 -15.80
C VAL B 483 -37.99 -1.46 -15.16
N VAL B 484 -37.50 -1.35 -13.94
CA VAL B 484 -37.02 -2.52 -13.20
C VAL B 484 -37.80 -2.71 -11.90
N ARG B 485 -38.44 -3.88 -11.78
CA ARG B 485 -39.31 -4.15 -10.65
C ARG B 485 -38.84 -5.37 -9.85
N SER B 486 -39.00 -5.29 -8.53
CA SER B 486 -38.53 -6.34 -7.63
C SER B 486 -39.31 -7.63 -7.80
N LYS B 487 -38.63 -8.76 -7.56
CA LYS B 487 -39.28 -10.06 -7.65
C LYS B 487 -39.97 -10.37 -6.34
N THR B 488 -41.28 -10.58 -6.39
CA THR B 488 -42.07 -10.72 -5.18
C THR B 488 -42.78 -12.06 -5.09
N GLU B 489 -43.53 -12.24 -4.00
CA GLU B 489 -44.25 -13.48 -3.74
C GLU B 489 -45.05 -13.31 -2.46
N ILE B 490 -46.25 -13.87 -2.42
CA ILE B 490 -47.11 -13.73 -1.24
C ILE B 490 -47.14 -15.00 -0.41
N GLU B 491 -47.06 -14.84 0.91
CA GLU B 491 -47.10 -15.97 1.82
C GLU B 491 -48.27 -15.80 2.78
N LYS B 492 -49.14 -16.81 2.83
CA LYS B 492 -50.23 -16.79 3.80
C LYS B 492 -49.70 -17.10 5.20
N LEU B 493 -50.27 -16.44 6.20
CA LEU B 493 -49.85 -16.64 7.58
C LEU B 493 -51.04 -17.01 8.45
N LYS B 494 -50.76 -17.51 9.66
CA LYS B 494 -51.80 -17.83 10.62
C LYS B 494 -52.66 -16.58 10.89
N GLY B 495 -53.93 -16.80 11.19
CA GLY B 495 -54.82 -15.70 11.54
C GLY B 495 -55.25 -14.86 10.34
N GLY B 496 -55.32 -15.49 9.18
CA GLY B 496 -55.79 -14.83 7.97
C GLY B 496 -54.94 -13.65 7.52
N LYS B 497 -53.72 -13.57 8.03
CA LYS B 497 -52.80 -12.51 7.64
C LYS B 497 -51.90 -12.96 6.49
N GLU B 498 -51.54 -12.02 5.61
CA GLU B 498 -50.66 -12.32 4.48
C GLU B 498 -49.31 -11.66 4.67
N GLN B 499 -48.37 -11.95 3.77
CA GLN B 499 -47.01 -11.44 3.91
C GLN B 499 -46.31 -11.29 2.57
N ILE B 500 -45.93 -10.07 2.22
CA ILE B 500 -45.22 -9.81 0.97
C ILE B 500 -43.74 -10.06 1.17
N VAL B 501 -43.16 -10.87 0.29
CA VAL B 501 -41.76 -11.23 0.42
C VAL B 501 -40.97 -10.84 -0.84
N ILE B 502 -39.92 -10.05 -0.65
CA ILE B 502 -39.09 -9.61 -1.76
C ILE B 502 -37.80 -10.40 -1.80
N THR B 503 -37.51 -11.01 -2.95
CA THR B 503 -36.34 -11.88 -3.07
C THR B 503 -35.33 -11.37 -4.09
N GLU B 504 -35.73 -10.37 -4.87
CA GLU B 504 -34.83 -9.73 -5.81
C GLU B 504 -35.14 -8.25 -5.94
N ILE B 505 -34.10 -7.43 -5.87
CA ILE B 505 -34.28 -5.98 -5.98
C ILE B 505 -33.59 -5.42 -7.23
N PRO B 506 -33.88 -4.17 -7.56
CA PRO B 506 -33.36 -3.53 -8.77
C PRO B 506 -31.88 -3.20 -8.68
N TYR B 507 -31.18 -3.34 -9.80
CA TYR B 507 -29.76 -3.02 -9.93
C TYR B 507 -29.44 -1.68 -9.27
N GLU B 508 -28.24 -1.59 -8.68
CA GLU B 508 -27.72 -0.37 -8.07
C GLU B 508 -28.55 0.19 -6.92
N ILE B 509 -29.33 -0.66 -6.27
CA ILE B 509 -30.19 -0.20 -5.17
C ILE B 509 -29.75 -0.75 -3.83
N ASN B 510 -29.62 0.15 -2.85
CA ASN B 510 -29.15 -0.19 -1.51
C ASN B 510 -30.22 -0.89 -0.67
N LYS B 511 -30.03 -2.18 -0.41
CA LYS B 511 -31.02 -2.96 0.33
C LYS B 511 -31.41 -2.31 1.65
N ALA B 512 -30.40 -1.89 2.40
CA ALA B 512 -30.62 -1.29 3.72
C ALA B 512 -31.53 -0.07 3.63
N ASN B 513 -31.24 0.82 2.69
CA ASN B 513 -32.02 2.05 2.55
C ASN B 513 -33.42 1.77 2.04
N LEU B 514 -33.52 0.79 1.15
CA LEU B 514 -34.82 0.37 0.63
C LEU B 514 -35.69 -0.07 1.80
N VAL B 515 -35.15 -0.94 2.64
CA VAL B 515 -35.90 -1.41 3.81
C VAL B 515 -36.36 -0.27 4.72
N LYS B 516 -35.49 0.71 4.94
CA LYS B 516 -35.85 1.87 5.75
C LYS B 516 -36.98 2.65 5.09
N LYS B 517 -36.84 2.90 3.79
CA LYS B 517 -37.82 3.67 3.03
C LYS B 517 -39.19 3.00 3.05
N ILE B 518 -39.21 1.68 2.98
CA ILE B 518 -40.45 0.92 3.08
C ILE B 518 -41.04 1.04 4.48
N ASP B 519 -40.21 0.82 5.49
CA ASP B 519 -40.66 0.95 6.87
C ASP B 519 -41.16 2.37 7.14
N ASP B 520 -40.56 3.36 6.46
CA ASP B 520 -41.02 4.73 6.59
C ASP B 520 -42.45 4.87 6.08
N VAL B 521 -42.77 4.12 5.03
CA VAL B 521 -44.14 4.07 4.53
C VAL B 521 -45.09 3.61 5.62
N ARG B 522 -44.71 2.53 6.31
CA ARG B 522 -45.52 2.02 7.42
C ARG B 522 -45.62 3.05 8.54
N VAL B 523 -44.47 3.50 9.03
CA VAL B 523 -44.41 4.44 10.13
C VAL B 523 -45.26 5.68 9.86
N ASN B 524 -45.21 6.16 8.61
CA ASN B 524 -45.96 7.35 8.24
C ASN B 524 -47.40 7.04 7.85
N ASN B 525 -47.68 5.77 7.57
CA ASN B 525 -49.03 5.36 7.23
C ASN B 525 -49.49 5.92 5.89
N LYS B 526 -48.55 6.09 4.96
CA LYS B 526 -48.88 6.60 3.64
C LYS B 526 -49.76 5.61 2.86
N VAL B 527 -49.85 4.39 3.37
CA VAL B 527 -50.75 3.38 2.83
C VAL B 527 -51.09 2.40 3.95
N ALA B 528 -52.35 2.01 4.07
CA ALA B 528 -52.78 1.21 5.21
C ALA B 528 -52.50 -0.28 5.06
N GLY B 529 -52.19 -0.94 6.18
CA GLY B 529 -52.10 -2.39 6.21
C GLY B 529 -50.73 -3.00 6.46
N ILE B 530 -49.71 -2.16 6.62
CA ILE B 530 -48.38 -2.69 6.89
C ILE B 530 -48.15 -2.89 8.39
N ALA B 531 -47.94 -4.15 8.76
CA ALA B 531 -47.81 -4.53 10.17
C ALA B 531 -46.38 -4.36 10.66
N GLU B 532 -45.42 -4.71 9.81
CA GLU B 532 -44.01 -4.71 10.20
C GLU B 532 -43.12 -5.06 9.03
N VAL B 533 -41.95 -4.42 8.94
CA VAL B 533 -40.98 -4.76 7.92
C VAL B 533 -39.80 -5.50 8.55
N ARG B 534 -39.18 -6.41 7.80
CA ARG B 534 -38.09 -7.20 8.33
C ARG B 534 -37.13 -7.70 7.26
N ASP B 535 -35.91 -7.16 7.24
CA ASP B 535 -34.86 -7.73 6.40
C ASP B 535 -34.44 -9.07 7.02
N GLU B 536 -34.67 -10.15 6.30
CA GLU B 536 -34.38 -11.49 6.82
C GLU B 536 -33.31 -12.21 6.01
N SER B 537 -32.72 -11.49 5.05
CA SER B 537 -31.68 -12.08 4.22
C SER B 537 -30.46 -12.51 5.05
N ASP B 538 -29.85 -13.63 4.66
CA ASP B 538 -28.64 -14.09 5.33
C ASP B 538 -27.58 -14.56 4.32
N ARG B 539 -26.44 -15.00 4.85
CA ARG B 539 -25.28 -15.33 4.02
C ARG B 539 -25.60 -16.14 2.76
N ASP B 540 -26.80 -16.69 2.68
CA ASP B 540 -27.17 -17.49 1.51
C ASP B 540 -28.63 -17.30 1.10
N GLY B 541 -29.01 -16.06 0.88
CA GLY B 541 -30.36 -15.74 0.43
C GLY B 541 -30.79 -14.33 0.81
N LEU B 542 -31.40 -13.63 -0.13
CA LEU B 542 -31.95 -12.31 0.13
C LEU B 542 -33.44 -12.43 0.41
N ARG B 543 -33.90 -11.80 1.49
CA ARG B 543 -35.30 -11.92 1.86
C ARG B 543 -35.80 -10.73 2.68
N ILE B 544 -36.80 -10.04 2.15
CA ILE B 544 -37.45 -8.95 2.86
C ILE B 544 -38.92 -9.28 3.05
N ALA B 545 -39.32 -9.46 4.31
CA ALA B 545 -40.69 -9.82 4.63
C ALA B 545 -41.46 -8.57 5.05
N ILE B 546 -42.42 -8.17 4.22
CA ILE B 546 -43.32 -7.07 4.55
C ILE B 546 -44.65 -7.63 5.04
N GLU B 547 -44.70 -8.01 6.31
CA GLU B 547 -45.89 -8.61 6.89
C GLU B 547 -47.01 -7.59 7.00
N LEU B 548 -48.19 -7.96 6.48
CA LEU B 548 -49.35 -7.07 6.48
C LEU B 548 -50.27 -7.35 7.65
N LYS B 549 -51.31 -6.52 7.80
CA LYS B 549 -52.26 -6.67 8.89
C LYS B 549 -53.41 -7.61 8.53
N LYS B 550 -54.26 -7.90 9.50
CA LYS B 550 -55.35 -8.86 9.32
C LYS B 550 -56.17 -8.62 8.06
N ASP B 551 -57.06 -7.63 8.10
CA ASP B 551 -57.89 -7.32 6.96
C ASP B 551 -57.25 -6.21 6.12
N ALA B 552 -56.28 -6.59 5.30
CA ALA B 552 -55.47 -5.62 4.56
C ALA B 552 -55.41 -5.91 3.06
N ASN B 553 -55.70 -4.89 2.27
CA ASN B 553 -55.67 -5.01 0.82
C ASN B 553 -54.24 -5.12 0.32
N THR B 554 -53.74 -6.34 0.21
CA THR B 554 -52.32 -6.52 -0.11
C THR B 554 -51.96 -6.04 -1.51
N GLU B 555 -52.96 -5.91 -2.37
CA GLU B 555 -52.74 -5.35 -3.71
C GLU B 555 -52.53 -3.84 -3.65
N LEU B 556 -53.33 -3.17 -2.81
CA LEU B 556 -53.20 -1.73 -2.62
C LEU B 556 -51.80 -1.39 -2.13
N VAL B 557 -51.27 -2.23 -1.25
CA VAL B 557 -49.96 -2.01 -0.64
C VAL B 557 -48.84 -2.25 -1.64
N LEU B 558 -48.85 -3.43 -2.26
CA LEU B 558 -47.79 -3.81 -3.18
C LEU B 558 -47.63 -2.77 -4.28
N ASN B 559 -48.75 -2.22 -4.74
CA ASN B 559 -48.72 -1.18 -5.77
C ASN B 559 -48.09 0.11 -5.27
N TYR B 560 -48.58 0.59 -4.12
CA TYR B 560 -48.06 1.83 -3.56
C TYR B 560 -46.56 1.77 -3.39
N LEU B 561 -46.06 0.63 -2.91
CA LEU B 561 -44.63 0.48 -2.68
C LEU B 561 -43.85 0.57 -3.99
N PHE B 562 -44.34 -0.14 -5.01
CA PHE B 562 -43.70 -0.10 -6.31
C PHE B 562 -43.58 1.34 -6.82
N LYS B 563 -44.60 2.13 -6.57
CA LYS B 563 -44.65 3.49 -7.10
C LYS B 563 -43.86 4.50 -6.26
N TYR B 564 -43.93 4.38 -4.94
CA TYR B 564 -43.37 5.40 -4.05
C TYR B 564 -42.09 5.01 -3.30
N THR B 565 -41.64 3.78 -3.48
CA THR B 565 -40.31 3.39 -3.03
C THR B 565 -39.57 2.77 -4.20
N ASP B 566 -38.32 2.36 -3.97
CA ASP B 566 -37.49 1.86 -5.05
C ASP B 566 -37.60 0.35 -5.26
N LEU B 567 -38.68 -0.26 -4.78
CA LEU B 567 -38.97 -1.64 -5.13
C LEU B 567 -39.06 -1.74 -6.65
N GLN B 568 -39.43 -0.61 -7.25
CA GLN B 568 -39.45 -0.47 -8.71
C GLN B 568 -38.84 0.87 -9.07
N ILE B 569 -37.97 0.88 -10.06
CA ILE B 569 -37.29 2.12 -10.47
C ILE B 569 -37.17 2.21 -11.98
N ASN B 570 -36.72 3.38 -12.45
CA ASN B 570 -36.33 3.56 -13.84
C ASN B 570 -34.82 3.42 -14.03
N TYR B 571 -34.41 2.62 -15.01
CA TYR B 571 -33.02 2.56 -15.40
C TYR B 571 -32.85 3.24 -16.75
N ASN B 572 -31.98 4.23 -16.81
CA ASN B 572 -31.73 4.95 -18.06
C ASN B 572 -30.44 4.53 -18.76
N PHE B 573 -30.58 3.81 -19.87
CA PHE B 573 -29.44 3.55 -20.74
C PHE B 573 -28.88 4.88 -21.16
N ASN B 574 -27.59 5.07 -20.96
CA ASN B 574 -26.89 6.22 -21.54
C ASN B 574 -25.51 5.78 -21.98
N MET B 575 -25.48 4.99 -23.04
CA MET B 575 -24.27 4.29 -23.45
C MET B 575 -23.27 5.18 -24.19
N VAL B 576 -22.38 5.80 -23.40
CA VAL B 576 -21.26 6.55 -23.95
C VAL B 576 -19.97 5.76 -23.72
N ALA B 577 -19.06 5.81 -24.69
CA ALA B 577 -17.81 5.09 -24.59
C ALA B 577 -16.73 5.78 -25.42
N ILE B 578 -15.48 5.39 -25.22
CA ILE B 578 -14.39 6.01 -25.93
C ILE B 578 -14.02 5.23 -27.19
N ASP B 579 -14.35 5.81 -28.34
CA ASP B 579 -13.99 5.22 -29.62
C ASP B 579 -13.05 6.17 -30.33
N ASN B 580 -12.03 5.63 -30.99
CA ASN B 580 -10.98 6.45 -31.59
C ASN B 580 -10.65 7.70 -30.77
N PHE B 581 -10.34 7.50 -29.50
CA PHE B 581 -9.91 8.58 -28.61
C PHE B 581 -10.96 9.64 -28.27
N THR B 582 -12.19 9.44 -28.75
CA THR B 582 -13.24 10.44 -28.52
C THR B 582 -14.49 9.83 -27.91
N PRO B 583 -15.21 10.62 -27.11
CA PRO B 583 -16.44 10.12 -26.47
C PRO B 583 -17.56 10.02 -27.50
N ARG B 584 -18.15 8.84 -27.62
CA ARG B 584 -19.16 8.58 -28.64
C ARG B 584 -20.39 7.90 -28.03
N GLN B 585 -21.56 8.51 -28.19
CA GLN B 585 -22.80 7.88 -27.76
C GLN B 585 -23.11 6.76 -28.75
N VAL B 586 -23.20 5.53 -28.25
CA VAL B 586 -23.26 4.38 -29.13
C VAL B 586 -24.30 3.36 -28.71
N GLY B 587 -24.74 2.55 -29.67
CA GLY B 587 -25.68 1.49 -29.41
C GLY B 587 -25.04 0.14 -29.68
N ILE B 588 -25.86 -0.90 -29.72
CA ILE B 588 -25.37 -2.25 -29.88
C ILE B 588 -24.41 -2.42 -31.06
N VAL B 589 -24.84 -1.98 -32.25
CA VAL B 589 -24.05 -2.18 -33.46
C VAL B 589 -22.62 -1.65 -33.35
N PRO B 590 -22.47 -0.35 -33.06
CA PRO B 590 -21.14 0.25 -32.88
C PRO B 590 -20.30 -0.51 -31.86
N ILE B 591 -20.92 -0.94 -30.77
CA ILE B 591 -20.21 -1.70 -29.74
C ILE B 591 -19.72 -3.04 -30.29
N LEU B 592 -20.66 -3.89 -30.70
CA LEU B 592 -20.31 -5.21 -31.22
C LEU B 592 -19.33 -5.16 -32.40
N SER B 593 -19.40 -4.12 -33.22
CA SER B 593 -18.51 -4.04 -34.36
C SER B 593 -17.13 -3.59 -33.92
N SER B 594 -17.07 -2.59 -33.05
CA SER B 594 -15.79 -2.14 -32.51
C SER B 594 -15.06 -3.28 -31.80
N TYR B 595 -15.84 -4.17 -31.18
CA TYR B 595 -15.27 -5.34 -30.51
C TYR B 595 -14.69 -6.31 -31.52
N ILE B 596 -15.51 -6.70 -32.48
CA ILE B 596 -15.10 -7.62 -33.53
C ILE B 596 -13.88 -7.05 -34.24
N ALA B 597 -13.92 -5.75 -34.52
CA ALA B 597 -12.81 -5.07 -35.15
C ALA B 597 -11.55 -5.34 -34.36
N HIS B 598 -11.63 -5.00 -33.07
CA HIS B 598 -10.54 -5.19 -32.12
C HIS B 598 -10.05 -6.63 -32.09
N ARG B 599 -10.96 -7.57 -31.85
CA ARG B 599 -10.62 -8.99 -31.85
C ARG B 599 -9.90 -9.37 -33.14
N ARG B 600 -10.27 -8.72 -34.23
CA ARG B 600 -9.63 -8.98 -35.52
C ARG B 600 -8.15 -8.62 -35.45
N GLU B 601 -7.88 -7.37 -35.11
CA GLU B 601 -6.51 -6.89 -34.97
C GLU B 601 -5.70 -7.81 -34.05
N VAL B 602 -6.31 -8.17 -32.93
CA VAL B 602 -5.65 -9.01 -31.92
C VAL B 602 -5.29 -10.40 -32.44
N ILE B 603 -6.25 -11.10 -33.03
CA ILE B 603 -5.99 -12.42 -33.59
C ILE B 603 -4.95 -12.37 -34.72
N LEU B 604 -5.02 -11.33 -35.54
CA LEU B 604 -4.02 -11.17 -36.58
C LEU B 604 -2.64 -11.03 -35.96
N ALA B 605 -2.49 -10.05 -35.06
CA ALA B 605 -1.24 -9.83 -34.36
C ALA B 605 -0.76 -11.09 -33.66
N ARG B 606 -1.64 -11.72 -32.90
CA ARG B 606 -1.29 -12.94 -32.19
C ARG B 606 -0.71 -13.94 -33.17
N SER B 607 -1.39 -14.16 -34.29
CA SER B 607 -0.98 -15.16 -35.27
C SER B 607 0.37 -14.86 -35.92
N ARG B 608 0.65 -13.58 -36.15
CA ARG B 608 1.93 -13.18 -36.71
C ARG B 608 3.06 -13.51 -35.73
N PHE B 609 2.80 -13.25 -34.45
CA PHE B 609 3.77 -13.52 -33.40
C PHE B 609 4.14 -15.00 -33.36
N ASP B 610 3.12 -15.84 -33.28
CA ASP B 610 3.32 -17.29 -33.17
C ASP B 610 3.96 -17.87 -34.42
N LYS B 611 3.65 -17.30 -35.58
CA LYS B 611 4.23 -17.78 -36.82
C LYS B 611 5.73 -17.54 -36.80
N GLU B 612 6.12 -16.29 -36.54
CA GLU B 612 7.53 -15.91 -36.55
C GLU B 612 8.34 -16.79 -35.60
N LYS B 613 7.75 -17.13 -34.47
CA LYS B 613 8.39 -18.00 -33.49
C LYS B 613 8.60 -19.39 -34.07
N ALA B 614 7.59 -19.91 -34.75
CA ALA B 614 7.66 -21.25 -35.34
C ALA B 614 8.60 -21.30 -36.53
N GLU B 615 8.70 -20.20 -37.27
CA GLU B 615 9.63 -20.10 -38.38
C GLU B 615 11.06 -20.25 -37.87
N LYS B 616 11.42 -19.42 -36.89
CA LYS B 616 12.76 -19.43 -36.32
C LYS B 616 13.11 -20.81 -35.79
N ARG B 617 12.20 -21.40 -35.02
CA ARG B 617 12.41 -22.74 -34.49
C ARG B 617 12.50 -23.79 -35.60
N LEU B 618 11.62 -23.68 -36.59
CA LEU B 618 11.65 -24.57 -37.75
C LEU B 618 13.04 -24.51 -38.38
N HIS B 619 13.55 -23.29 -38.53
CA HIS B 619 14.87 -23.05 -39.10
C HIS B 619 15.94 -23.82 -38.34
N ILE B 620 15.95 -23.67 -37.02
CA ILE B 620 16.94 -24.33 -36.18
C ILE B 620 16.81 -25.85 -36.28
N VAL B 621 15.59 -26.34 -36.17
CA VAL B 621 15.34 -27.77 -36.28
C VAL B 621 15.84 -28.32 -37.62
N GLU B 622 15.72 -27.52 -38.67
CA GLU B 622 16.19 -27.95 -39.98
C GLU B 622 17.70 -28.16 -39.95
N GLY B 623 18.42 -27.20 -39.37
CA GLY B 623 19.87 -27.31 -39.24
C GLY B 623 20.27 -28.52 -38.42
N LEU B 624 19.62 -28.71 -37.28
CA LEU B 624 19.90 -29.83 -36.39
C LEU B 624 19.80 -31.19 -37.09
N ILE B 625 18.76 -31.38 -37.88
CA ILE B 625 18.58 -32.63 -38.62
C ILE B 625 19.72 -32.89 -39.60
N ARG B 626 20.26 -31.82 -40.20
CA ARG B 626 21.45 -31.94 -41.03
C ARG B 626 22.65 -32.34 -40.19
N VAL B 627 22.80 -31.68 -39.03
CA VAL B 627 23.95 -31.90 -38.17
C VAL B 627 24.12 -33.36 -37.81
N ILE B 628 23.02 -34.03 -37.51
CA ILE B 628 23.06 -35.42 -37.09
C ILE B 628 23.77 -36.32 -38.10
N SER B 629 23.56 -36.08 -39.39
CA SER B 629 24.17 -36.92 -40.42
C SER B 629 25.66 -36.64 -40.55
N ILE B 630 26.10 -35.49 -40.03
CA ILE B 630 27.51 -35.13 -40.11
C ILE B 630 28.08 -34.80 -38.72
N LEU B 631 27.55 -35.46 -37.70
CA LEU B 631 27.91 -35.21 -36.30
C LEU B 631 29.42 -35.18 -36.08
N ASP B 632 30.09 -36.27 -36.43
CA ASP B 632 31.53 -36.40 -36.25
C ASP B 632 32.29 -35.30 -36.99
N GLU B 633 31.94 -35.10 -38.26
CA GLU B 633 32.57 -34.05 -39.06
C GLU B 633 32.44 -32.68 -38.40
N VAL B 634 31.27 -32.42 -37.83
CA VAL B 634 31.02 -31.13 -37.19
C VAL B 634 31.82 -30.98 -35.92
N ILE B 635 31.89 -32.05 -35.13
CA ILE B 635 32.72 -32.06 -33.93
C ILE B 635 34.17 -31.85 -34.33
N ALA B 636 34.62 -32.62 -35.32
CA ALA B 636 35.95 -32.46 -35.87
C ALA B 636 36.20 -31.03 -36.28
N LEU B 637 35.22 -30.44 -36.95
CA LEU B 637 35.34 -29.10 -37.50
C LEU B 637 35.40 -28.04 -36.40
N ILE B 638 34.69 -28.28 -35.31
CA ILE B 638 34.72 -27.35 -34.19
C ILE B 638 36.04 -27.48 -33.43
N ARG B 639 36.49 -28.71 -33.22
CA ARG B 639 37.78 -28.96 -32.60
C ARG B 639 38.88 -28.21 -33.34
N ALA B 640 38.80 -28.21 -34.66
CA ALA B 640 39.81 -27.58 -35.50
C ALA B 640 39.73 -26.06 -35.45
N SER B 641 38.56 -25.53 -35.09
CA SER B 641 38.37 -24.09 -35.00
C SER B 641 39.16 -23.49 -33.84
N GLU B 642 39.47 -22.19 -33.93
CA GLU B 642 40.27 -21.51 -32.91
C GLU B 642 39.39 -21.03 -31.76
N ASN B 643 38.26 -20.41 -32.10
CA ASN B 643 37.32 -19.92 -31.09
C ASN B 643 35.88 -20.08 -31.55
N LYS B 644 34.94 -19.49 -30.80
CA LYS B 644 33.52 -19.59 -31.15
C LYS B 644 33.23 -18.99 -32.53
N ALA B 645 33.59 -17.72 -32.72
CA ALA B 645 33.35 -17.05 -33.98
C ALA B 645 33.89 -17.86 -35.15
N ASP B 646 35.15 -18.29 -35.04
CA ASP B 646 35.80 -19.05 -36.10
C ASP B 646 35.02 -20.33 -36.40
N ALA B 647 34.51 -20.97 -35.36
CA ALA B 647 33.72 -22.19 -35.54
C ALA B 647 32.50 -21.94 -36.42
N LYS B 648 31.83 -20.81 -36.19
CA LYS B 648 30.64 -20.47 -36.96
C LYS B 648 30.96 -20.23 -38.43
N GLU B 649 32.01 -19.46 -38.70
CA GLU B 649 32.41 -19.21 -40.07
C GLU B 649 32.70 -20.54 -40.76
N ASN B 650 33.41 -21.44 -40.08
CA ASN B 650 33.68 -22.75 -40.65
C ASN B 650 32.38 -23.53 -40.91
N LEU B 651 31.46 -23.50 -39.96
CA LEU B 651 30.19 -24.17 -40.12
C LEU B 651 29.42 -23.61 -41.32
N LYS B 652 29.56 -22.32 -41.55
CA LYS B 652 28.90 -21.68 -42.68
C LYS B 652 29.58 -22.08 -43.98
N VAL B 653 30.85 -21.73 -44.09
CA VAL B 653 31.62 -21.97 -45.31
C VAL B 653 31.63 -23.44 -45.75
N SER B 654 31.76 -24.34 -44.78
CA SER B 654 31.97 -25.75 -45.08
C SER B 654 30.68 -26.54 -45.31
N TYR B 655 29.60 -26.14 -44.65
CA TYR B 655 28.36 -26.91 -44.73
C TYR B 655 27.13 -26.06 -45.04
N ASP B 656 27.35 -24.80 -45.35
CA ASP B 656 26.28 -23.88 -45.75
C ASP B 656 25.18 -23.71 -44.71
N PHE B 657 25.53 -23.80 -43.43
CA PHE B 657 24.58 -23.45 -42.37
C PHE B 657 24.41 -21.94 -42.35
N THR B 658 23.29 -21.48 -41.78
CA THR B 658 23.06 -20.05 -41.64
C THR B 658 23.61 -19.57 -40.30
N GLU B 659 23.85 -18.27 -40.20
CA GLU B 659 24.26 -17.67 -38.94
C GLU B 659 23.45 -18.19 -37.76
N GLU B 660 22.13 -18.10 -37.86
CA GLU B 660 21.25 -18.52 -36.78
C GLU B 660 21.37 -20.02 -36.49
N GLN B 661 21.65 -20.80 -37.53
CA GLN B 661 21.80 -22.24 -37.37
C GLN B 661 23.14 -22.57 -36.73
N ALA B 662 24.20 -21.90 -37.19
CA ALA B 662 25.53 -22.10 -36.63
C ALA B 662 25.53 -21.73 -35.16
N GLU B 663 24.95 -20.57 -34.85
CA GLU B 663 24.87 -20.11 -33.47
C GLU B 663 24.23 -21.14 -32.56
N ALA B 664 23.21 -21.84 -33.06
CA ALA B 664 22.50 -22.83 -32.26
C ALA B 664 23.33 -24.09 -32.05
N ILE B 665 23.98 -24.54 -33.12
CA ILE B 665 24.82 -25.73 -33.07
C ILE B 665 25.98 -25.50 -32.11
N VAL B 666 26.72 -24.42 -32.34
CA VAL B 666 27.92 -24.11 -31.57
C VAL B 666 27.65 -23.93 -30.07
N THR B 667 26.42 -23.61 -29.70
CA THR B 667 26.11 -23.40 -28.29
C THR B 667 25.34 -24.56 -27.64
N LEU B 668 25.26 -25.68 -28.34
CA LEU B 668 24.71 -26.90 -27.75
C LEU B 668 25.62 -27.42 -26.63
N GLN B 669 25.03 -27.93 -25.56
CA GLN B 669 25.81 -28.53 -24.48
C GLN B 669 26.27 -29.94 -24.88
N LEU B 670 27.48 -30.31 -24.47
CA LEU B 670 28.06 -31.58 -24.92
C LEU B 670 27.11 -32.77 -24.88
N TYR B 671 26.37 -32.90 -23.78
CA TYR B 671 25.52 -34.08 -23.60
C TYR B 671 24.50 -34.28 -24.74
N ARG B 672 24.18 -33.21 -25.46
CA ARG B 672 23.26 -33.32 -26.60
C ARG B 672 23.74 -34.34 -27.62
N LEU B 673 25.05 -34.59 -27.63
CA LEU B 673 25.63 -35.57 -28.54
C LEU B 673 25.23 -36.99 -28.17
N THR B 674 24.45 -37.14 -27.11
CA THR B 674 23.91 -38.45 -26.74
C THR B 674 22.50 -38.63 -27.28
N ASN B 675 21.81 -37.51 -27.53
CA ASN B 675 20.46 -37.56 -28.08
C ASN B 675 20.46 -37.42 -29.59
N THR B 676 21.10 -38.36 -30.26
CA THR B 676 21.17 -38.35 -31.71
C THR B 676 19.95 -39.07 -32.30
N ASP B 677 18.78 -38.43 -32.20
CA ASP B 677 17.51 -39.04 -32.61
C ASP B 677 16.80 -38.15 -33.63
N VAL B 678 16.91 -38.52 -34.90
CA VAL B 678 16.40 -37.69 -35.98
C VAL B 678 14.89 -37.77 -36.19
N VAL B 679 14.31 -38.94 -35.98
CA VAL B 679 12.86 -39.10 -36.16
C VAL B 679 12.05 -38.20 -35.23
N VAL B 680 12.53 -38.00 -34.01
CA VAL B 680 11.85 -37.11 -33.08
C VAL B 680 11.88 -35.68 -33.63
N LEU B 681 13.05 -35.27 -34.12
CA LEU B 681 13.22 -33.95 -34.73
C LEU B 681 12.34 -33.79 -35.97
N GLN B 682 12.28 -34.83 -36.79
CA GLN B 682 11.43 -34.79 -37.98
C GLN B 682 9.95 -34.66 -37.65
N GLU B 683 9.55 -35.19 -36.50
CA GLU B 683 8.19 -35.02 -36.02
C GLU B 683 7.93 -33.56 -35.67
N GLU B 684 8.89 -32.94 -34.98
CA GLU B 684 8.77 -31.52 -34.64
C GLU B 684 8.77 -30.64 -35.90
N GLU B 685 9.65 -30.98 -36.84
CA GLU B 685 9.68 -30.29 -38.13
C GLU B 685 8.30 -30.32 -38.77
N ALA B 686 7.69 -31.50 -38.82
CA ALA B 686 6.37 -31.67 -39.41
C ALA B 686 5.31 -30.90 -38.63
N GLU B 687 5.28 -31.10 -37.32
CA GLU B 687 4.32 -30.40 -36.47
C GLU B 687 4.44 -28.89 -36.70
N LEU B 688 5.66 -28.42 -36.91
CA LEU B 688 5.92 -26.98 -37.07
C LEU B 688 5.45 -26.45 -38.42
N ARG B 689 5.70 -27.21 -39.48
CA ARG B 689 5.25 -26.82 -40.81
C ARG B 689 3.74 -26.66 -40.83
N GLU B 690 3.05 -27.60 -40.20
CA GLU B 690 1.59 -27.55 -40.11
C GLU B 690 1.14 -26.29 -39.37
N LYS B 691 1.72 -26.07 -38.19
CA LYS B 691 1.38 -24.89 -37.40
C LYS B 691 1.56 -23.61 -38.22
N ILE B 692 2.63 -23.57 -38.99
CA ILE B 692 2.91 -22.39 -39.80
C ILE B 692 1.89 -22.23 -40.92
N ALA B 693 1.51 -23.35 -41.51
CA ALA B 693 0.49 -23.37 -42.55
C ALA B 693 -0.81 -22.76 -42.04
N MET B 694 -1.27 -23.24 -40.87
CA MET B 694 -2.53 -22.78 -40.31
C MET B 694 -2.50 -21.31 -39.90
N LEU B 695 -1.34 -20.85 -39.44
CA LEU B 695 -1.20 -19.45 -39.05
C LEU B 695 -1.14 -18.54 -40.27
N ALA B 696 -0.52 -19.02 -41.34
CA ALA B 696 -0.48 -18.25 -42.58
C ALA B 696 -1.91 -18.09 -43.10
N ALA B 697 -2.65 -19.20 -43.09
CA ALA B 697 -4.05 -19.20 -43.51
C ALA B 697 -4.87 -18.16 -42.77
N ILE B 698 -4.63 -18.05 -41.46
CA ILE B 698 -5.34 -17.06 -40.65
C ILE B 698 -4.94 -15.66 -41.09
N ILE B 699 -3.66 -15.46 -41.33
CA ILE B 699 -3.12 -14.16 -41.65
C ILE B 699 -3.55 -13.69 -43.04
N GLY B 700 -3.61 -14.62 -43.98
CA GLY B 700 -3.85 -14.28 -45.37
C GLY B 700 -5.28 -14.47 -45.89
N ASP B 701 -6.22 -14.77 -44.99
CA ASP B 701 -7.62 -14.96 -45.39
C ASP B 701 -8.61 -14.52 -44.33
N GLU B 702 -9.34 -13.45 -44.62
CA GLU B 702 -10.27 -12.85 -43.66
C GLU B 702 -11.33 -13.81 -43.12
N ARG B 703 -11.83 -14.71 -43.98
CA ARG B 703 -12.88 -15.64 -43.57
C ARG B 703 -12.34 -16.66 -42.56
N THR B 704 -11.16 -17.20 -42.85
CA THR B 704 -10.48 -18.12 -41.93
C THR B 704 -10.23 -17.49 -40.56
N MET B 705 -9.84 -16.22 -40.57
CA MET B 705 -9.66 -15.46 -39.33
C MET B 705 -10.97 -15.27 -38.57
N TYR B 706 -12.03 -14.93 -39.27
CA TYR B 706 -13.33 -14.72 -38.63
C TYR B 706 -13.88 -16.01 -38.03
N ASN B 707 -13.58 -17.13 -38.65
CA ASN B 707 -13.98 -18.42 -38.09
C ASN B 707 -13.28 -18.69 -36.78
N LEU B 708 -12.01 -18.29 -36.71
CA LEU B 708 -11.26 -18.41 -35.47
C LEU B 708 -11.94 -17.64 -34.34
N MET B 709 -12.29 -16.38 -34.61
CA MET B 709 -13.03 -15.56 -33.65
C MET B 709 -14.27 -16.29 -33.15
N LYS B 710 -15.02 -16.87 -34.09
CA LYS B 710 -16.24 -17.57 -33.72
C LYS B 710 -15.91 -18.80 -32.89
N LYS B 711 -14.98 -19.62 -33.36
CA LYS B 711 -14.56 -20.80 -32.63
C LYS B 711 -14.18 -20.44 -31.20
N GLU B 712 -13.41 -19.38 -31.05
CA GLU B 712 -12.92 -18.96 -29.74
C GLU B 712 -14.03 -18.38 -28.88
N LEU B 713 -14.86 -17.52 -29.46
CA LEU B 713 -15.98 -16.92 -28.74
C LEU B 713 -16.90 -17.98 -28.17
N ARG B 714 -17.14 -19.05 -28.94
CA ARG B 714 -17.98 -20.15 -28.48
C ARG B 714 -17.34 -20.87 -27.29
N GLU B 715 -16.03 -21.07 -27.34
CA GLU B 715 -15.32 -21.69 -26.23
C GLU B 715 -15.50 -20.90 -24.93
N VAL B 716 -15.32 -19.59 -25.01
CA VAL B 716 -15.57 -18.73 -23.85
C VAL B 716 -17.00 -18.90 -23.37
N LYS B 717 -17.93 -18.92 -24.32
CA LYS B 717 -19.35 -19.12 -24.02
C LYS B 717 -19.59 -20.42 -23.27
N LYS B 718 -19.03 -21.51 -23.78
CA LYS B 718 -19.25 -22.82 -23.16
C LYS B 718 -18.70 -22.85 -21.74
N LYS B 719 -17.54 -22.22 -21.56
CA LYS B 719 -16.86 -22.28 -20.27
C LYS B 719 -17.40 -21.32 -19.22
N PHE B 720 -18.00 -20.21 -19.65
CA PHE B 720 -18.43 -19.18 -18.70
C PHE B 720 -19.92 -18.90 -18.72
N ALA B 721 -20.63 -19.55 -19.64
CA ALA B 721 -22.06 -19.35 -19.78
C ALA B 721 -22.80 -19.57 -18.46
N THR B 722 -23.79 -18.73 -18.20
CA THR B 722 -24.68 -18.91 -17.07
C THR B 722 -26.08 -18.36 -17.35
N PRO B 723 -27.10 -18.95 -16.72
CA PRO B 723 -28.51 -18.61 -16.88
C PRO B 723 -28.83 -17.13 -16.66
N ARG B 724 -29.91 -16.66 -17.27
CA ARG B 724 -30.40 -15.32 -17.03
C ARG B 724 -30.76 -15.16 -15.56
N LEU B 725 -30.67 -13.93 -15.07
CA LEU B 725 -31.07 -13.63 -13.70
C LEU B 725 -32.28 -12.72 -13.74
N SER B 726 -32.25 -11.74 -14.65
CA SER B 726 -33.37 -10.84 -14.85
C SER B 726 -34.32 -11.36 -15.92
N SER B 727 -35.60 -11.45 -15.58
CA SER B 727 -36.62 -11.80 -16.57
C SER B 727 -37.05 -10.55 -17.33
N LEU B 728 -37.56 -10.73 -18.54
CA LEU B 728 -37.97 -9.60 -19.37
C LEU B 728 -39.48 -9.57 -19.62
N GLU B 729 -40.03 -8.37 -19.73
CA GLU B 729 -41.45 -8.17 -20.00
C GLU B 729 -41.63 -6.93 -20.88
N ASP B 730 -42.69 -6.91 -21.68
CA ASP B 730 -42.98 -5.76 -22.53
C ASP B 730 -44.26 -5.04 -22.11
MG MG G . -2.14 5.73 13.54
MG MG H . -5.17 -8.66 14.73
MG MG I . -12.17 8.41 -0.37
MG MG J . -2.57 16.06 -7.77
C01 TR6 K . -9.19 2.62 14.26
C02 TR6 K . -10.25 1.75 14.44
C03 TR6 K . -10.03 0.51 15.02
F04 TR6 K . -11.04 -0.30 15.19
C05 TR6 K . -8.76 0.14 15.42
C06 TR6 K . -7.71 1.02 15.24
F07 TR6 K . -6.46 0.66 15.63
C08 TR6 K . -7.91 2.26 14.66
N09 TR6 K . -6.91 3.14 14.45
C10 TR6 K . -7.04 4.35 15.04
N11 TR6 K . -8.13 4.60 15.78
C12 TR6 K . -8.34 5.78 16.38
N13 TR6 K . -9.57 5.86 17.17
C14 TR6 K . -10.22 4.65 17.58
C15 TR6 K . -11.49 5.14 18.18
C16 TR6 K . -11.39 5.75 19.53
N17 TR6 K . -12.62 5.72 20.38
C18 TR6 K . -11.41 6.63 18.32
C19 TR6 K . -10.10 7.08 17.73
C20 TR6 K . -7.39 6.78 16.26
C21 TR6 K . -6.25 6.54 15.49
C22 TR6 K . -6.07 5.31 14.88
C23 TR6 K . -4.94 5.04 14.10
C24 TR6 K . -4.83 3.78 13.50
C25 TR6 K . -5.85 2.84 13.70
C26 TR6 K . -3.68 3.37 12.63
O27 TR6 K . -2.73 4.16 12.42
O28 TR6 K . -3.65 2.22 12.13
O29 TR6 K . -4.10 5.92 13.97
F30 TR6 K . -7.56 7.96 16.84
H011 TR6 K . -9.34 3.50 13.85
H021 TR6 K . -11.16 2.01 14.17
H051 TR6 K . -8.61 -0.72 15.82
H141 TR6 K . -9.68 4.20 18.28
H142 TR6 K . -10.37 4.06 16.83
H151 TR6 K . -12.37 4.85 17.83
H161 TR6 K . -10.53 5.64 19.96
H171 TR6 K . -12.47 5.19 21.11
H172 TR6 K . -13.32 5.38 19.89
H181 TR6 K . -12.25 7.15 18.18
H191 TR6 K . -9.52 7.40 18.46
H192 TR6 K . -10.23 7.79 17.04
H211 TR6 K . -5.57 7.25 15.39
H251 TR6 K . -5.77 1.95 13.28
C01 TR6 L . -8.50 14.82 1.91
C02 TR6 L . -7.74 15.98 1.94
C03 TR6 L . -7.44 16.64 0.76
F04 TR6 L . -6.72 17.72 0.80
C05 TR6 L . -7.88 16.14 -0.45
C06 TR6 L . -8.65 14.98 -0.47
F07 TR6 L . -9.10 14.49 -1.66
C08 TR6 L . -8.95 14.32 0.71
N09 TR6 L . -9.69 13.19 0.71
C10 TR6 L . -10.89 13.29 1.29
N11 TR6 L . -11.29 14.46 1.84
C12 TR6 L . -12.49 14.60 2.45
N13 TR6 L . -12.79 15.92 2.97
C14 TR6 L . -11.86 17.01 2.89
C15 TR6 L . -12.43 18.03 3.84
C16 TR6 L . -13.64 18.79 3.38
N17 TR6 L . -13.96 20.09 4.04
C18 TR6 L . -13.81 17.57 4.22
C19 TR6 L . -14.08 16.27 3.55
C20 TR6 L . -13.35 13.52 2.50
C21 TR6 L . -12.96 12.30 1.95
C22 TR6 L . -11.72 12.18 1.34
C23 TR6 L . -11.31 10.97 0.78
C24 TR6 L . -10.05 10.91 0.17
C25 TR6 L . -9.25 12.05 0.15
C26 TR6 L . -9.50 9.67 -0.47
O27 TR6 L . -8.36 9.68 -1.00
O28 TR6 L . -10.17 8.62 -0.48
O29 TR6 L . -12.08 10.02 0.84
F30 TR6 L . -14.54 13.62 3.10
H011 TR6 L . -8.71 14.36 2.74
H021 TR6 L . -7.41 16.33 2.80
H051 TR6 L . -7.68 16.59 -1.27
H141 TR6 L . -11.84 17.38 1.97
H142 TR6 L . -10.97 16.74 3.18
H151 TR6 L . -11.92 18.36 4.62
H161 TR6 L . -13.85 18.69 2.44
H171 TR6 L . -13.89 20.77 3.43
H172 TR6 L . -13.38 20.23 4.74
H181 TR6 L . -14.10 17.75 5.16
H191 TR6 L . -14.74 16.40 2.84
H192 TR6 L . -14.38 15.57 4.19
H211 TR6 L . -13.57 11.53 2.00
H251 TR6 L . -8.36 12.02 -0.27
#